data_6ZPN
#
_entry.id   6ZPN
#
_cell.length_a   183.306
_cell.length_b   183.306
_cell.length_c   271.393
_cell.angle_alpha   90.000
_cell.angle_beta   90.000
_cell.angle_gamma   90.000
#
_symmetry.space_group_name_H-M   'P 41 21 2'
#
_entity_poly.entity_id   1
_entity_poly.type   'polypeptide(L)'
_entity_poly.pdbx_seq_one_letter_code
;MTAITLHGPHQGPPQQPGQFQINHGQPGGSHNMNAQYAHHHPHHPVHLTRPSAGLISVASSPARNPGAFMRQTTLAISHL
QAQYAEASGIQQDGYTGMRSMPPSAAYAAPTRPAQPITNGISEAVPPVQIHRRPSSAPSDQQESVNPASQINCGQDEDQE
QSGPSGAVGKLAKPPLLRSKSERGLRHEQDESLDDEQYAYGARHGFEEAYQSEDIISQLANNWYMYFTDKRHETTGKPKS
PTFEIQDWRMRDRLKTVSAAIAVCLNIGVEPPDQLRTNPGAKLEAWQDPTIPPVSKALENIGKALQSQYETLAIRTRCKQ
YLDPSIEETKKFCISLRRNAKDERVLFHYNGHGVPKPTASGEIWVFNKNYTQYIPVSLYDLQQWLQAPTIFVWDCSEAGN
ILKNYHKFVERHEKEEEEQAAKDPSYEKVNFRPYIHLAACASKENLPTNPMLPADLFTCCLTTPIEMALWFFVLQNPLKT
KLTPERARKLGGRLQERRTPLGELNWIFTAITDTIAWTTLPRDLFRKFFRQDLMVAALFRNFLLAQRIMPVYGCHPQSYP
ELPDTRRHPLWEAWDHAVDMALAQLPMLERKERENIPYDYVPSTFFTEQLTAFEIYLTRGDAAAQKPPEQLPVVLQVLLS
QQHRLRALILLGRFLDLGPWAVQLALSIGIFPYVLKLLQSAAQELKPVMVFIWTRILAVDISCQQDLIKDNGYTYFSSIM
RPNETIPVVGLSVIDEHKAMCAFILSMLCKGFKTGQVVCNSTEIMTSCLYHTEHPDNPLLRQWSCLCISQLWKDFNEAKW
RGIRENALQKLAALARDSCPEVRAAMIHAMTTFLGIPEVTDEVARLEEGIAWALLEMATDGSPIVRKELLVFWSVFVLRY
ENKFLVAAYEQLLEEKEYMLYPPPEDGLEHKMGLHYARPENREKDGTIKPSAYGVAHDSLYAAIWKHLCIMSVDPHPEVQ
RDATTIVDYIHHALLHSPVGTQAQTLMDEILRRASKVSRGDNSQRSSAAGTRAAPAQPMPSAGLLKRTASYLFGPLLGVT
SDGSSTSSVSSTPTSAPGMNRSSSQRSRKGLNAANVLPEKPDQVAPPAAYHVAPEPLSPGYQERKPKEMPTLPLVSTFLE
WSTEYFREPQMKPPEAEEPGSHEYNQRLWRRSRNEAVLRETQPQKLYARTHRWNNQIGLINNGTQPSKMTFHQFENCVAV
ADDGNTITVWDWKTNARLSRFSNGNPEGTKISDLCFINEDDQALLMTGSSDGVIRIYNNYDSDERVELASAWRALTHMVP
SNVNSGMVFEWLQVNGRVLVAGDERVIRIWSAGQEICTHEIPARSGSCVTSLTSDQMTGNIFVAGFGDGAIRVFDSRLRP
HEAMVRKWKDDARQWVRSVHMQRGGQRELLSASRNGKISLWDIRMDQPLKTFQSTKEILRTASTHEHLPVFAVGTSAHMV
KVFDFDGNELTRLEPYSNFLQGSKASPIATTAFHPHRMILGCASRGDNYISLYSCSNERVPNLV
;
_entity_poly.pdbx_strand_id   A,B
#
# COMPACT_ATOMS: atom_id res chain seq x y z
N ILE A 216 36.03 -14.98 -39.68
CA ILE A 216 35.72 -13.63 -40.13
C ILE A 216 34.21 -13.45 -40.32
N SER A 217 33.45 -14.54 -40.23
CA SER A 217 32.01 -14.37 -40.17
C SER A 217 31.61 -13.82 -38.82
N GLN A 218 32.19 -14.37 -37.76
CA GLN A 218 32.00 -13.80 -36.42
C GLN A 218 32.54 -12.38 -36.36
N LEU A 219 33.73 -12.16 -36.92
CA LEU A 219 34.37 -10.85 -36.87
C LEU A 219 33.57 -9.79 -37.60
N ALA A 220 32.90 -10.16 -38.68
CA ALA A 220 32.05 -9.24 -39.41
C ALA A 220 30.65 -9.11 -38.82
N ASN A 221 30.36 -9.84 -37.74
CA ASN A 221 29.06 -9.80 -37.08
C ASN A 221 29.08 -9.15 -35.70
N ASN A 222 30.16 -9.28 -34.94
CA ASN A 222 30.19 -8.93 -33.53
C ASN A 222 30.69 -7.52 -33.25
N TRP A 223 30.93 -6.70 -34.27
CA TRP A 223 31.69 -5.46 -34.13
C TRP A 223 30.74 -4.32 -33.79
N TYR A 224 30.37 -4.24 -32.51
CA TYR A 224 29.46 -3.23 -31.98
C TYR A 224 30.23 -2.06 -31.36
N MET A 225 29.47 -1.10 -30.84
CA MET A 225 29.95 -0.01 -29.99
C MET A 225 29.37 -0.17 -28.59
N TYR A 226 30.16 0.19 -27.56
CA TYR A 226 29.96 -0.40 -26.24
C TYR A 226 29.61 0.50 -25.06
N PHE A 227 29.46 1.81 -25.21
CA PHE A 227 29.02 2.62 -24.06
C PHE A 227 28.07 3.73 -24.49
N THR A 228 27.11 3.42 -25.35
CA THR A 228 26.16 4.43 -25.82
C THR A 228 24.71 3.92 -25.83
N ASP A 229 24.26 3.37 -24.70
CA ASP A 229 22.89 2.89 -24.55
C ASP A 229 22.11 3.85 -23.65
N LYS A 230 20.78 3.69 -23.62
CA LYS A 230 19.99 4.58 -22.76
C LYS A 230 20.48 4.52 -21.32
N ARG A 231 20.93 3.35 -20.88
CA ARG A 231 21.41 3.23 -19.50
C ARG A 231 22.72 3.95 -19.27
N HIS A 232 23.38 4.45 -20.33
CA HIS A 232 24.60 5.23 -20.18
C HIS A 232 24.44 6.71 -20.48
N GLU A 233 23.50 7.10 -21.33
CA GLU A 233 23.21 8.51 -21.53
C GLU A 233 22.18 9.07 -20.57
N THR A 234 21.52 8.21 -19.82
CA THR A 234 20.86 8.56 -18.58
C THR A 234 21.09 7.43 -17.61
N THR A 235 20.63 7.60 -16.40
CA THR A 235 20.45 6.49 -15.49
C THR A 235 19.05 6.46 -14.85
N GLY A 236 18.35 7.60 -14.84
CA GLY A 236 17.05 7.69 -14.19
C GLY A 236 16.10 8.49 -15.04
N LYS A 237 14.81 8.25 -14.81
CA LYS A 237 13.77 8.80 -15.65
C LYS A 237 13.80 10.33 -15.70
N PRO A 238 13.59 10.93 -16.87
CA PRO A 238 13.57 12.38 -17.04
C PRO A 238 12.16 12.94 -17.00
N LYS A 239 12.02 14.07 -16.31
CA LYS A 239 10.73 14.75 -16.21
C LYS A 239 9.63 13.78 -15.78
N GLU A 244 1.33 12.35 -16.72
CA GLU A 244 1.71 13.47 -17.57
C GLU A 244 0.78 13.58 -18.79
N ILE A 245 -0.44 13.06 -18.62
CA ILE A 245 -1.43 13.03 -19.68
C ILE A 245 -2.47 14.12 -19.42
N GLN A 246 -3.13 14.56 -20.47
CA GLN A 246 -4.26 15.45 -20.35
C GLN A 246 -5.56 14.67 -20.31
N ASP A 247 -6.57 15.22 -19.63
CA ASP A 247 -7.81 14.50 -19.43
C ASP A 247 -8.44 14.11 -20.76
N TRP A 248 -8.99 12.90 -20.82
CA TRP A 248 -9.64 12.43 -22.04
C TRP A 248 -10.97 11.72 -21.84
N ARG A 249 -11.29 11.19 -20.66
CA ARG A 249 -12.50 10.41 -20.52
C ARG A 249 -13.73 11.31 -20.42
N MET A 250 -14.91 10.69 -20.41
CA MET A 250 -16.19 11.40 -20.45
C MET A 250 -16.84 11.36 -19.06
N ARG A 251 -16.73 12.47 -18.33
CA ARG A 251 -17.29 12.55 -16.98
C ARG A 251 -18.75 12.97 -16.99
N ASP A 252 -19.08 14.03 -17.73
CA ASP A 252 -20.44 14.57 -17.72
C ASP A 252 -21.36 13.65 -18.50
N ARG A 253 -21.59 12.45 -17.96
CA ARG A 253 -22.40 11.43 -18.64
C ARG A 253 -23.84 11.60 -18.18
N LEU A 254 -24.66 12.29 -18.98
CA LEU A 254 -26.08 12.48 -18.70
C LEU A 254 -26.91 12.11 -19.93
N LYS A 255 -27.89 11.25 -19.72
CA LYS A 255 -28.71 10.71 -20.80
C LYS A 255 -29.89 11.64 -21.12
N THR A 256 -30.43 11.49 -22.33
CA THR A 256 -31.74 12.03 -22.67
C THR A 256 -32.78 10.94 -22.38
N VAL A 257 -33.60 11.15 -21.37
CA VAL A 257 -34.46 10.08 -20.87
C VAL A 257 -35.75 9.99 -21.64
N SER A 258 -36.41 11.12 -21.87
CA SER A 258 -37.76 11.10 -22.41
C SER A 258 -37.91 12.20 -23.45
N ALA A 259 -38.88 12.00 -24.34
CA ALA A 259 -39.10 12.86 -25.48
C ALA A 259 -40.58 13.12 -25.65
N ALA A 260 -40.93 14.38 -25.92
CA ALA A 260 -42.29 14.79 -26.27
C ALA A 260 -42.33 15.21 -27.73
N ILE A 261 -43.22 14.60 -28.50
CA ILE A 261 -43.33 14.83 -29.94
C ILE A 261 -44.68 15.50 -30.17
N ALA A 262 -44.69 16.82 -30.25
CA ALA A 262 -45.92 17.61 -30.38
C ALA A 262 -46.14 17.90 -31.86
N VAL A 263 -47.13 17.25 -32.47
CA VAL A 263 -47.48 17.56 -33.86
C VAL A 263 -48.79 18.34 -33.87
N CYS A 264 -48.89 19.25 -34.83
CA CYS A 264 -50.05 20.14 -34.97
C CYS A 264 -50.32 20.29 -36.46
N LEU A 265 -51.46 19.77 -36.92
CA LEU A 265 -51.77 19.84 -38.35
C LEU A 265 -53.23 19.51 -38.58
N ASN A 266 -53.73 19.92 -39.74
CA ASN A 266 -55.11 19.66 -40.15
C ASN A 266 -55.33 20.17 -41.56
N LYS A 282 -47.46 18.20 -50.51
CA LYS A 282 -46.54 18.00 -49.40
C LYS A 282 -47.04 16.86 -48.52
N LEU A 283 -46.12 16.05 -47.98
CA LEU A 283 -46.47 14.91 -47.13
C LEU A 283 -45.66 14.96 -45.83
N GLU A 284 -46.11 14.16 -44.88
CA GLU A 284 -45.61 14.20 -43.50
C GLU A 284 -45.19 12.81 -43.07
N ALA A 285 -43.98 12.71 -42.49
CA ALA A 285 -43.55 11.50 -41.78
C ALA A 285 -43.69 10.25 -42.65
N TRP A 286 -43.42 10.38 -43.95
CA TRP A 286 -43.53 9.27 -44.89
C TRP A 286 -44.95 8.71 -44.92
N GLN A 287 -45.90 9.55 -44.56
CA GLN A 287 -47.31 9.20 -44.57
C GLN A 287 -48.03 10.23 -45.43
N ASP A 288 -48.99 9.76 -46.20
CA ASP A 288 -49.86 10.66 -46.93
C ASP A 288 -51.00 11.05 -46.00
N PRO A 289 -51.11 12.32 -45.59
CA PRO A 289 -52.31 12.76 -44.88
C PRO A 289 -53.37 12.95 -45.95
N THR A 290 -54.56 13.39 -45.54
CA THR A 290 -55.66 13.57 -46.49
C THR A 290 -56.23 12.26 -47.00
N ILE A 291 -56.04 11.17 -46.27
CA ILE A 291 -56.58 9.86 -46.66
C ILE A 291 -57.97 9.84 -46.03
N PRO A 292 -58.96 9.16 -46.60
CA PRO A 292 -60.34 9.32 -46.14
C PRO A 292 -60.53 8.98 -44.66
N PRO A 293 -59.71 8.09 -44.06
CA PRO A 293 -59.66 8.12 -42.59
C PRO A 293 -58.63 9.15 -42.09
N VAL A 294 -59.05 10.42 -42.07
CA VAL A 294 -58.10 11.50 -41.79
C VAL A 294 -57.51 11.37 -40.38
N SER A 295 -58.34 11.01 -39.41
CA SER A 295 -57.82 10.83 -38.05
C SER A 295 -56.88 9.63 -37.99
N LYS A 296 -57.11 8.60 -38.79
CA LYS A 296 -56.18 7.48 -38.85
C LYS A 296 -54.83 7.93 -39.40
N ALA A 297 -54.83 8.78 -40.42
CA ALA A 297 -53.57 9.29 -40.96
C ALA A 297 -52.87 10.18 -39.93
N LEU A 298 -53.63 10.93 -39.15
CA LEU A 298 -53.03 11.77 -38.11
C LEU A 298 -52.53 10.92 -36.94
N GLU A 299 -53.07 9.71 -36.77
CA GLU A 299 -52.52 8.75 -35.81
C GLU A 299 -51.23 8.12 -36.33
N ASN A 300 -51.19 7.82 -37.63
CA ASN A 300 -50.01 7.20 -38.21
C ASN A 300 -48.85 8.19 -38.27
N ILE A 301 -49.14 9.47 -38.53
CA ILE A 301 -48.09 10.48 -38.48
C ILE A 301 -47.49 10.55 -37.09
N GLY A 302 -48.29 10.29 -36.05
CA GLY A 302 -47.74 10.24 -34.72
C GLY A 302 -46.86 9.02 -34.50
N LYS A 303 -47.37 7.83 -34.83
CA LYS A 303 -46.62 6.62 -34.56
C LYS A 303 -45.33 6.57 -35.36
N ALA A 304 -45.36 7.08 -36.59
CA ALA A 304 -44.15 7.11 -37.41
C ALA A 304 -43.07 7.94 -36.74
N LEU A 305 -43.41 9.15 -36.28
CA LEU A 305 -42.43 9.98 -35.62
C LEU A 305 -41.93 9.32 -34.34
N GLN A 306 -42.83 8.65 -33.62
CA GLN A 306 -42.42 7.94 -32.41
C GLN A 306 -41.33 6.91 -32.71
N SER A 307 -41.57 6.06 -33.70
CA SER A 307 -40.58 5.04 -34.04
C SER A 307 -39.30 5.66 -34.60
N GLN A 308 -39.44 6.71 -35.41
CA GLN A 308 -38.26 7.36 -35.98
C GLN A 308 -37.34 7.88 -34.90
N TYR A 309 -37.89 8.56 -33.89
CA TYR A 309 -37.04 9.02 -32.80
C TYR A 309 -36.50 7.86 -31.98
N GLU A 310 -37.32 6.82 -31.76
CA GLU A 310 -36.85 5.70 -30.95
C GLU A 310 -35.64 5.02 -31.57
N THR A 311 -35.54 5.05 -32.90
CA THR A 311 -34.42 4.38 -33.57
C THR A 311 -33.10 5.15 -33.47
N LEU A 312 -33.15 6.46 -33.21
CA LEU A 312 -31.92 7.23 -33.06
C LEU A 312 -31.17 6.88 -31.77
N ALA A 313 -31.88 6.88 -30.65
CA ALA A 313 -31.28 6.75 -29.32
C ALA A 313 -32.13 5.86 -28.42
N ILE A 314 -32.24 4.58 -28.76
CA ILE A 314 -33.19 3.67 -28.14
C ILE A 314 -33.37 3.78 -26.63
N ARG A 315 -32.49 4.51 -25.94
CA ARG A 315 -32.72 4.75 -24.51
C ARG A 315 -33.92 5.68 -24.29
N THR A 316 -34.08 6.70 -25.11
CA THR A 316 -35.14 7.68 -24.91
C THR A 316 -36.50 7.04 -25.14
N ARG A 317 -37.40 7.20 -24.17
CA ARG A 317 -38.80 6.84 -24.35
C ARG A 317 -39.55 8.06 -24.86
N CYS A 318 -40.35 7.87 -25.91
CA CYS A 318 -40.95 8.98 -26.64
C CYS A 318 -42.47 8.86 -26.66
N LYS A 319 -43.15 9.95 -26.31
CA LYS A 319 -44.60 10.05 -26.41
C LYS A 319 -44.96 11.07 -27.48
N GLN A 320 -46.00 10.78 -28.25
CA GLN A 320 -46.50 11.69 -29.28
C GLN A 320 -47.80 12.32 -28.78
N TYR A 321 -48.01 13.58 -29.16
CA TYR A 321 -49.18 14.35 -28.76
C TYR A 321 -49.73 15.05 -29.99
N LEU A 322 -50.98 14.72 -30.31
CA LEU A 322 -51.59 15.01 -31.61
C LEU A 322 -52.56 16.17 -31.45
N ASP A 323 -52.29 17.27 -32.12
CA ASP A 323 -53.10 18.49 -32.03
C ASP A 323 -53.37 18.81 -30.56
N PRO A 324 -52.32 19.08 -29.78
CA PRO A 324 -52.51 19.25 -28.33
C PRO A 324 -53.13 20.59 -27.97
N SER A 325 -53.89 20.58 -26.88
CA SER A 325 -54.40 21.81 -26.30
C SER A 325 -53.34 22.39 -25.37
N ILE A 326 -53.34 23.72 -25.25
CA ILE A 326 -52.31 24.37 -24.45
C ILE A 326 -52.29 23.83 -23.02
N GLU A 327 -53.47 23.55 -22.46
CA GLU A 327 -53.53 22.90 -21.16
C GLU A 327 -52.80 21.56 -21.19
N GLU A 328 -53.03 20.77 -22.24
CA GLU A 328 -52.36 19.48 -22.38
C GLU A 328 -50.85 19.66 -22.48
N THR A 329 -50.41 20.68 -23.21
CA THR A 329 -48.98 20.87 -23.40
C THR A 329 -48.30 21.24 -22.09
N LYS A 330 -48.89 22.16 -21.32
CA LYS A 330 -48.29 22.46 -20.02
C LYS A 330 -48.28 21.22 -19.14
N LYS A 331 -49.34 20.40 -19.22
CA LYS A 331 -49.39 19.20 -18.41
C LYS A 331 -48.22 18.28 -18.74
N PHE A 332 -48.04 17.92 -20.02
CA PHE A 332 -46.95 16.98 -20.28
C PHE A 332 -45.59 17.64 -20.06
N CYS A 333 -45.43 18.94 -20.31
CA CYS A 333 -44.10 19.51 -20.13
C CYS A 333 -43.68 19.43 -18.67
N ILE A 334 -44.59 19.78 -17.75
CA ILE A 334 -44.25 19.67 -16.34
C ILE A 334 -44.08 18.20 -15.97
N SER A 335 -44.91 17.32 -16.54
CA SER A 335 -44.78 15.89 -16.26
C SER A 335 -43.43 15.37 -16.73
N LEU A 336 -43.02 15.73 -17.95
CA LEU A 336 -41.72 15.34 -18.49
C LEU A 336 -40.61 15.75 -17.55
N ARG A 337 -40.64 17.00 -17.10
CA ARG A 337 -39.54 17.47 -16.27
C ARG A 337 -39.59 16.87 -14.87
N ARG A 338 -40.73 16.34 -14.45
CA ARG A 338 -40.75 15.57 -13.20
C ARG A 338 -40.22 14.16 -13.41
N ASN A 339 -40.62 13.49 -14.49
CA ASN A 339 -40.16 12.13 -14.71
C ASN A 339 -38.65 12.07 -14.93
N ALA A 340 -38.12 13.01 -15.72
CA ALA A 340 -36.68 13.08 -15.92
C ALA A 340 -36.06 14.16 -15.02
N LYS A 341 -36.11 13.89 -13.72
CA LYS A 341 -35.45 14.77 -12.77
C LYS A 341 -33.96 14.86 -13.09
N ASP A 342 -33.47 16.06 -13.38
CA ASP A 342 -32.05 16.30 -13.57
C ASP A 342 -31.45 15.77 -14.88
N GLU A 343 -32.22 15.02 -15.68
CA GLU A 343 -31.70 14.44 -16.92
C GLU A 343 -32.33 15.14 -18.13
N ARG A 344 -31.63 15.06 -19.25
CA ARG A 344 -32.02 15.80 -20.43
C ARG A 344 -33.36 15.33 -20.97
N VAL A 345 -34.07 16.22 -21.66
CA VAL A 345 -35.39 15.94 -22.21
C VAL A 345 -35.51 16.58 -23.58
N LEU A 346 -36.25 15.91 -24.47
CA LEU A 346 -36.43 16.37 -25.84
C LEU A 346 -37.83 16.92 -26.03
N PHE A 347 -37.92 18.15 -26.52
CA PHE A 347 -39.19 18.75 -26.94
C PHE A 347 -39.15 18.94 -28.45
N HIS A 348 -40.05 18.25 -29.15
CA HIS A 348 -40.20 18.38 -30.59
C HIS A 348 -41.47 19.16 -30.88
N TYR A 349 -41.39 20.03 -31.87
CA TYR A 349 -42.52 20.89 -32.22
C TYR A 349 -42.70 20.88 -33.73
N ASN A 350 -43.93 20.62 -34.17
CA ASN A 350 -44.31 20.61 -35.57
C ASN A 350 -45.45 21.61 -35.73
N GLY A 351 -45.17 22.77 -36.31
CA GLY A 351 -46.14 23.84 -36.37
C GLY A 351 -46.73 24.10 -37.75
N HIS A 352 -47.04 23.03 -38.48
CA HIS A 352 -47.53 23.19 -39.84
C HIS A 352 -48.97 23.71 -39.87
N GLY A 353 -49.82 23.19 -38.98
CA GLY A 353 -51.21 23.58 -38.96
C GLY A 353 -51.51 24.89 -38.24
N VAL A 354 -50.60 25.34 -37.39
CA VAL A 354 -50.81 26.57 -36.62
C VAL A 354 -50.01 27.68 -37.30
N PRO A 355 -50.16 28.93 -36.88
CA PRO A 355 -49.40 30.02 -37.53
C PRO A 355 -47.96 30.09 -37.02
N LYS A 356 -47.16 30.86 -37.75
CA LYS A 356 -45.75 30.95 -37.47
C LYS A 356 -45.51 31.60 -36.11
N PRO A 357 -44.44 31.23 -35.42
CA PRO A 357 -44.12 31.91 -34.16
C PRO A 357 -44.01 33.40 -34.41
N THR A 358 -44.44 34.18 -33.42
CA THR A 358 -44.35 35.63 -33.50
C THR A 358 -42.94 36.07 -33.17
N ALA A 359 -42.60 37.31 -33.54
CA ALA A 359 -41.26 37.82 -33.23
C ALA A 359 -41.15 38.20 -31.76
N SER A 360 -41.76 37.37 -30.93
CA SER A 360 -41.66 37.34 -29.48
C SER A 360 -41.34 35.88 -29.13
N GLY A 361 -41.34 35.56 -27.84
CA GLY A 361 -41.09 34.19 -27.49
C GLY A 361 -42.23 33.24 -27.82
N GLU A 362 -43.43 33.76 -28.05
CA GLU A 362 -44.59 32.88 -28.14
C GLU A 362 -44.58 31.99 -29.39
N ILE A 363 -45.07 30.76 -29.19
CA ILE A 363 -45.27 29.77 -30.23
C ILE A 363 -46.72 29.31 -30.15
N TRP A 364 -47.28 28.85 -31.26
CA TRP A 364 -48.71 28.58 -31.34
C TRP A 364 -49.03 27.11 -31.11
N VAL A 365 -50.18 26.89 -30.47
CA VAL A 365 -50.72 25.61 -30.11
C VAL A 365 -52.16 25.57 -30.59
N PHE A 366 -52.86 24.47 -30.33
CA PHE A 366 -54.31 24.51 -30.44
C PHE A 366 -54.92 24.93 -29.10
N ASN A 367 -56.19 25.32 -29.16
CA ASN A 367 -56.97 25.62 -27.97
C ASN A 367 -57.74 24.38 -27.53
N LYS A 368 -58.05 24.32 -26.23
CA LYS A 368 -59.02 23.33 -25.80
C LYS A 368 -60.27 23.49 -26.64
N ASN A 369 -60.95 22.37 -26.92
CA ASN A 369 -62.02 22.22 -27.90
C ASN A 369 -61.45 22.07 -29.30
N TYR A 370 -60.13 22.20 -29.49
CA TYR A 370 -59.49 21.94 -30.78
C TYR A 370 -60.05 22.85 -31.87
N THR A 371 -60.30 24.11 -31.52
CA THR A 371 -60.90 25.08 -32.44
C THR A 371 -59.96 26.24 -32.77
N GLN A 372 -59.45 26.94 -31.75
CA GLN A 372 -58.72 28.18 -31.93
C GLN A 372 -57.24 27.98 -31.65
N TYR A 373 -56.42 28.92 -32.13
CA TYR A 373 -54.98 28.89 -31.96
C TYR A 373 -54.60 29.77 -30.78
N ILE A 374 -54.00 29.18 -29.76
CA ILE A 374 -53.50 29.93 -28.60
C ILE A 374 -51.98 30.05 -28.68
N PRO A 375 -51.40 31.19 -28.36
CA PRO A 375 -49.94 31.28 -28.24
C PRO A 375 -49.46 30.84 -26.86
N VAL A 376 -48.16 30.51 -26.79
CA VAL A 376 -47.49 30.11 -25.56
C VAL A 376 -46.16 30.84 -25.49
N SER A 377 -46.01 31.74 -24.51
CA SER A 377 -44.77 32.49 -24.35
C SER A 377 -43.69 31.60 -23.74
N LEU A 378 -42.43 31.94 -24.03
CA LEU A 378 -41.31 31.11 -23.58
C LEU A 378 -41.23 31.05 -22.06
N TYR A 379 -41.50 32.16 -21.37
CA TYR A 379 -41.34 32.16 -19.91
C TYR A 379 -42.10 30.99 -19.27
N ASP A 380 -43.36 30.81 -19.66
CA ASP A 380 -44.16 29.69 -19.15
C ASP A 380 -43.54 28.36 -19.54
N LEU A 381 -43.14 28.23 -20.80
CA LEU A 381 -42.55 26.98 -21.26
C LEU A 381 -41.32 26.64 -20.44
N GLN A 382 -40.45 27.62 -20.22
CA GLN A 382 -39.25 27.43 -19.41
C GLN A 382 -39.62 27.00 -17.99
N GLN A 383 -40.67 27.59 -17.42
CA GLN A 383 -41.09 27.14 -16.10
C GLN A 383 -41.62 25.71 -16.12
N TRP A 384 -41.98 25.19 -17.29
CA TRP A 384 -42.33 23.77 -17.42
C TRP A 384 -41.15 22.85 -17.74
N LEU A 385 -40.25 23.28 -18.62
CA LEU A 385 -39.20 22.46 -19.22
C LEU A 385 -37.87 23.01 -18.73
N GLN A 386 -37.71 23.04 -17.42
CA GLN A 386 -36.70 23.83 -16.74
C GLN A 386 -35.26 23.50 -17.11
N ALA A 387 -34.80 22.35 -16.68
CA ALA A 387 -33.39 21.94 -16.69
C ALA A 387 -33.07 21.19 -17.98
N PRO A 388 -31.86 20.61 -18.15
CA PRO A 388 -31.36 20.32 -19.50
C PRO A 388 -32.39 19.82 -20.49
N THR A 389 -32.43 20.46 -21.67
CA THR A 389 -33.42 20.15 -22.70
C THR A 389 -32.85 20.40 -24.09
N ILE A 390 -33.31 19.58 -25.03
CA ILE A 390 -33.08 19.73 -26.45
C ILE A 390 -34.41 20.19 -27.04
N PHE A 391 -34.34 21.11 -27.99
CA PHE A 391 -35.51 21.65 -28.67
C PHE A 391 -35.37 21.38 -30.16
N VAL A 392 -36.41 20.84 -30.78
CA VAL A 392 -36.47 20.64 -32.22
C VAL A 392 -37.64 21.45 -32.74
N TRP A 393 -37.37 22.35 -33.69
CA TRP A 393 -38.38 23.26 -34.23
C TRP A 393 -38.56 23.00 -35.72
N ASP A 394 -39.63 22.28 -36.09
CA ASP A 394 -40.02 22.15 -37.50
C ASP A 394 -41.19 23.12 -37.78
N CYS A 395 -40.86 24.40 -37.76
CA CYS A 395 -41.79 25.45 -38.12
C CYS A 395 -41.09 26.49 -38.99
N SER A 396 -41.87 27.40 -39.57
CA SER A 396 -41.31 28.54 -40.25
C SER A 396 -40.88 29.61 -39.25
N GLU A 397 -40.03 30.53 -39.73
CA GLU A 397 -39.51 31.62 -38.92
C GLU A 397 -39.14 31.14 -37.52
N ALA A 398 -38.54 29.95 -37.42
CA ALA A 398 -38.12 29.46 -36.12
C ALA A 398 -37.05 30.35 -35.51
N GLY A 399 -36.30 31.09 -36.33
CA GLY A 399 -35.16 31.83 -35.82
C GLY A 399 -35.53 32.77 -34.69
N ASN A 400 -36.71 33.40 -34.77
CA ASN A 400 -37.10 34.34 -33.74
C ASN A 400 -37.20 33.67 -32.38
N ILE A 401 -37.67 32.42 -32.36
CA ILE A 401 -37.71 31.65 -31.12
C ILE A 401 -36.33 31.65 -30.46
N LEU A 402 -35.28 31.48 -31.26
CA LEU A 402 -33.93 31.46 -30.73
C LEU A 402 -33.49 32.83 -30.23
N LYS A 403 -33.97 33.89 -30.89
CA LYS A 403 -33.50 35.24 -30.57
C LYS A 403 -33.94 35.64 -29.15
N ASN A 404 -35.23 35.60 -28.88
CA ASN A 404 -35.77 36.14 -27.65
C ASN A 404 -35.83 35.12 -26.52
N TYR A 405 -35.17 33.97 -26.68
CA TYR A 405 -35.13 32.99 -25.61
C TYR A 405 -34.15 33.38 -24.51
N HIS A 406 -33.08 34.13 -24.85
CA HIS A 406 -32.05 34.43 -23.86
C HIS A 406 -32.54 35.39 -22.79
N LYS A 407 -33.28 36.43 -23.17
CA LYS A 407 -33.77 37.38 -22.17
C LYS A 407 -34.76 36.70 -21.23
N PHE A 408 -35.69 35.91 -21.77
CA PHE A 408 -36.64 35.22 -20.92
C PHE A 408 -35.94 34.31 -19.91
N VAL A 409 -34.80 33.74 -20.29
CA VAL A 409 -34.00 32.98 -19.32
C VAL A 409 -33.48 33.90 -18.23
N GLU A 410 -32.87 35.02 -18.62
CA GLU A 410 -32.23 35.87 -17.63
C GLU A 410 -33.21 36.32 -16.57
N ARG A 411 -34.48 36.48 -16.93
CA ARG A 411 -35.49 36.73 -15.91
C ARG A 411 -35.50 35.59 -14.90
N HIS A 412 -35.84 34.38 -15.37
CA HIS A 412 -35.84 33.23 -14.47
C HIS A 412 -34.55 33.18 -13.66
N GLU A 413 -33.41 33.30 -14.34
CA GLU A 413 -32.14 33.15 -13.64
C GLU A 413 -32.11 34.09 -12.44
N LYS A 414 -32.28 35.40 -12.70
CA LYS A 414 -32.26 36.33 -11.58
C LYS A 414 -33.41 36.02 -10.64
N GLU A 415 -34.59 35.77 -11.19
CA GLU A 415 -35.74 35.39 -10.39
C GLU A 415 -35.33 34.31 -9.41
N GLU A 416 -34.75 33.22 -9.92
CA GLU A 416 -34.48 32.07 -9.08
C GLU A 416 -33.25 32.30 -8.22
N GLU A 417 -32.39 33.25 -8.60
CA GLU A 417 -31.30 33.66 -7.75
C GLU A 417 -31.79 34.46 -6.55
N GLU A 418 -32.98 35.05 -6.65
CA GLU A 418 -33.45 35.94 -5.58
C GLU A 418 -33.52 35.21 -4.25
N GLN A 419 -33.85 33.92 -4.27
CA GLN A 419 -34.00 33.16 -3.05
C GLN A 419 -32.71 32.42 -2.70
N SER A 425 -34.57 30.07 1.85
CA SER A 425 -33.38 29.27 1.56
C SER A 425 -33.77 27.91 0.98
N TYR A 426 -33.78 27.80 -0.34
CA TYR A 426 -34.19 26.58 -1.01
C TYR A 426 -33.34 26.38 -2.27
N GLU A 427 -33.46 25.19 -2.86
CA GLU A 427 -32.67 24.81 -4.03
C GLU A 427 -33.21 25.46 -5.30
N LYS A 428 -32.29 25.93 -6.14
CA LYS A 428 -32.64 26.66 -7.35
C LYS A 428 -33.17 25.69 -8.42
N VAL A 429 -33.43 26.21 -9.62
CA VAL A 429 -34.15 25.47 -10.65
C VAL A 429 -33.33 25.25 -11.91
N ASN A 430 -32.18 25.89 -12.02
CA ASN A 430 -31.06 25.71 -12.94
C ASN A 430 -31.19 26.21 -14.37
N PHE A 431 -32.29 25.97 -15.06
CA PHE A 431 -32.42 26.45 -16.44
C PHE A 431 -31.16 26.43 -17.32
N ARG A 432 -30.03 25.82 -16.87
CA ARG A 432 -28.75 26.29 -17.43
C ARG A 432 -28.44 25.68 -18.79
N PRO A 433 -28.48 24.35 -18.92
CA PRO A 433 -28.08 23.70 -20.18
C PRO A 433 -29.18 23.49 -21.22
N TYR A 434 -29.45 24.46 -22.10
CA TYR A 434 -30.46 24.26 -23.13
C TYR A 434 -29.82 24.27 -24.53
N ILE A 435 -30.39 23.46 -25.42
CA ILE A 435 -29.86 23.27 -26.77
C ILE A 435 -31.00 23.38 -27.76
N HIS A 436 -30.81 24.17 -28.82
CA HIS A 436 -31.83 24.38 -29.83
C HIS A 436 -31.39 23.86 -31.19
N LEU A 437 -32.33 23.33 -31.95
CA LEU A 437 -32.12 22.93 -33.35
C LEU A 437 -33.36 23.37 -34.13
N ALA A 438 -33.17 24.32 -35.04
CA ALA A 438 -34.26 24.99 -35.74
C ALA A 438 -34.08 24.82 -37.24
N ALA A 439 -35.21 24.73 -37.95
CA ALA A 439 -35.17 24.50 -39.39
C ALA A 439 -34.91 25.77 -40.20
N CYS A 440 -35.40 26.92 -39.74
CA CYS A 440 -35.36 28.16 -40.48
C CYS A 440 -34.61 29.23 -39.71
N ALA A 441 -34.26 30.30 -40.42
CA ALA A 441 -33.68 31.48 -39.79
C ALA A 441 -34.82 32.44 -39.44
N SER A 442 -34.46 33.67 -39.04
CA SER A 442 -35.44 34.61 -38.53
C SER A 442 -36.63 34.78 -39.47
N LYS A 443 -36.38 35.08 -40.75
CA LYS A 443 -37.42 35.57 -41.65
C LYS A 443 -37.74 34.62 -42.79
N GLU A 444 -37.21 33.40 -42.79
CA GLU A 444 -37.41 32.52 -43.93
C GLU A 444 -38.70 31.71 -43.76
N ASN A 445 -39.08 31.02 -44.84
CA ASN A 445 -40.27 30.19 -44.89
C ASN A 445 -39.90 28.76 -45.26
N LEU A 446 -40.51 27.81 -44.55
CA LEU A 446 -40.38 26.40 -44.93
C LEU A 446 -40.79 26.23 -46.39
N PRO A 447 -40.10 25.38 -47.15
CA PRO A 447 -40.37 25.29 -48.59
C PRO A 447 -41.76 24.72 -48.87
N THR A 448 -42.16 24.82 -50.14
CA THR A 448 -43.54 24.55 -50.53
C THR A 448 -43.70 23.50 -51.61
N ASN A 449 -42.79 23.43 -52.58
CA ASN A 449 -43.09 22.70 -53.81
C ASN A 449 -43.26 21.21 -53.51
N PRO A 450 -44.02 20.48 -54.36
CA PRO A 450 -44.04 19.02 -54.27
C PRO A 450 -42.72 18.45 -54.71
N MET A 451 -42.61 17.12 -54.77
CA MET A 451 -41.30 16.47 -54.82
C MET A 451 -40.50 16.79 -53.56
N LEU A 452 -41.19 17.17 -52.46
CA LEU A 452 -40.66 17.60 -51.16
C LEU A 452 -41.71 17.35 -50.07
N PRO A 453 -41.35 16.69 -48.97
CA PRO A 453 -42.28 16.56 -47.84
C PRO A 453 -42.36 17.85 -47.03
N ALA A 454 -43.46 17.98 -46.28
CA ALA A 454 -43.59 19.13 -45.41
C ALA A 454 -42.59 19.11 -44.26
N ASP A 455 -42.40 17.94 -43.63
CA ASP A 455 -41.58 17.82 -42.44
C ASP A 455 -40.10 17.61 -42.78
N LEU A 456 -39.55 18.49 -43.62
CA LEU A 456 -38.22 18.25 -44.18
C LEU A 456 -37.16 18.18 -43.09
N PHE A 457 -37.09 19.21 -42.24
CA PHE A 457 -36.08 19.22 -41.20
C PHE A 457 -36.27 18.03 -40.25
N THR A 458 -37.52 17.64 -40.01
CA THR A 458 -37.80 16.42 -39.26
C THR A 458 -37.26 15.19 -40.00
N CYS A 459 -37.38 15.19 -41.34
CA CYS A 459 -36.84 14.08 -42.13
C CYS A 459 -35.32 13.99 -41.95
N CYS A 460 -34.65 15.13 -42.06
CA CYS A 460 -33.21 15.16 -41.86
C CYS A 460 -32.83 14.62 -40.49
N LEU A 461 -33.46 15.13 -39.44
CA LEU A 461 -33.03 14.81 -38.09
C LEU A 461 -33.55 13.49 -37.56
N THR A 462 -34.49 12.82 -38.23
CA THR A 462 -35.02 11.57 -37.70
C THR A 462 -35.03 10.42 -38.69
N THR A 463 -34.86 10.66 -39.98
CA THR A 463 -34.70 9.58 -40.96
C THR A 463 -33.65 10.00 -41.98
N PRO A 464 -32.45 10.32 -41.52
CA PRO A 464 -31.47 10.96 -42.41
C PRO A 464 -31.10 10.12 -43.62
N ILE A 465 -31.03 8.79 -43.48
CA ILE A 465 -30.61 7.97 -44.61
C ILE A 465 -31.68 7.99 -45.72
N GLU A 466 -32.94 7.80 -45.34
CA GLU A 466 -34.01 7.84 -46.33
C GLU A 466 -34.09 9.20 -46.98
N MET A 467 -34.00 10.26 -46.17
CA MET A 467 -34.04 11.61 -46.71
C MET A 467 -32.87 11.87 -47.64
N ALA A 468 -31.69 11.35 -47.32
CA ALA A 468 -30.51 11.57 -48.14
C ALA A 468 -30.60 10.81 -49.46
N LEU A 469 -31.13 9.58 -49.43
CA LEU A 469 -31.36 8.83 -50.67
C LEU A 469 -32.32 9.59 -51.56
N TRP A 470 -33.40 10.07 -50.96
CA TRP A 470 -34.39 10.87 -51.66
C TRP A 470 -33.77 12.12 -52.28
N PHE A 471 -33.07 12.90 -51.47
CA PHE A 471 -32.41 14.12 -51.91
C PHE A 471 -31.44 13.82 -53.05
N PHE A 472 -30.75 12.68 -52.98
CA PHE A 472 -29.83 12.29 -54.03
C PHE A 472 -30.56 12.02 -55.34
N VAL A 473 -31.70 11.32 -55.27
CA VAL A 473 -32.44 11.08 -56.50
C VAL A 473 -32.92 12.39 -57.09
N LEU A 474 -33.23 13.38 -56.24
CA LEU A 474 -33.62 14.68 -56.78
C LEU A 474 -32.44 15.38 -57.45
N GLN A 475 -31.28 15.38 -56.81
CA GLN A 475 -30.14 16.14 -57.32
C GLN A 475 -29.40 15.41 -58.44
N ASN A 476 -29.49 14.09 -58.49
CA ASN A 476 -28.81 13.29 -59.51
C ASN A 476 -29.80 12.33 -60.18
N PRO A 477 -30.86 12.88 -60.80
CA PRO A 477 -31.79 12.01 -61.55
C PRO A 477 -31.18 11.40 -62.80
N LEU A 478 -30.09 11.97 -63.30
CA LEU A 478 -29.41 11.45 -64.47
C LEU A 478 -28.37 10.40 -64.10
N LYS A 479 -28.10 10.19 -62.82
CA LYS A 479 -27.36 9.02 -62.35
C LYS A 479 -28.23 7.79 -62.13
N THR A 480 -29.49 7.96 -61.73
CA THR A 480 -30.42 6.84 -61.58
C THR A 480 -31.77 7.17 -62.19
N LYS A 481 -32.39 6.14 -62.75
CA LYS A 481 -33.76 6.22 -63.26
C LYS A 481 -34.76 5.68 -62.24
N LEU A 482 -34.78 6.30 -61.05
CA LEU A 482 -35.64 5.86 -59.97
C LEU A 482 -36.49 7.03 -59.49
N THR A 483 -37.59 6.67 -58.84
CA THR A 483 -38.35 7.68 -58.11
C THR A 483 -37.67 7.98 -56.79
N PRO A 484 -37.65 9.23 -56.33
CA PRO A 484 -37.23 9.47 -54.96
C PRO A 484 -38.01 8.61 -53.97
N GLU A 485 -39.29 8.39 -54.26
CA GLU A 485 -40.09 7.49 -53.45
C GLU A 485 -39.47 6.10 -53.36
N ARG A 486 -38.76 5.66 -54.42
CA ARG A 486 -38.22 4.30 -54.44
C ARG A 486 -36.87 4.21 -53.74
N ALA A 487 -36.02 5.22 -53.91
CA ALA A 487 -34.74 5.22 -53.19
C ALA A 487 -34.97 5.07 -51.69
N ARG A 488 -35.94 5.83 -51.16
CA ARG A 488 -36.37 5.69 -49.78
C ARG A 488 -36.45 4.24 -49.35
N LYS A 489 -37.07 3.41 -50.18
CA LYS A 489 -37.32 2.00 -49.85
C LYS A 489 -36.15 1.14 -50.33
N LEU A 490 -34.96 1.48 -49.85
CA LEU A 490 -33.76 0.74 -50.17
C LEU A 490 -33.69 -0.49 -49.28
N GLY A 491 -33.46 -1.65 -49.89
CA GLY A 491 -33.39 -2.89 -49.15
C GLY A 491 -32.33 -2.87 -48.06
N GLY A 492 -32.69 -3.29 -46.86
CA GLY A 492 -31.75 -3.38 -45.77
C GLY A 492 -32.39 -3.02 -44.45
N ARG A 493 -31.56 -2.92 -43.43
CA ARG A 493 -31.97 -2.70 -42.05
C ARG A 493 -30.95 -1.76 -41.42
N LEU A 494 -31.44 -0.73 -40.73
CA LEU A 494 -30.56 0.35 -40.30
C LEU A 494 -29.43 -0.10 -39.38
N GLN A 495 -29.66 -1.09 -38.51
CA GLN A 495 -28.64 -1.54 -37.57
C GLN A 495 -27.90 -2.80 -38.02
N GLU A 496 -28.03 -3.20 -39.28
CA GLU A 496 -27.25 -4.29 -39.87
C GLU A 496 -26.32 -3.74 -40.94
N ARG A 497 -25.04 -3.56 -40.59
CA ARG A 497 -24.08 -3.02 -41.56
C ARG A 497 -23.93 -3.90 -42.80
N ARG A 498 -24.36 -5.15 -42.74
CA ARG A 498 -24.17 -6.06 -43.86
C ARG A 498 -25.13 -5.80 -45.02
N THR A 499 -26.20 -5.04 -44.79
CA THR A 499 -27.18 -4.72 -45.83
C THR A 499 -26.99 -3.31 -46.37
N PRO A 500 -27.32 -3.11 -47.67
CA PRO A 500 -27.10 -1.81 -48.32
C PRO A 500 -27.48 -0.63 -47.47
N LEU A 501 -28.67 -0.69 -46.87
CA LEU A 501 -29.14 0.42 -46.05
C LEU A 501 -28.27 0.59 -44.81
N GLY A 502 -27.98 -0.51 -44.11
CA GLY A 502 -27.15 -0.41 -42.92
C GLY A 502 -25.76 0.09 -43.24
N GLU A 503 -25.16 -0.43 -44.32
CA GLU A 503 -23.84 0.06 -44.75
C GLU A 503 -23.91 1.56 -45.04
N LEU A 504 -24.95 1.99 -45.75
CA LEU A 504 -25.08 3.41 -46.04
C LEU A 504 -25.17 4.21 -44.75
N ASN A 505 -25.93 3.71 -43.78
CA ASN A 505 -26.06 4.39 -42.49
C ASN A 505 -24.70 4.51 -41.81
N TRP A 506 -23.94 3.42 -41.85
CA TRP A 506 -22.63 3.40 -41.20
C TRP A 506 -21.66 4.37 -41.88
N ILE A 507 -21.64 4.37 -43.21
CA ILE A 507 -20.82 5.33 -43.94
C ILE A 507 -21.25 6.75 -43.62
N PHE A 508 -22.56 6.98 -43.54
CA PHE A 508 -23.06 8.30 -43.16
C PHE A 508 -22.52 8.71 -41.81
N THR A 509 -22.58 7.80 -40.83
CA THR A 509 -22.10 8.12 -39.50
C THR A 509 -20.62 8.49 -39.55
N ALA A 510 -19.84 7.71 -40.27
CA ALA A 510 -18.41 8.01 -40.40
C ALA A 510 -18.20 9.39 -41.01
N ILE A 511 -18.92 9.70 -42.10
CA ILE A 511 -18.68 10.92 -42.85
C ILE A 511 -19.05 12.14 -42.01
N THR A 512 -20.24 12.12 -41.42
CA THR A 512 -20.67 13.25 -40.60
C THR A 512 -19.77 13.40 -39.37
N ASP A 513 -19.36 12.29 -38.77
CA ASP A 513 -18.49 12.36 -37.60
C ASP A 513 -17.17 13.05 -37.97
N THR A 514 -16.56 12.66 -39.09
CA THR A 514 -15.31 13.30 -39.49
C THR A 514 -15.53 14.76 -39.91
N ILE A 515 -16.67 15.06 -40.52
CA ILE A 515 -16.96 16.44 -40.88
C ILE A 515 -16.92 17.32 -39.63
N ALA A 516 -17.63 16.89 -38.59
CA ALA A 516 -17.60 17.64 -37.33
C ALA A 516 -16.19 17.68 -36.76
N TRP A 517 -15.52 16.53 -36.71
CA TRP A 517 -14.15 16.45 -36.19
C TRP A 517 -13.24 17.46 -36.85
N THR A 518 -13.47 17.72 -38.14
CA THR A 518 -12.66 18.66 -38.89
C THR A 518 -13.04 20.11 -38.62
N THR A 519 -14.33 20.43 -38.70
CA THR A 519 -14.75 21.82 -38.86
C THR A 519 -14.98 22.59 -37.57
N LEU A 520 -14.92 21.94 -36.41
CA LEU A 520 -15.15 22.61 -35.14
C LEU A 520 -14.12 22.11 -34.13
N PRO A 521 -13.89 22.88 -33.06
CA PRO A 521 -12.83 22.50 -32.11
C PRO A 521 -13.19 21.33 -31.23
N ARG A 522 -12.15 20.69 -30.68
CA ARG A 522 -12.34 19.47 -29.91
C ARG A 522 -13.35 19.66 -28.79
N ASP A 523 -13.35 20.84 -28.15
CA ASP A 523 -14.31 21.09 -27.07
C ASP A 523 -15.72 20.73 -27.51
N LEU A 524 -16.21 21.41 -28.54
CA LEU A 524 -17.59 21.20 -28.99
C LEU A 524 -17.78 19.81 -29.56
N PHE A 525 -16.80 19.32 -30.33
CA PHE A 525 -16.93 17.98 -30.90
C PHE A 525 -17.21 16.97 -29.81
N ARG A 526 -16.41 16.99 -28.74
CA ARG A 526 -16.59 16.03 -27.66
C ARG A 526 -17.89 16.31 -26.89
N LYS A 527 -18.26 17.58 -26.73
CA LYS A 527 -19.42 17.88 -25.91
C LYS A 527 -20.73 17.52 -26.60
N PHE A 528 -20.78 17.51 -27.93
CA PHE A 528 -22.04 17.25 -28.64
C PHE A 528 -22.05 15.96 -29.46
N PHE A 529 -20.95 15.56 -30.08
CA PHE A 529 -20.90 14.35 -30.89
C PHE A 529 -20.37 13.13 -30.14
N ARG A 530 -19.98 13.28 -28.87
CA ARG A 530 -19.50 12.17 -28.07
C ARG A 530 -20.19 12.02 -26.71
N GLN A 531 -20.99 12.99 -26.29
CA GLN A 531 -21.53 12.93 -24.93
C GLN A 531 -22.72 11.97 -24.84
N ASP A 532 -23.75 12.20 -25.65
CA ASP A 532 -24.99 11.43 -25.56
C ASP A 532 -25.41 10.94 -26.93
N LEU A 533 -25.98 9.74 -26.98
CA LEU A 533 -26.40 9.16 -28.24
C LEU A 533 -27.42 10.04 -28.95
N MET A 534 -28.47 10.46 -28.24
CA MET A 534 -29.52 11.24 -28.89
C MET A 534 -28.99 12.58 -29.36
N VAL A 535 -28.25 13.28 -28.49
CA VAL A 535 -27.73 14.59 -28.84
C VAL A 535 -26.83 14.49 -30.06
N ALA A 536 -25.88 13.55 -30.02
CA ALA A 536 -24.95 13.39 -31.13
C ALA A 536 -25.68 12.99 -32.39
N ALA A 537 -26.64 12.07 -32.28
CA ALA A 537 -27.43 11.68 -33.44
C ALA A 537 -28.04 12.92 -34.10
N LEU A 538 -28.65 13.79 -33.30
CA LEU A 538 -29.34 14.92 -33.89
C LEU A 538 -28.36 15.93 -34.47
N PHE A 539 -27.22 16.17 -33.81
CA PHE A 539 -26.23 17.09 -34.38
C PHE A 539 -25.64 16.53 -35.67
N ARG A 540 -25.31 15.25 -35.66
CA ARG A 540 -24.81 14.57 -36.85
C ARG A 540 -25.78 14.74 -38.00
N ASN A 541 -27.06 14.46 -37.77
CA ASN A 541 -28.07 14.59 -38.81
C ASN A 541 -28.33 16.07 -39.15
N PHE A 542 -28.08 16.95 -38.20
CA PHE A 542 -28.22 18.37 -38.46
C PHE A 542 -27.18 18.85 -39.45
N LEU A 543 -26.04 18.17 -39.52
CA LEU A 543 -25.08 18.48 -40.58
C LEU A 543 -25.69 18.20 -41.97
N LEU A 544 -26.40 17.08 -42.10
CA LEU A 544 -27.15 16.83 -43.33
C LEU A 544 -28.18 17.92 -43.56
N ALA A 545 -28.86 18.34 -42.49
CA ALA A 545 -29.82 19.43 -42.62
C ALA A 545 -29.14 20.69 -43.16
N GLN A 546 -27.96 21.01 -42.62
CA GLN A 546 -27.19 22.16 -43.11
C GLN A 546 -26.92 22.03 -44.59
N ARG A 547 -26.70 20.80 -45.07
CA ARG A 547 -26.44 20.62 -46.50
C ARG A 547 -27.72 20.74 -47.35
N ILE A 548 -28.85 20.23 -46.87
CA ILE A 548 -30.04 20.09 -47.71
C ILE A 548 -30.93 21.33 -47.67
N MET A 549 -31.22 21.87 -46.48
CA MET A 549 -32.25 22.91 -46.38
C MET A 549 -31.97 24.12 -47.28
N PRO A 550 -30.74 24.63 -47.39
CA PRO A 550 -30.53 25.84 -48.21
C PRO A 550 -30.72 25.62 -49.71
N VAL A 551 -30.81 24.37 -50.18
CA VAL A 551 -31.19 24.15 -51.56
C VAL A 551 -32.60 24.65 -51.79
N TYR A 552 -33.42 24.61 -50.74
CA TYR A 552 -34.83 24.96 -50.81
C TYR A 552 -35.14 26.12 -49.86
N GLY A 553 -34.26 27.13 -49.87
CA GLY A 553 -34.52 28.36 -49.14
C GLY A 553 -33.77 28.52 -47.82
N CYS A 554 -34.46 28.29 -46.71
CA CYS A 554 -33.97 28.63 -45.38
C CYS A 554 -32.65 27.94 -45.05
N HIS A 555 -31.89 28.56 -44.14
CA HIS A 555 -30.68 28.01 -43.56
C HIS A 555 -30.91 27.68 -42.09
N PRO A 556 -30.95 26.41 -41.68
CA PRO A 556 -31.22 26.08 -40.27
C PRO A 556 -30.20 26.67 -39.32
N GLN A 557 -30.63 26.90 -38.08
CA GLN A 557 -29.78 27.38 -37.00
C GLN A 557 -29.83 26.43 -35.81
N SER A 558 -28.92 26.67 -34.86
CA SER A 558 -28.66 25.76 -33.74
C SER A 558 -28.06 26.59 -32.61
N TYR A 559 -28.54 26.38 -31.37
CA TYR A 559 -28.14 27.30 -30.32
C TYR A 559 -26.62 27.33 -30.14
N PRO A 560 -25.95 26.21 -29.91
CA PRO A 560 -24.51 26.23 -30.10
C PRO A 560 -24.25 26.36 -31.59
N GLU A 561 -23.83 27.55 -32.02
CA GLU A 561 -23.81 27.88 -33.44
C GLU A 561 -22.65 27.14 -34.09
N LEU A 562 -22.95 26.32 -35.06
CA LEU A 562 -21.91 25.58 -35.75
C LEU A 562 -21.64 26.21 -37.11
N PRO A 563 -20.41 26.11 -37.62
CA PRO A 563 -20.14 26.61 -38.97
C PRO A 563 -21.04 25.93 -40.00
N ASP A 564 -21.10 26.52 -41.18
CA ASP A 564 -22.17 26.20 -42.11
C ASP A 564 -22.04 24.78 -42.67
N THR A 565 -20.82 24.31 -42.93
CA THR A 565 -20.55 22.91 -43.26
C THR A 565 -21.10 22.51 -44.62
N ARG A 566 -21.81 23.39 -45.32
CA ARG A 566 -22.52 23.01 -46.54
C ARG A 566 -21.64 22.17 -47.47
N ARG A 567 -20.57 22.77 -48.00
CA ARG A 567 -19.68 22.08 -48.92
C ARG A 567 -18.39 21.69 -48.20
N HIS A 568 -18.50 20.63 -47.39
CA HIS A 568 -17.34 19.87 -46.95
C HIS A 568 -17.04 18.78 -47.98
N PRO A 569 -15.79 18.61 -48.42
CA PRO A 569 -15.56 17.73 -49.58
C PRO A 569 -16.06 16.31 -49.37
N LEU A 570 -16.11 15.84 -48.12
CA LEU A 570 -16.49 14.46 -47.88
C LEU A 570 -17.89 14.16 -48.39
N TRP A 571 -18.75 15.18 -48.49
CA TRP A 571 -20.09 14.94 -49.00
C TRP A 571 -20.05 14.32 -50.38
N GLU A 572 -19.08 14.72 -51.22
CA GLU A 572 -18.94 14.09 -52.52
C GLU A 572 -18.79 12.58 -52.34
N ALA A 573 -17.88 12.16 -51.46
CA ALA A 573 -17.75 10.74 -51.16
C ALA A 573 -19.11 10.14 -50.82
N TRP A 574 -19.86 10.81 -49.95
CA TRP A 574 -21.18 10.31 -49.58
C TRP A 574 -22.01 10.06 -50.83
N ASP A 575 -22.10 11.05 -51.72
CA ASP A 575 -22.88 10.88 -52.94
C ASP A 575 -22.39 9.65 -53.70
N HIS A 576 -21.08 9.52 -53.87
CA HIS A 576 -20.55 8.33 -54.53
C HIS A 576 -21.05 7.07 -53.84
N ALA A 577 -20.84 6.99 -52.52
CA ALA A 577 -21.26 5.80 -51.80
C ALA A 577 -22.75 5.57 -51.98
N VAL A 578 -23.53 6.65 -52.00
CA VAL A 578 -24.96 6.51 -52.23
C VAL A 578 -25.21 6.00 -53.64
N ASP A 579 -24.61 6.68 -54.63
CA ASP A 579 -24.88 6.32 -56.01
C ASP A 579 -24.67 4.83 -56.23
N MET A 580 -23.49 4.34 -55.87
CA MET A 580 -23.18 2.94 -56.12
C MET A 580 -24.20 2.03 -55.46
N ALA A 581 -24.58 2.33 -54.21
CA ALA A 581 -25.56 1.50 -53.54
C ALA A 581 -26.86 1.48 -54.32
N LEU A 582 -27.32 2.67 -54.75
CA LEU A 582 -28.54 2.73 -55.53
C LEU A 582 -28.39 1.97 -56.84
N ALA A 583 -27.20 2.04 -57.44
CA ALA A 583 -26.97 1.32 -58.69
C ALA A 583 -27.22 -0.17 -58.52
N GLN A 584 -27.03 -0.70 -57.33
CA GLN A 584 -27.21 -2.13 -57.06
C GLN A 584 -28.59 -2.43 -56.51
N LEU A 585 -29.65 -1.94 -57.15
CA LEU A 585 -30.97 -2.25 -56.61
C LEU A 585 -31.75 -3.25 -57.48
N PRO A 586 -31.16 -4.41 -57.85
CA PRO A 586 -31.99 -5.52 -58.33
C PRO A 586 -32.73 -6.21 -57.19
N MET A 587 -33.41 -7.32 -57.49
CA MET A 587 -34.15 -8.07 -56.49
C MET A 587 -34.44 -9.47 -57.01
N LEU A 588 -34.41 -10.44 -56.11
CA LEU A 588 -34.88 -11.79 -56.42
C LEU A 588 -36.18 -12.08 -55.67
N TYR A 598 -27.50 -13.09 -56.06
CA TYR A 598 -26.67 -11.91 -56.31
C TYR A 598 -26.06 -11.38 -55.00
N ASP A 599 -24.81 -10.94 -55.09
CA ASP A 599 -24.06 -10.43 -53.94
C ASP A 599 -23.98 -8.91 -53.99
N TYR A 600 -24.15 -8.26 -52.84
CA TYR A 600 -23.98 -6.82 -52.76
C TYR A 600 -22.49 -6.50 -52.72
N VAL A 601 -22.12 -5.37 -53.33
CA VAL A 601 -20.72 -4.97 -53.43
C VAL A 601 -20.47 -3.75 -52.54
N PRO A 602 -19.85 -3.93 -51.37
CA PRO A 602 -19.67 -2.80 -50.46
C PRO A 602 -18.93 -1.64 -51.10
N SER A 603 -19.33 -0.43 -50.73
CA SER A 603 -18.60 0.76 -51.14
C SER A 603 -17.17 0.71 -50.61
N THR A 604 -16.22 1.10 -51.45
CA THR A 604 -14.81 1.10 -51.07
C THR A 604 -14.47 2.20 -50.07
N PHE A 605 -15.43 3.08 -49.77
CA PHE A 605 -15.17 4.24 -48.93
C PHE A 605 -14.19 3.94 -47.80
N PHE A 606 -14.41 2.84 -47.09
CA PHE A 606 -13.62 2.60 -45.89
C PHE A 606 -12.16 2.28 -46.21
N THR A 607 -11.91 1.36 -47.15
CA THR A 607 -10.52 1.03 -47.45
C THR A 607 -9.81 2.22 -48.09
N GLU A 608 -10.53 2.99 -48.89
CA GLU A 608 -9.99 4.22 -49.44
C GLU A 608 -9.58 5.18 -48.33
N GLN A 609 -10.44 5.34 -47.33
CA GLN A 609 -10.15 6.25 -46.23
C GLN A 609 -8.98 5.77 -45.40
N LEU A 610 -8.91 4.47 -45.12
CA LEU A 610 -7.77 3.94 -44.37
C LEU A 610 -6.48 4.12 -45.15
N THR A 611 -6.52 3.94 -46.47
CA THR A 611 -5.37 4.25 -47.30
C THR A 611 -4.96 5.72 -47.17
N ALA A 612 -5.94 6.62 -47.09
CA ALA A 612 -5.62 8.01 -46.82
C ALA A 612 -4.91 8.16 -45.48
N PHE A 613 -5.37 7.42 -44.46
CA PHE A 613 -4.72 7.46 -43.16
C PHE A 613 -3.28 6.96 -43.26
N GLU A 614 -3.09 5.85 -43.98
CA GLU A 614 -1.75 5.30 -44.21
C GLU A 614 -0.81 6.36 -44.78
N ILE A 615 -1.26 7.06 -45.82
CA ILE A 615 -0.41 8.09 -46.41
C ILE A 615 -0.16 9.22 -45.41
N TYR A 616 -1.19 9.59 -44.63
CA TYR A 616 -0.98 10.61 -43.62
C TYR A 616 0.16 10.23 -42.68
N LEU A 617 0.22 8.95 -42.30
CA LEU A 617 1.31 8.50 -41.44
C LEU A 617 2.65 8.60 -42.17
N THR A 618 2.69 8.12 -43.41
CA THR A 618 3.97 7.88 -44.07
C THR A 618 4.80 9.15 -44.22
N ARG A 619 4.19 10.33 -44.21
CA ARG A 619 4.94 11.55 -44.46
C ARG A 619 4.31 12.73 -43.73
N GLY A 620 5.03 13.85 -43.76
CA GLY A 620 4.40 15.15 -43.59
C GLY A 620 3.97 15.47 -42.18
N ASP A 621 2.83 16.14 -42.08
CA ASP A 621 2.42 16.82 -40.85
C ASP A 621 2.22 15.86 -39.68
N ALA A 622 2.12 14.57 -39.93
CA ALA A 622 2.06 13.61 -38.84
C ALA A 622 3.23 13.78 -37.89
N ALA A 623 4.43 14.01 -38.43
CA ALA A 623 5.57 14.31 -37.56
C ALA A 623 5.37 15.62 -36.81
N ALA A 624 4.59 16.55 -37.36
CA ALA A 624 4.34 17.83 -36.73
C ALA A 624 3.05 17.82 -35.92
N GLN A 625 2.46 16.64 -35.74
CA GLN A 625 1.32 16.42 -34.83
C GLN A 625 0.14 17.29 -35.22
N LYS A 626 -0.09 17.44 -36.51
CA LYS A 626 -1.40 17.88 -36.97
C LYS A 626 -2.35 16.68 -36.94
N PRO A 627 -3.54 16.81 -36.37
CA PRO A 627 -4.42 15.65 -36.20
C PRO A 627 -4.83 15.07 -37.54
N PRO A 628 -4.84 13.74 -37.68
CA PRO A 628 -5.31 13.15 -38.93
C PRO A 628 -6.80 13.39 -39.12
N GLU A 629 -7.20 13.55 -40.38
CA GLU A 629 -8.61 13.74 -40.67
C GLU A 629 -9.38 12.43 -40.52
N GLN A 630 -8.74 11.31 -40.83
CA GLN A 630 -9.46 10.05 -40.97
C GLN A 630 -9.82 9.41 -39.63
N LEU A 631 -9.10 9.76 -38.55
CA LEU A 631 -9.16 9.00 -37.31
C LEU A 631 -10.56 8.48 -36.96
N PRO A 632 -11.61 9.30 -37.00
CA PRO A 632 -12.95 8.77 -36.68
C PRO A 632 -13.38 7.65 -37.61
N VAL A 633 -13.00 7.70 -38.88
CA VAL A 633 -13.33 6.60 -39.78
C VAL A 633 -12.58 5.34 -39.39
N VAL A 634 -11.32 5.48 -38.96
CA VAL A 634 -10.57 4.31 -38.49
C VAL A 634 -11.29 3.67 -37.32
N LEU A 635 -11.74 4.51 -36.38
CA LEU A 635 -12.53 3.99 -35.26
C LEU A 635 -13.77 3.26 -35.74
N GLN A 636 -14.48 3.85 -36.71
CA GLN A 636 -15.66 3.19 -37.26
C GLN A 636 -15.29 1.81 -37.82
N VAL A 637 -14.17 1.75 -38.54
CA VAL A 637 -13.79 0.50 -39.19
C VAL A 637 -13.52 -0.59 -38.17
N LEU A 638 -12.98 -0.22 -37.00
CA LEU A 638 -12.64 -1.25 -36.01
C LEU A 638 -13.77 -2.26 -35.80
N LEU A 639 -15.02 -1.88 -36.09
CA LEU A 639 -16.10 -2.86 -36.12
C LEU A 639 -15.93 -3.88 -37.23
N SER A 640 -15.68 -3.40 -38.46
CA SER A 640 -15.66 -4.26 -39.65
C SER A 640 -14.84 -5.51 -39.46
N GLN A 641 -15.48 -6.67 -39.53
CA GLN A 641 -14.73 -7.91 -39.54
C GLN A 641 -13.75 -7.93 -40.71
N GLN A 642 -14.09 -7.25 -41.80
CA GLN A 642 -13.22 -7.24 -42.98
C GLN A 642 -12.00 -6.35 -42.76
N HIS A 643 -12.21 -5.06 -42.52
CA HIS A 643 -11.14 -4.08 -42.49
C HIS A 643 -10.54 -3.85 -41.11
N ARG A 644 -11.06 -4.46 -40.05
CA ARG A 644 -10.54 -4.13 -38.73
C ARG A 644 -9.05 -4.41 -38.62
N LEU A 645 -8.55 -5.44 -39.29
CA LEU A 645 -7.14 -5.77 -39.13
C LEU A 645 -6.24 -4.62 -39.59
N ARG A 646 -6.46 -4.12 -40.80
CA ARG A 646 -5.66 -3.01 -41.29
C ARG A 646 -5.88 -1.77 -40.43
N ALA A 647 -7.12 -1.53 -40.01
CA ALA A 647 -7.40 -0.40 -39.15
C ALA A 647 -6.57 -0.48 -37.88
N LEU A 648 -6.54 -1.65 -37.25
CA LEU A 648 -5.77 -1.82 -36.02
C LEU A 648 -4.28 -1.61 -36.29
N ILE A 649 -3.77 -2.13 -37.39
CA ILE A 649 -2.34 -1.97 -37.66
C ILE A 649 -2.01 -0.49 -37.85
N LEU A 650 -2.84 0.21 -38.61
CA LEU A 650 -2.60 1.64 -38.81
C LEU A 650 -2.71 2.39 -37.49
N LEU A 651 -3.69 2.03 -36.66
CA LEU A 651 -3.80 2.65 -35.36
C LEU A 651 -2.54 2.44 -34.54
N GLY A 652 -2.00 1.22 -34.57
CA GLY A 652 -0.75 0.96 -33.89
C GLY A 652 0.36 1.86 -34.40
N ARG A 653 0.48 1.99 -35.72
CA ARG A 653 1.50 2.86 -36.27
C ARG A 653 1.29 4.31 -35.84
N PHE A 654 0.03 4.72 -35.74
CA PHE A 654 -0.26 6.07 -35.27
C PHE A 654 0.17 6.26 -33.83
N LEU A 655 -0.12 5.28 -32.97
CA LEU A 655 0.23 5.40 -31.57
C LEU A 655 1.72 5.34 -31.35
N ASP A 656 2.44 4.65 -32.24
CA ASP A 656 3.89 4.59 -32.11
C ASP A 656 4.52 5.96 -32.22
N LEU A 657 3.88 6.89 -32.93
CA LEU A 657 4.46 8.21 -33.15
C LEU A 657 4.87 8.85 -31.84
N GLY A 658 4.10 8.61 -30.78
CA GLY A 658 4.45 9.10 -29.47
C GLY A 658 3.25 9.16 -28.55
N PRO A 659 3.42 9.82 -27.40
CA PRO A 659 2.30 9.94 -26.46
C PRO A 659 1.19 10.83 -26.96
N TRP A 660 1.52 11.87 -27.73
CA TRP A 660 0.48 12.80 -28.19
C TRP A 660 -0.58 12.08 -29.00
N ALA A 661 -0.17 11.12 -29.83
CA ALA A 661 -1.14 10.40 -30.64
C ALA A 661 -2.04 9.51 -29.79
N VAL A 662 -1.52 8.94 -28.71
CA VAL A 662 -2.37 8.20 -27.79
C VAL A 662 -3.37 9.13 -27.14
N GLN A 663 -2.90 10.31 -26.68
CA GLN A 663 -3.81 11.31 -26.14
C GLN A 663 -4.94 11.58 -27.12
N LEU A 664 -4.58 11.83 -28.38
CA LEU A 664 -5.56 12.18 -29.40
C LEU A 664 -6.54 11.04 -29.65
N ALA A 665 -6.02 9.83 -29.86
CA ALA A 665 -6.89 8.68 -30.08
C ALA A 665 -7.84 8.48 -28.91
N LEU A 666 -7.32 8.60 -27.69
CA LEU A 666 -8.16 8.42 -26.51
C LEU A 666 -9.29 9.44 -26.48
N SER A 667 -8.99 10.70 -26.79
CA SER A 667 -10.04 11.72 -26.71
C SER A 667 -11.07 11.57 -27.83
N ILE A 668 -10.67 11.09 -29.01
CA ILE A 668 -11.65 10.84 -30.06
C ILE A 668 -12.58 9.67 -29.69
N GLY A 669 -12.09 8.72 -28.88
CA GLY A 669 -12.92 7.64 -28.41
C GLY A 669 -12.50 6.24 -28.80
N ILE A 670 -11.19 6.03 -28.93
CA ILE A 670 -10.70 4.70 -29.28
C ILE A 670 -11.00 3.69 -28.18
N PHE A 671 -11.00 4.13 -26.92
CA PHE A 671 -10.89 3.20 -25.80
C PHE A 671 -11.92 2.06 -25.81
N PRO A 672 -13.21 2.31 -25.91
CA PRO A 672 -14.16 1.20 -25.83
C PRO A 672 -13.97 0.17 -26.93
N TYR A 673 -13.54 0.59 -28.12
CA TYR A 673 -13.32 -0.36 -29.21
C TYR A 673 -12.23 -1.36 -28.83
N VAL A 674 -11.10 -0.86 -28.33
CA VAL A 674 -9.98 -1.73 -28.01
C VAL A 674 -10.25 -2.53 -26.74
N LEU A 675 -11.21 -2.10 -25.92
CA LEU A 675 -11.67 -2.97 -24.84
C LEU A 675 -12.54 -4.10 -25.38
N LYS A 676 -13.44 -3.77 -26.30
CA LYS A 676 -14.34 -4.77 -26.88
C LYS A 676 -13.56 -5.83 -27.64
N LEU A 677 -12.54 -5.42 -28.39
CA LEU A 677 -11.79 -6.37 -29.20
C LEU A 677 -11.14 -7.46 -28.36
N LEU A 678 -10.92 -7.21 -27.07
CA LEU A 678 -10.33 -8.23 -26.22
C LEU A 678 -11.23 -9.45 -26.11
N GLN A 679 -12.50 -9.35 -26.51
CA GLN A 679 -13.37 -10.52 -26.55
C GLN A 679 -13.21 -11.33 -27.83
N SER A 680 -12.71 -10.74 -28.90
CA SER A 680 -12.65 -11.44 -30.18
C SER A 680 -11.70 -12.62 -30.12
N ALA A 681 -12.13 -13.74 -30.70
CA ALA A 681 -11.32 -14.94 -30.73
C ALA A 681 -10.24 -14.92 -31.81
N ALA A 682 -10.34 -14.00 -32.77
CA ALA A 682 -9.39 -13.98 -33.88
C ALA A 682 -7.98 -13.83 -33.35
N GLN A 683 -7.09 -14.75 -33.74
CA GLN A 683 -5.70 -14.68 -33.35
C GLN A 683 -4.90 -13.75 -34.25
N GLU A 684 -5.46 -13.31 -35.37
CA GLU A 684 -4.81 -12.27 -36.16
C GLU A 684 -4.56 -11.04 -35.31
N LEU A 685 -5.51 -10.72 -34.42
CA LEU A 685 -5.50 -9.44 -33.72
C LEU A 685 -4.49 -9.40 -32.60
N LYS A 686 -4.29 -10.53 -31.92
CA LYS A 686 -3.61 -10.55 -30.63
C LYS A 686 -2.35 -9.70 -30.61
N PRO A 687 -1.39 -9.90 -31.51
CA PRO A 687 -0.18 -9.05 -31.46
C PRO A 687 -0.46 -7.57 -31.61
N VAL A 688 -1.37 -7.19 -32.51
CA VAL A 688 -1.71 -5.77 -32.66
C VAL A 688 -2.34 -5.26 -31.39
N MET A 689 -3.25 -6.05 -30.80
CA MET A 689 -3.87 -5.66 -29.54
C MET A 689 -2.82 -5.44 -28.47
N VAL A 690 -1.83 -6.32 -28.39
CA VAL A 690 -0.79 -6.19 -27.38
C VAL A 690 -0.05 -4.87 -27.57
N PHE A 691 0.37 -4.58 -28.80
CA PHE A 691 1.09 -3.33 -29.03
C PHE A 691 0.24 -2.13 -28.64
N ILE A 692 -1.01 -2.10 -29.10
CA ILE A 692 -1.88 -0.97 -28.82
C ILE A 692 -2.02 -0.77 -27.33
N TRP A 693 -2.27 -1.86 -26.60
CA TRP A 693 -2.51 -1.72 -25.16
C TRP A 693 -1.26 -1.30 -24.42
N THR A 694 -0.08 -1.77 -24.83
CA THR A 694 1.12 -1.29 -24.14
C THR A 694 1.29 0.21 -24.38
N ARG A 695 1.09 0.66 -25.62
CA ARG A 695 1.25 2.08 -25.88
C ARG A 695 0.23 2.92 -25.13
N ILE A 696 -0.96 2.36 -24.85
CA ILE A 696 -1.95 3.10 -24.09
C ILE A 696 -1.58 3.14 -22.61
N LEU A 697 -1.30 1.98 -22.01
CA LEU A 697 -1.00 1.94 -20.58
C LEU A 697 0.25 2.75 -20.25
N ALA A 698 1.21 2.81 -21.17
CA ALA A 698 2.43 3.55 -20.90
C ALA A 698 2.20 5.05 -20.74
N VAL A 699 1.06 5.58 -21.17
CA VAL A 699 0.79 7.01 -21.03
C VAL A 699 -0.41 7.32 -20.17
N ASP A 700 -1.17 6.35 -19.71
CA ASP A 700 -2.25 6.64 -18.77
C ASP A 700 -2.58 5.35 -18.03
N ILE A 701 -1.99 5.18 -16.84
CA ILE A 701 -2.13 3.91 -16.14
C ILE A 701 -3.50 3.67 -15.53
N SER A 702 -4.37 4.67 -15.50
CA SER A 702 -5.71 4.45 -14.95
C SER A 702 -6.46 3.37 -15.72
N CYS A 703 -6.12 3.17 -16.99
CA CYS A 703 -6.78 2.12 -17.76
C CYS A 703 -6.61 0.76 -17.11
N GLN A 704 -5.58 0.58 -16.28
CA GLN A 704 -5.43 -0.66 -15.53
C GLN A 704 -6.73 -1.08 -14.86
N GLN A 705 -7.57 -0.10 -14.50
CA GLN A 705 -8.85 -0.41 -13.88
C GLN A 705 -9.77 -1.11 -14.86
N ASP A 706 -10.09 -0.45 -15.98
CA ASP A 706 -11.03 -1.03 -16.93
C ASP A 706 -10.53 -2.39 -17.39
N LEU A 707 -9.24 -2.47 -17.72
CA LEU A 707 -8.66 -3.72 -18.21
C LEU A 707 -8.90 -4.84 -17.21
N ILE A 708 -8.77 -4.56 -15.91
CA ILE A 708 -8.96 -5.63 -14.94
C ILE A 708 -10.43 -6.01 -14.85
N LYS A 709 -11.33 -5.01 -14.99
CA LYS A 709 -12.75 -5.27 -14.87
C LYS A 709 -13.29 -6.01 -16.08
N ASP A 710 -12.77 -5.70 -17.27
CA ASP A 710 -13.19 -6.35 -18.51
C ASP A 710 -12.32 -7.55 -18.85
N ASN A 711 -11.69 -8.16 -17.84
CA ASN A 711 -11.02 -9.45 -17.98
C ASN A 711 -9.84 -9.40 -18.96
N GLY A 712 -9.17 -8.25 -19.08
CA GLY A 712 -8.00 -8.22 -19.94
C GLY A 712 -6.88 -9.09 -19.44
N TYR A 713 -6.75 -9.21 -18.11
CA TYR A 713 -5.64 -9.96 -17.54
C TYR A 713 -5.59 -11.37 -18.11
N THR A 714 -6.75 -12.00 -18.31
CA THR A 714 -6.74 -13.34 -18.90
C THR A 714 -6.22 -13.30 -20.34
N TYR A 715 -6.66 -12.32 -21.14
CA TYR A 715 -6.20 -12.20 -22.51
C TYR A 715 -4.68 -12.20 -22.58
N PHE A 716 -4.06 -11.32 -21.79
CA PHE A 716 -2.62 -11.16 -21.93
C PHE A 716 -1.85 -12.28 -21.23
N SER A 717 -2.35 -12.79 -20.10
CA SER A 717 -1.75 -13.97 -19.49
C SER A 717 -1.74 -15.14 -20.47
N SER A 718 -2.84 -15.36 -21.19
CA SER A 718 -2.88 -16.45 -22.15
C SER A 718 -1.87 -16.25 -23.25
N ILE A 719 -1.72 -15.00 -23.73
CA ILE A 719 -0.71 -14.78 -24.77
C ILE A 719 0.69 -15.06 -24.22
N MET A 720 0.93 -14.78 -22.93
CA MET A 720 2.28 -14.91 -22.38
C MET A 720 2.64 -16.33 -21.94
N ARG A 721 1.71 -17.29 -21.99
CA ARG A 721 2.03 -18.63 -21.53
C ARG A 721 3.24 -19.17 -22.29
N PRO A 722 4.04 -20.03 -21.66
CA PRO A 722 5.30 -20.46 -22.29
C PRO A 722 5.12 -21.24 -23.59
N ASN A 723 4.05 -22.02 -23.75
CA ASN A 723 3.86 -22.78 -24.98
C ASN A 723 3.02 -22.04 -26.01
N GLU A 724 2.52 -20.86 -25.70
CA GLU A 724 1.62 -20.15 -26.60
C GLU A 724 2.38 -19.47 -27.73
N THR A 725 2.09 -19.87 -28.96
CA THR A 725 2.71 -19.32 -30.16
C THR A 725 1.68 -18.46 -30.87
N ILE A 726 1.99 -17.18 -31.05
CA ILE A 726 1.04 -16.23 -31.61
C ILE A 726 1.35 -16.00 -33.09
N PRO A 727 0.34 -15.88 -33.95
CA PRO A 727 0.63 -15.70 -35.39
C PRO A 727 1.09 -14.28 -35.69
N VAL A 728 2.26 -14.15 -36.31
CA VAL A 728 2.68 -12.87 -36.85
C VAL A 728 1.83 -12.58 -38.08
N VAL A 729 1.29 -11.37 -38.17
CA VAL A 729 0.46 -10.99 -39.31
C VAL A 729 0.65 -9.52 -39.60
N GLY A 730 0.60 -9.17 -40.89
CA GLY A 730 0.75 -7.79 -41.30
C GLY A 730 2.21 -7.36 -41.23
N LEU A 731 2.41 -6.06 -41.06
CA LEU A 731 3.75 -5.50 -40.90
C LEU A 731 4.12 -5.46 -39.42
N SER A 732 3.97 -6.60 -38.77
CA SER A 732 4.28 -6.67 -37.34
C SER A 732 5.78 -6.59 -37.14
N VAL A 733 6.33 -5.38 -37.31
CA VAL A 733 7.78 -5.22 -37.30
C VAL A 733 8.34 -5.59 -35.93
N ILE A 734 7.53 -5.43 -34.87
CA ILE A 734 7.96 -5.66 -33.50
C ILE A 734 8.18 -7.15 -33.23
N ASP A 735 9.41 -7.49 -32.83
CA ASP A 735 9.78 -8.84 -32.39
C ASP A 735 9.69 -9.02 -30.88
N GLU A 736 9.43 -7.95 -30.12
CA GLU A 736 9.38 -7.98 -28.65
C GLU A 736 7.98 -8.40 -28.20
N HIS A 737 7.64 -9.64 -28.55
CA HIS A 737 6.24 -10.03 -28.61
C HIS A 737 5.62 -10.21 -27.22
N LYS A 738 6.11 -11.18 -26.44
CA LYS A 738 5.55 -11.42 -25.12
C LYS A 738 5.98 -10.38 -24.10
N ALA A 739 7.22 -9.89 -24.18
CA ALA A 739 7.69 -8.92 -23.21
C ALA A 739 6.70 -7.78 -23.06
N MET A 740 6.00 -7.43 -24.14
CA MET A 740 4.95 -6.42 -24.03
C MET A 740 3.81 -6.91 -23.13
N CYS A 741 3.45 -8.19 -23.23
CA CYS A 741 2.45 -8.72 -22.30
C CYS A 741 2.92 -8.61 -20.86
N ALA A 742 4.18 -8.96 -20.61
CA ALA A 742 4.74 -8.80 -19.27
C ALA A 742 4.62 -7.36 -18.81
N PHE A 743 4.94 -6.40 -19.67
CA PHE A 743 4.84 -5.00 -19.29
C PHE A 743 3.39 -4.62 -18.98
N ILE A 744 2.46 -5.08 -19.82
CA ILE A 744 1.05 -4.78 -19.59
C ILE A 744 0.64 -5.26 -18.22
N LEU A 745 0.99 -6.51 -17.88
CA LEU A 745 0.56 -7.07 -16.62
C LEU A 745 1.23 -6.38 -15.45
N SER A 746 2.51 -6.03 -15.58
CA SER A 746 3.15 -5.21 -14.58
C SER A 746 2.33 -3.95 -14.32
N MET A 747 1.92 -3.26 -15.39
CA MET A 747 1.14 -2.04 -15.19
C MET A 747 -0.23 -2.35 -14.60
N LEU A 748 -0.80 -3.53 -14.89
CA LEU A 748 -2.05 -3.91 -14.24
C LEU A 748 -1.89 -4.03 -12.74
N CYS A 749 -0.71 -4.43 -12.28
CA CYS A 749 -0.47 -4.59 -10.84
C CYS A 749 0.24 -3.40 -10.20
N LYS A 750 0.56 -2.34 -10.94
CA LYS A 750 1.28 -1.20 -10.36
C LYS A 750 0.30 -0.38 -9.54
N GLY A 751 0.61 -0.20 -8.26
CA GLY A 751 -0.44 0.25 -7.37
C GLY A 751 -1.49 -0.84 -7.55
N PHE A 752 -2.74 -0.50 -7.28
CA PHE A 752 -3.84 -1.39 -7.66
C PHE A 752 -3.73 -2.77 -7.04
N LYS A 753 -4.04 -2.85 -5.75
CA LYS A 753 -4.01 -4.15 -5.08
C LYS A 753 -4.96 -5.14 -5.76
N THR A 754 -6.18 -4.70 -6.07
CA THR A 754 -7.14 -5.61 -6.66
C THR A 754 -6.57 -6.29 -7.91
N GLY A 755 -5.76 -5.56 -8.68
CA GLY A 755 -5.09 -6.19 -9.79
C GLY A 755 -4.07 -7.23 -9.35
N GLN A 756 -3.31 -6.91 -8.29
CA GLN A 756 -2.38 -7.88 -7.72
C GLN A 756 -3.10 -9.17 -7.34
N VAL A 757 -4.29 -9.05 -6.76
CA VAL A 757 -5.06 -10.21 -6.33
C VAL A 757 -5.54 -11.02 -7.53
N VAL A 758 -6.22 -10.35 -8.46
CA VAL A 758 -6.73 -11.03 -9.63
C VAL A 758 -5.60 -11.76 -10.34
N CYS A 759 -4.48 -11.07 -10.57
CA CYS A 759 -3.37 -11.67 -11.28
C CYS A 759 -2.75 -12.82 -10.49
N ASN A 760 -2.77 -12.75 -9.15
CA ASN A 760 -2.29 -13.88 -8.38
C ASN A 760 -3.23 -15.07 -8.44
N SER A 761 -4.47 -14.87 -8.89
CA SER A 761 -5.31 -16.03 -9.15
C SER A 761 -4.90 -16.78 -10.41
N THR A 762 -4.14 -16.14 -11.31
CA THR A 762 -3.83 -16.70 -12.62
C THR A 762 -2.43 -17.29 -12.64
N GLU A 763 -2.04 -17.79 -13.82
CA GLU A 763 -0.74 -18.41 -14.05
C GLU A 763 0.36 -17.38 -14.37
N ILE A 764 0.14 -16.09 -14.10
CA ILE A 764 1.09 -15.08 -14.54
C ILE A 764 2.45 -15.30 -13.90
N MET A 765 2.48 -15.45 -12.57
CA MET A 765 3.76 -15.59 -11.89
C MET A 765 4.57 -16.74 -12.48
N THR A 766 3.92 -17.88 -12.72
CA THR A 766 4.65 -19.04 -13.21
C THR A 766 5.25 -18.77 -14.59
N SER A 767 4.49 -18.12 -15.47
CA SER A 767 5.02 -17.81 -16.79
C SER A 767 6.22 -16.86 -16.69
N CYS A 768 6.11 -15.82 -15.86
CA CYS A 768 7.22 -14.89 -15.69
C CYS A 768 8.47 -15.65 -15.22
N LEU A 769 8.29 -16.51 -14.22
CA LEU A 769 9.41 -17.28 -13.70
C LEU A 769 9.99 -18.17 -14.77
N TYR A 770 9.15 -18.77 -15.60
CA TYR A 770 9.63 -19.59 -16.70
C TYR A 770 10.52 -18.76 -17.62
N HIS A 771 10.09 -17.55 -17.97
CA HIS A 771 10.87 -16.77 -18.91
C HIS A 771 12.18 -16.28 -18.32
N THR A 772 12.28 -16.16 -16.98
CA THR A 772 13.57 -15.84 -16.40
C THR A 772 14.60 -16.93 -16.72
N GLU A 773 14.17 -18.19 -16.76
CA GLU A 773 15.12 -19.29 -16.85
C GLU A 773 15.59 -19.54 -18.28
N HIS A 774 14.68 -19.41 -19.30
CA HIS A 774 15.06 -19.82 -20.65
C HIS A 774 15.44 -18.63 -21.54
N PRO A 775 16.38 -18.84 -22.46
CA PRO A 775 17.17 -17.75 -23.05
C PRO A 775 16.52 -16.94 -24.16
N ASP A 776 17.34 -16.02 -24.69
CA ASP A 776 17.28 -15.28 -25.95
C ASP A 776 16.38 -14.04 -26.01
N ASN A 777 15.60 -13.69 -24.99
CA ASN A 777 14.94 -12.39 -25.01
C ASN A 777 15.29 -11.63 -23.74
N PRO A 778 16.10 -10.58 -23.82
CA PRO A 778 16.49 -9.87 -22.59
C PRO A 778 15.37 -9.01 -22.08
N LEU A 779 14.63 -8.38 -22.99
CA LEU A 779 13.49 -7.59 -22.55
C LEU A 779 12.45 -8.44 -21.83
N LEU A 780 12.23 -9.66 -22.30
CA LEU A 780 11.28 -10.53 -21.60
C LEU A 780 11.79 -10.86 -20.21
N ARG A 781 13.08 -11.17 -20.06
CA ARG A 781 13.62 -11.44 -18.73
C ARG A 781 13.45 -10.23 -17.83
N GLN A 782 13.84 -9.07 -18.33
CA GLN A 782 13.67 -7.82 -17.59
C GLN A 782 12.23 -7.65 -17.12
N TRP A 783 11.29 -7.60 -18.06
CA TRP A 783 9.93 -7.29 -17.70
C TRP A 783 9.23 -8.42 -16.97
N SER A 784 9.75 -9.65 -17.04
CA SER A 784 9.23 -10.70 -16.19
C SER A 784 9.66 -10.47 -14.74
N CYS A 785 10.91 -10.07 -14.53
CA CYS A 785 11.32 -9.70 -13.17
C CYS A 785 10.51 -8.50 -12.67
N LEU A 786 10.29 -7.50 -13.52
CA LEU A 786 9.50 -6.35 -13.06
C LEU A 786 8.06 -6.78 -12.75
N CYS A 787 7.50 -7.66 -13.58
CA CYS A 787 6.16 -8.17 -13.32
C CYS A 787 6.09 -8.84 -11.96
N ILE A 788 7.09 -9.68 -11.64
CA ILE A 788 7.11 -10.31 -10.33
C ILE A 788 7.20 -9.25 -9.24
N SER A 789 8.08 -8.26 -9.43
CA SER A 789 8.24 -7.23 -8.41
C SER A 789 6.91 -6.55 -8.10
N GLN A 790 6.13 -6.23 -9.14
CA GLN A 790 4.84 -5.60 -8.94
C GLN A 790 3.76 -6.59 -8.52
N LEU A 791 3.96 -7.87 -8.77
CA LEU A 791 2.92 -8.88 -8.51
C LEU A 791 2.74 -9.13 -7.02
N TRP A 792 3.81 -8.97 -6.24
CA TRP A 792 3.78 -9.26 -4.81
C TRP A 792 4.21 -8.07 -3.96
N LYS A 793 4.16 -6.84 -4.49
CA LYS A 793 4.85 -5.74 -3.83
C LYS A 793 4.43 -5.63 -2.36
N ASP A 794 3.12 -5.57 -2.11
CA ASP A 794 2.62 -5.51 -0.75
C ASP A 794 1.52 -6.55 -0.55
N PHE A 795 1.60 -7.65 -1.30
CA PHE A 795 0.58 -8.69 -1.30
C PHE A 795 1.22 -9.97 -0.76
N ASN A 796 0.86 -10.33 0.48
CA ASN A 796 1.58 -11.41 1.15
C ASN A 796 1.29 -12.74 0.49
N GLU A 797 0.03 -13.01 0.14
CA GLU A 797 -0.31 -14.27 -0.50
C GLU A 797 0.54 -14.49 -1.75
N ALA A 798 0.87 -13.41 -2.46
CA ALA A 798 1.73 -13.55 -3.63
C ALA A 798 3.16 -13.88 -3.24
N LYS A 799 3.69 -13.25 -2.18
CA LYS A 799 5.03 -13.58 -1.75
C LYS A 799 5.12 -15.05 -1.38
N TRP A 800 4.11 -15.55 -0.66
CA TRP A 800 4.10 -16.96 -0.29
C TRP A 800 3.99 -17.85 -1.53
N ARG A 801 3.19 -17.45 -2.51
CA ARG A 801 3.14 -18.19 -3.77
C ARG A 801 4.53 -18.26 -4.40
N GLY A 802 5.23 -17.13 -4.43
CA GLY A 802 6.58 -17.13 -4.98
C GLY A 802 7.48 -18.11 -4.27
N ILE A 803 7.45 -18.09 -2.94
CA ILE A 803 8.26 -19.04 -2.18
C ILE A 803 7.86 -20.47 -2.52
N ARG A 804 6.57 -20.68 -2.75
CA ARG A 804 6.07 -22.00 -3.09
C ARG A 804 6.62 -22.49 -4.43
N GLU A 805 6.85 -21.57 -5.37
CA GLU A 805 7.48 -21.91 -6.64
C GLU A 805 8.99 -21.65 -6.62
N ASN A 806 9.56 -21.46 -5.44
CA ASN A 806 10.94 -21.02 -5.26
C ASN A 806 11.30 -19.93 -6.28
N ALA A 807 10.52 -18.87 -6.23
CA ALA A 807 10.84 -17.68 -7.02
C ALA A 807 12.20 -17.12 -6.62
N LEU A 808 12.50 -17.12 -5.33
CA LEU A 808 13.71 -16.45 -4.87
C LEU A 808 14.96 -17.10 -5.47
N GLN A 809 15.01 -18.44 -5.51
CA GLN A 809 16.16 -19.11 -6.11
C GLN A 809 16.27 -18.78 -7.60
N LYS A 810 15.15 -18.90 -8.32
CA LYS A 810 15.17 -18.67 -9.76
C LYS A 810 15.59 -17.24 -10.06
N LEU A 811 15.21 -16.29 -9.21
CA LEU A 811 15.64 -14.90 -9.39
C LEU A 811 17.12 -14.76 -9.09
N ALA A 812 17.58 -15.35 -7.99
CA ALA A 812 19.00 -15.26 -7.65
C ALA A 812 19.88 -15.89 -8.72
N ALA A 813 19.30 -16.75 -9.57
CA ALA A 813 20.05 -17.25 -10.71
C ALA A 813 20.55 -16.11 -11.60
N LEU A 814 19.74 -15.07 -11.77
CA LEU A 814 20.05 -13.97 -12.67
C LEU A 814 21.08 -13.00 -12.11
N ALA A 815 21.71 -13.32 -10.97
CA ALA A 815 22.64 -12.36 -10.38
C ALA A 815 23.78 -12.02 -11.33
N ARG A 816 24.07 -12.89 -12.29
CA ARG A 816 25.17 -12.69 -13.23
C ARG A 816 24.66 -12.67 -14.67
N ASP A 817 23.44 -12.20 -14.88
CA ASP A 817 22.82 -12.30 -16.19
C ASP A 817 23.56 -11.43 -17.20
N SER A 818 23.51 -11.86 -18.47
CA SER A 818 24.11 -11.13 -19.57
C SER A 818 23.78 -9.64 -19.53
N CYS A 819 22.50 -9.30 -19.29
CA CYS A 819 22.01 -7.95 -19.53
C CYS A 819 21.88 -7.18 -18.23
N PRO A 820 22.57 -6.06 -18.04
CA PRO A 820 22.44 -5.32 -16.77
C PRO A 820 21.02 -4.91 -16.41
N GLU A 821 20.18 -4.57 -17.39
CA GLU A 821 18.80 -4.21 -17.03
C GLU A 821 18.07 -5.39 -16.41
N VAL A 822 18.41 -6.62 -16.81
CA VAL A 822 17.80 -7.77 -16.14
C VAL A 822 18.28 -7.86 -14.71
N ARG A 823 19.57 -7.65 -14.47
CA ARG A 823 20.10 -7.70 -13.12
C ARG A 823 19.42 -6.67 -12.22
N ALA A 824 19.26 -5.44 -12.73
CA ALA A 824 18.56 -4.41 -11.98
C ALA A 824 17.11 -4.81 -11.71
N ALA A 825 16.44 -5.36 -12.73
CA ALA A 825 15.05 -5.79 -12.55
C ALA A 825 14.94 -6.85 -11.47
N MET A 826 15.85 -7.83 -11.48
CA MET A 826 15.84 -8.87 -10.47
C MET A 826 16.04 -8.29 -9.08
N ILE A 827 16.99 -7.38 -8.94
CA ILE A 827 17.18 -6.74 -7.63
C ILE A 827 15.90 -6.05 -7.21
N HIS A 828 15.16 -5.46 -8.15
CA HIS A 828 13.93 -4.77 -7.76
C HIS A 828 12.84 -5.76 -7.36
N ALA A 829 12.82 -6.94 -7.97
CA ALA A 829 11.91 -7.99 -7.51
C ALA A 829 12.23 -8.37 -6.07
N MET A 830 13.52 -8.57 -5.78
CA MET A 830 13.90 -8.93 -4.42
C MET A 830 13.57 -7.83 -3.43
N THR A 831 13.86 -6.58 -3.79
CA THR A 831 13.60 -5.47 -2.88
C THR A 831 12.10 -5.35 -2.57
N THR A 832 11.22 -5.62 -3.56
CA THR A 832 9.79 -5.61 -3.23
C THR A 832 9.43 -6.77 -2.33
N PHE A 833 10.02 -7.95 -2.57
CA PHE A 833 9.69 -9.12 -1.75
C PHE A 833 9.88 -8.83 -0.26
N LEU A 834 10.97 -8.16 0.09
CA LEU A 834 11.21 -7.76 1.47
C LEU A 834 9.98 -7.09 2.06
N GLY A 835 9.56 -7.54 3.23
CA GLY A 835 8.43 -6.90 3.86
C GLY A 835 7.49 -7.77 4.69
N ILE A 836 7.52 -9.09 4.49
CA ILE A 836 6.58 -9.98 5.19
C ILE A 836 6.52 -9.55 6.66
N PRO A 837 5.34 -9.15 7.18
CA PRO A 837 5.30 -8.49 8.49
C PRO A 837 5.56 -9.43 9.65
N GLU A 838 4.95 -10.61 9.65
CA GLU A 838 5.23 -11.60 10.68
C GLU A 838 6.64 -12.12 10.43
N VAL A 839 7.61 -11.58 11.17
CA VAL A 839 9.02 -11.88 10.90
C VAL A 839 9.33 -13.14 11.71
N THR A 840 8.98 -14.29 11.12
CA THR A 840 9.27 -15.60 11.64
C THR A 840 10.74 -15.96 11.40
N ASP A 841 11.16 -17.09 11.99
CA ASP A 841 12.48 -17.63 11.67
C ASP A 841 12.56 -17.94 10.18
N GLU A 842 11.51 -18.55 9.63
CA GLU A 842 11.45 -18.84 8.21
C GLU A 842 11.66 -17.59 7.38
N VAL A 843 11.04 -16.48 7.78
CA VAL A 843 11.02 -15.29 6.94
C VAL A 843 12.38 -14.62 6.93
N ALA A 844 12.97 -14.43 8.11
CA ALA A 844 14.30 -13.82 8.16
C ALA A 844 15.35 -14.73 7.54
N ARG A 845 15.13 -16.04 7.60
CA ARG A 845 16.00 -16.97 6.87
C ARG A 845 15.93 -16.72 5.37
N LEU A 846 14.72 -16.57 4.83
CA LEU A 846 14.59 -16.31 3.40
C LEU A 846 15.23 -14.98 3.02
N GLU A 847 14.98 -13.95 3.81
CA GLU A 847 15.51 -12.62 3.47
C GLU A 847 17.02 -12.58 3.58
N GLU A 848 17.58 -13.29 4.57
CA GLU A 848 19.03 -13.40 4.66
C GLU A 848 19.60 -14.13 3.46
N GLY A 849 18.93 -15.20 3.02
CA GLY A 849 19.36 -15.87 1.80
C GLY A 849 19.38 -14.93 0.61
N ILE A 850 18.31 -14.12 0.47
CA ILE A 850 18.28 -13.12 -0.59
C ILE A 850 19.52 -12.24 -0.51
N ALA A 851 19.75 -11.64 0.66
CA ALA A 851 20.86 -10.70 0.83
C ALA A 851 22.19 -11.37 0.53
N TRP A 852 22.33 -12.65 0.90
CA TRP A 852 23.53 -13.40 0.57
C TRP A 852 23.70 -13.49 -0.95
N ALA A 853 22.65 -13.90 -1.65
CA ALA A 853 22.74 -14.06 -3.11
C ALA A 853 23.15 -12.75 -3.78
N LEU A 854 22.51 -11.65 -3.36
CA LEU A 854 22.80 -10.35 -3.98
C LEU A 854 24.13 -9.76 -3.53
N LEU A 855 24.69 -10.23 -2.42
CA LEU A 855 25.99 -9.75 -1.97
C LEU A 855 27.04 -9.87 -3.07
N GLU A 856 26.92 -10.91 -3.90
CA GLU A 856 27.82 -11.08 -5.03
C GLU A 856 27.86 -9.84 -5.91
N MET A 857 26.72 -9.19 -6.11
CA MET A 857 26.56 -8.20 -7.17
C MET A 857 27.15 -6.84 -6.82
N ALA A 858 27.78 -6.70 -5.66
CA ALA A 858 28.38 -5.42 -5.31
C ALA A 858 29.50 -5.03 -6.28
N THR A 859 30.06 -6.01 -7.00
CA THR A 859 31.20 -5.75 -7.87
C THR A 859 30.84 -5.44 -9.32
N ASP A 860 29.63 -5.72 -9.78
CA ASP A 860 29.40 -5.64 -11.22
C ASP A 860 29.55 -4.19 -11.68
N GLY A 861 29.88 -4.03 -12.95
CA GLY A 861 30.32 -2.75 -13.48
C GLY A 861 29.24 -1.73 -13.77
N SER A 862 27.96 -2.10 -13.72
CA SER A 862 26.92 -1.20 -14.22
C SER A 862 26.40 -0.33 -13.09
N PRO A 863 26.62 0.99 -13.12
CA PRO A 863 26.08 1.84 -12.04
C PRO A 863 24.60 1.66 -11.83
N ILE A 864 23.84 1.46 -12.91
CA ILE A 864 22.41 1.15 -12.80
C ILE A 864 22.20 0.03 -11.77
N VAL A 865 23.00 -1.04 -11.90
CA VAL A 865 22.80 -2.22 -11.06
C VAL A 865 23.22 -1.93 -9.63
N ARG A 866 24.35 -1.26 -9.44
CA ARG A 866 24.79 -0.96 -8.09
C ARG A 866 23.83 -0.01 -7.39
N LYS A 867 23.25 0.94 -8.14
CA LYS A 867 22.25 1.82 -7.56
C LYS A 867 21.05 1.02 -7.06
N GLU A 868 20.57 0.06 -7.86
CA GLU A 868 19.46 -0.75 -7.38
C GLU A 868 19.89 -1.60 -6.18
N LEU A 869 21.12 -2.09 -6.18
CA LEU A 869 21.60 -2.85 -5.03
C LEU A 869 21.57 -2.01 -3.76
N LEU A 870 21.97 -0.75 -3.88
CA LEU A 870 21.95 0.14 -2.72
C LEU A 870 20.53 0.44 -2.28
N VAL A 871 19.59 0.51 -3.22
CA VAL A 871 18.18 0.62 -2.84
C VAL A 871 17.76 -0.58 -2.00
N PHE A 872 18.09 -1.77 -2.49
CA PHE A 872 17.74 -2.99 -1.77
C PHE A 872 18.34 -3.00 -0.38
N TRP A 873 19.62 -2.65 -0.27
CA TRP A 873 20.26 -2.65 1.04
C TRP A 873 19.72 -1.55 1.94
N SER A 874 19.33 -0.41 1.37
CA SER A 874 18.61 0.58 2.16
C SER A 874 17.46 -0.09 2.90
N VAL A 875 16.59 -0.75 2.13
CA VAL A 875 15.43 -1.39 2.75
C VAL A 875 15.88 -2.47 3.74
N PHE A 876 16.86 -3.28 3.35
CA PHE A 876 17.28 -4.41 4.18
C PHE A 876 17.92 -3.95 5.48
N VAL A 877 18.65 -2.83 5.45
CA VAL A 877 19.24 -2.27 6.66
C VAL A 877 18.15 -1.75 7.58
N LEU A 878 17.17 -1.03 7.03
CA LEU A 878 16.06 -0.61 7.89
C LEU A 878 15.39 -1.81 8.54
N ARG A 879 15.18 -2.89 7.77
CA ARG A 879 14.55 -4.07 8.36
C ARG A 879 15.34 -4.60 9.55
N TYR A 880 16.66 -4.71 9.41
CA TYR A 880 17.51 -5.33 10.43
C TYR A 880 18.46 -4.32 11.05
N GLU A 881 17.98 -3.10 11.29
CA GLU A 881 18.80 -2.03 11.84
C GLU A 881 19.69 -2.49 12.98
N ASN A 882 19.17 -3.29 13.90
CA ASN A 882 19.94 -3.70 15.07
C ASN A 882 21.23 -4.39 14.66
N LYS A 883 21.10 -5.42 13.80
CA LYS A 883 22.25 -6.18 13.34
C LYS A 883 23.29 -5.26 12.73
N PHE A 884 22.84 -4.26 11.98
CA PHE A 884 23.80 -3.38 11.32
C PHE A 884 24.44 -2.43 12.30
N LEU A 885 23.73 -1.98 13.34
CA LEU A 885 24.38 -1.16 14.35
C LEU A 885 25.49 -1.95 15.03
N VAL A 886 25.20 -3.21 15.39
CA VAL A 886 26.25 -4.01 16.04
C VAL A 886 27.43 -4.21 15.10
N ALA A 887 27.17 -4.48 13.82
CA ALA A 887 28.28 -4.69 12.89
C ALA A 887 29.08 -3.41 12.67
N ALA A 888 28.39 -2.27 12.61
CA ALA A 888 29.08 -1.00 12.42
C ALA A 888 29.98 -0.68 13.61
N TYR A 889 29.50 -0.95 14.82
CA TYR A 889 30.34 -0.79 16.01
C TYR A 889 31.53 -1.76 15.97
N GLU A 890 31.24 -3.03 15.68
CA GLU A 890 32.29 -4.04 15.48
C GLU A 890 33.42 -3.53 14.62
N GLN A 891 33.08 -2.95 13.46
CA GLN A 891 34.12 -2.56 12.53
C GLN A 891 34.91 -1.37 13.04
N LEU A 892 34.28 -0.48 13.81
CA LEU A 892 35.01 0.59 14.47
C LEU A 892 36.04 0.01 15.45
N LEU A 893 35.62 -0.92 16.31
CA LEU A 893 36.55 -1.47 17.29
C LEU A 893 37.68 -2.23 16.60
N GLU A 894 37.35 -3.03 15.58
CA GLU A 894 38.40 -3.74 14.87
C GLU A 894 39.31 -2.80 14.10
N GLU A 895 38.86 -1.58 13.81
CA GLU A 895 39.77 -0.56 13.28
C GLU A 895 40.57 0.11 14.38
N LYS A 896 40.08 0.08 15.62
CA LYS A 896 40.81 0.68 16.72
C LYS A 896 42.08 -0.11 17.03
N GLU A 897 41.94 -1.42 17.28
CA GLU A 897 43.10 -2.24 17.59
C GLU A 897 44.05 -2.31 16.40
N TYR A 898 43.54 -2.14 15.19
CA TYR A 898 44.37 -2.09 14.00
C TYR A 898 45.45 -1.00 14.12
N ASP A 938 27.47 -12.74 13.92
CA ASP A 938 26.59 -12.76 12.76
C ASP A 938 27.37 -12.29 11.52
N SER A 939 27.60 -13.22 10.60
CA SER A 939 28.62 -13.03 9.58
C SER A 939 28.17 -12.09 8.46
N LEU A 940 27.03 -12.40 7.83
CA LEU A 940 26.64 -11.68 6.63
C LEU A 940 26.62 -10.17 6.84
N TYR A 941 26.06 -9.72 7.96
CA TYR A 941 25.82 -8.29 8.11
C TYR A 941 27.13 -7.52 8.12
N ALA A 942 28.21 -8.14 8.58
CA ALA A 942 29.52 -7.51 8.47
C ALA A 942 29.93 -7.33 7.01
N ALA A 943 29.66 -8.33 6.16
CA ALA A 943 30.01 -8.21 4.75
C ALA A 943 29.17 -7.13 4.06
N ILE A 944 27.88 -7.06 4.39
CA ILE A 944 27.05 -6.00 3.81
C ILE A 944 27.57 -4.64 4.23
N TRP A 945 27.92 -4.48 5.52
CA TRP A 945 28.46 -3.20 5.97
C TRP A 945 29.78 -2.90 5.26
N LYS A 946 30.64 -3.90 5.11
CA LYS A 946 31.91 -3.67 4.43
C LYS A 946 31.66 -3.14 3.03
N HIS A 947 30.82 -3.82 2.25
CA HIS A 947 30.57 -3.37 0.89
C HIS A 947 29.87 -2.02 0.86
N LEU A 948 29.01 -1.73 1.85
CA LEU A 948 28.40 -0.41 1.90
C LEU A 948 29.47 0.66 2.04
N CYS A 949 30.44 0.41 2.92
CA CYS A 949 31.54 1.36 3.08
C CYS A 949 32.35 1.46 1.80
N ILE A 950 32.69 0.33 1.19
CA ILE A 950 33.43 0.36 -0.07
C ILE A 950 32.69 1.22 -1.09
N MET A 951 31.38 0.98 -1.23
CA MET A 951 30.59 1.70 -2.21
C MET A 951 30.41 3.16 -1.85
N SER A 952 30.67 3.53 -0.60
CA SER A 952 30.74 4.96 -0.30
C SER A 952 31.97 5.62 -0.89
N VAL A 953 32.79 4.87 -1.64
CA VAL A 953 33.87 5.43 -2.45
C VAL A 953 33.80 4.99 -3.90
N ASP A 954 32.82 4.15 -4.27
CA ASP A 954 32.56 3.75 -5.64
C ASP A 954 32.78 4.98 -6.52
N PRO A 955 33.53 4.86 -7.61
CA PRO A 955 33.90 6.08 -8.37
C PRO A 955 32.72 6.75 -9.05
N HIS A 956 31.63 6.03 -9.33
CA HIS A 956 30.46 6.64 -9.97
C HIS A 956 29.74 7.53 -8.95
N PRO A 957 29.52 8.81 -9.24
CA PRO A 957 29.03 9.72 -8.19
C PRO A 957 27.70 9.33 -7.58
N GLU A 958 26.74 8.85 -8.37
CA GLU A 958 25.43 8.51 -7.81
C GLU A 958 25.53 7.33 -6.86
N VAL A 959 26.35 6.33 -7.21
CA VAL A 959 26.53 5.18 -6.34
C VAL A 959 27.14 5.63 -5.02
N GLN A 960 28.17 6.47 -5.10
CA GLN A 960 28.79 7.01 -3.90
C GLN A 960 27.77 7.74 -3.04
N ARG A 961 26.94 8.58 -3.67
CA ARG A 961 25.96 9.36 -2.91
C ARG A 961 25.01 8.43 -2.14
N ASP A 962 24.43 7.45 -2.84
CA ASP A 962 23.49 6.55 -2.18
C ASP A 962 24.17 5.77 -1.06
N ALA A 963 25.35 5.22 -1.33
CA ALA A 963 26.02 4.38 -0.35
C ALA A 963 26.42 5.17 0.89
N THR A 964 26.94 6.39 0.69
CA THR A 964 27.25 7.22 1.84
C THR A 964 26.00 7.49 2.66
N THR A 965 24.91 7.94 2.04
CA THR A 965 23.72 8.24 2.83
C THR A 965 23.29 7.04 3.67
N ILE A 966 23.43 5.82 3.13
CA ILE A 966 23.13 4.65 3.97
C ILE A 966 24.06 4.60 5.17
N VAL A 967 25.37 4.72 4.92
CA VAL A 967 26.35 4.61 6.01
C VAL A 967 26.13 5.71 7.05
N ASP A 968 25.87 6.94 6.58
CA ASP A 968 25.66 8.07 7.47
C ASP A 968 24.40 7.88 8.31
N TYR A 969 23.35 7.30 7.73
CA TYR A 969 22.18 7.00 8.54
C TYR A 969 22.51 6.02 9.65
N ILE A 970 23.27 4.97 9.33
CA ILE A 970 23.58 3.98 10.35
C ILE A 970 24.48 4.58 11.42
N HIS A 971 25.41 5.46 11.05
CA HIS A 971 26.26 6.10 12.06
C HIS A 971 25.43 7.04 12.95
N HIS A 972 24.53 7.83 12.36
CA HIS A 972 23.71 8.73 13.16
C HIS A 972 22.72 7.97 14.03
N ALA A 973 22.43 6.71 13.70
CA ALA A 973 21.62 5.89 14.60
C ALA A 973 22.46 5.18 15.64
N LEU A 974 23.73 4.91 15.34
CA LEU A 974 24.63 4.33 16.33
C LEU A 974 25.01 5.34 17.40
N LEU A 975 25.16 6.61 17.04
CA LEU A 975 25.41 7.62 18.05
C LEU A 975 24.19 7.81 18.95
N HIS A 976 23.01 7.94 18.35
CA HIS A 976 21.76 8.08 19.10
C HIS A 976 21.29 6.76 19.68
N SER A 977 21.99 5.66 19.39
CA SER A 977 21.70 4.40 20.03
C SER A 977 22.06 4.53 21.51
N PRO A 978 21.68 3.56 22.34
CA PRO A 978 22.14 3.58 23.73
C PRO A 978 23.61 3.22 23.85
N VAL A 979 24.45 3.86 23.04
CA VAL A 979 25.89 3.69 23.11
C VAL A 979 26.57 5.04 22.89
N GLY A 980 26.92 5.72 23.98
CA GLY A 980 27.71 6.94 23.86
C GLY A 980 29.18 6.67 23.67
N THR A 981 29.62 5.46 24.01
CA THR A 981 30.91 4.94 23.61
C THR A 981 31.17 5.26 22.15
N GLN A 982 30.10 5.27 21.34
CA GLN A 982 30.25 5.49 19.90
C GLN A 982 30.95 6.82 19.62
N ALA A 983 30.33 7.93 20.03
CA ALA A 983 30.93 9.24 19.78
C ALA A 983 32.40 9.24 20.13
N GLN A 984 32.75 8.64 21.26
CA GLN A 984 34.15 8.54 21.65
C GLN A 984 34.94 7.79 20.58
N THR A 985 34.63 6.51 20.37
CA THR A 985 35.42 5.68 19.45
C THR A 985 35.59 6.37 18.10
N LEU A 986 34.53 7.02 17.61
CA LEU A 986 34.61 7.74 16.34
C LEU A 986 35.63 8.86 16.42
N MET A 987 35.61 9.65 17.50
CA MET A 987 36.57 10.74 17.64
C MET A 987 37.99 10.21 17.87
N ASP A 988 38.12 9.20 18.72
CA ASP A 988 39.36 8.46 18.90
C ASP A 988 40.01 8.15 17.56
N GLU A 989 39.23 7.53 16.66
CA GLU A 989 39.78 7.15 15.36
C GLU A 989 40.11 8.36 14.50
N ILE A 990 39.31 9.43 14.61
CA ILE A 990 39.59 10.63 13.83
C ILE A 990 40.95 11.22 14.22
N LEU A 991 41.23 11.32 15.52
CA LEU A 991 42.48 11.93 15.96
C LEU A 991 43.69 11.10 15.54
N ARG A 992 43.60 9.77 15.65
CA ARG A 992 44.70 8.89 15.29
C ARG A 992 44.66 8.56 13.80
N ALA A 1089 49.95 18.59 -8.00
CA ALA A 1089 49.30 18.93 -9.26
C ALA A 1089 47.93 18.25 -9.36
N TYR A 1090 47.12 18.42 -8.31
CA TYR A 1090 45.91 17.63 -8.12
C TYR A 1090 44.69 18.51 -8.01
N HIS A 1091 43.53 17.92 -8.34
CA HIS A 1091 42.23 18.58 -8.18
C HIS A 1091 42.24 19.97 -8.80
N VAL A 1092 42.81 20.07 -10.01
CA VAL A 1092 43.07 21.37 -10.63
C VAL A 1092 41.89 21.82 -11.51
N ALA A 1093 41.38 20.93 -12.33
CA ALA A 1093 40.31 21.24 -13.27
C ALA A 1093 38.98 20.69 -12.76
N PRO A 1094 37.86 21.14 -13.33
CA PRO A 1094 36.56 20.56 -12.95
C PRO A 1094 36.47 19.10 -13.39
N GLU A 1095 36.03 18.24 -12.46
CA GLU A 1095 35.79 16.86 -12.86
C GLU A 1095 34.35 16.69 -13.35
N PRO A 1096 34.13 15.99 -14.46
CA PRO A 1096 32.78 15.87 -15.00
C PRO A 1096 31.97 14.83 -14.23
N LEU A 1097 30.65 14.88 -14.44
CA LEU A 1097 29.71 14.10 -13.66
C LEU A 1097 28.74 13.36 -14.58
N SER A 1098 28.19 12.28 -14.05
CA SER A 1098 27.27 11.44 -14.82
C SER A 1098 26.02 12.22 -15.22
N PRO A 1099 25.45 11.91 -16.39
CA PRO A 1099 24.38 12.75 -16.93
C PRO A 1099 23.18 12.88 -15.99
N GLY A 1100 22.69 14.10 -15.85
CA GLY A 1100 21.51 14.35 -15.05
C GLY A 1100 21.71 14.40 -13.56
N TYR A 1101 22.95 14.53 -13.10
CA TYR A 1101 23.24 14.45 -11.67
C TYR A 1101 22.64 15.64 -10.94
N GLN A 1102 21.94 15.36 -9.83
CA GLN A 1102 21.21 16.36 -9.08
C GLN A 1102 22.12 17.00 -8.03
N GLU A 1103 21.54 17.77 -7.11
CA GLU A 1103 22.32 18.42 -6.06
C GLU A 1103 21.41 18.69 -4.86
N ARG A 1104 21.62 17.95 -3.78
CA ARG A 1104 20.88 18.17 -2.55
C ARG A 1104 21.49 19.33 -1.76
N LYS A 1105 20.88 19.65 -0.62
CA LYS A 1105 21.40 20.68 0.28
C LYS A 1105 22.64 20.15 1.01
N PRO A 1110 19.81 11.74 7.20
CA PRO A 1110 19.18 11.49 5.90
C PRO A 1110 18.05 10.47 5.97
N THR A 1111 16.90 10.79 5.39
CA THR A 1111 15.81 9.82 5.32
C THR A 1111 16.24 8.68 4.41
N LEU A 1112 16.30 7.47 4.98
CA LEU A 1112 17.01 6.40 4.28
C LEU A 1112 16.23 5.72 3.16
N PRO A 1113 15.07 5.08 3.43
CA PRO A 1113 14.53 4.11 2.46
C PRO A 1113 14.50 4.71 1.06
N LEU A 1114 15.33 4.17 0.17
CA LEU A 1114 15.76 4.88 -1.03
C LEU A 1114 14.80 4.65 -2.18
N VAL A 1115 14.51 5.71 -2.91
CA VAL A 1115 13.53 5.65 -3.99
C VAL A 1115 14.14 4.99 -5.21
N SER A 1116 13.45 4.01 -5.76
CA SER A 1116 13.92 3.29 -6.93
C SER A 1116 13.30 3.91 -8.17
N THR A 1117 14.14 4.32 -9.10
CA THR A 1117 13.67 4.91 -10.34
C THR A 1117 13.54 3.90 -11.47
N PHE A 1118 13.84 2.62 -11.22
CA PHE A 1118 14.08 1.71 -12.33
C PHE A 1118 12.81 1.31 -13.07
N LEU A 1119 11.68 1.15 -12.38
CA LEU A 1119 10.44 0.88 -13.13
C LEU A 1119 10.03 2.09 -13.94
N GLU A 1120 10.02 3.27 -13.33
CA GLU A 1120 9.61 4.46 -14.05
C GLU A 1120 10.50 4.68 -15.27
N TRP A 1121 11.79 4.35 -15.14
CA TRP A 1121 12.72 4.45 -16.27
C TRP A 1121 12.43 3.38 -17.31
N SER A 1122 12.21 2.14 -16.86
CA SER A 1122 12.01 1.04 -17.79
C SER A 1122 10.75 1.25 -18.64
N THR A 1123 9.72 1.88 -18.06
CA THR A 1123 8.48 2.02 -18.81
C THR A 1123 8.55 3.13 -19.85
N GLU A 1124 9.63 3.90 -19.89
CA GLU A 1124 9.77 4.89 -20.94
C GLU A 1124 9.87 4.22 -22.31
N TYR A 1125 10.57 3.10 -22.39
CA TYR A 1125 10.70 2.36 -23.64
C TYR A 1125 9.41 2.29 -24.45
N PHE A 1126 8.27 2.15 -23.78
CA PHE A 1126 6.98 2.06 -24.46
C PHE A 1126 6.28 3.42 -24.57
N ARG A 1127 6.99 4.51 -24.30
CA ARG A 1127 6.55 5.84 -24.69
C ARG A 1127 7.39 6.44 -25.81
N GLU A 1128 8.57 5.89 -26.05
CA GLU A 1128 9.39 6.23 -27.20
C GLU A 1128 9.03 5.32 -28.37
N PRO A 1129 9.18 5.79 -29.61
CA PRO A 1129 8.87 4.93 -30.75
C PRO A 1129 9.75 3.70 -30.77
N GLN A 1130 9.15 2.57 -31.16
CA GLN A 1130 9.85 1.29 -31.23
C GLN A 1130 9.77 0.62 -32.60
N MET A 1131 8.97 1.16 -33.54
CA MET A 1131 8.87 0.53 -34.85
C MET A 1131 9.88 1.08 -35.85
N LYS A 1132 10.32 2.34 -35.70
CA LYS A 1132 11.29 2.92 -36.62
C LYS A 1132 12.63 3.12 -35.93
N THR A 1161 50.01 0.42 -47.01
CA THR A 1161 50.45 1.11 -48.22
C THR A 1161 51.95 0.91 -48.36
N GLN A 1162 52.33 -0.24 -48.93
CA GLN A 1162 53.71 -0.70 -48.91
C GLN A 1162 54.72 0.37 -49.31
N PRO A 1163 54.54 1.12 -50.40
CA PRO A 1163 55.50 2.21 -50.69
C PRO A 1163 55.64 3.20 -49.55
N GLN A 1164 54.53 3.57 -48.91
CA GLN A 1164 54.59 4.50 -47.79
C GLN A 1164 55.30 3.89 -46.59
N LYS A 1165 55.26 2.56 -46.44
CA LYS A 1165 56.02 1.93 -45.38
C LYS A 1165 57.51 2.17 -45.58
N LEU A 1166 57.99 2.01 -46.82
CA LEU A 1166 59.41 2.20 -47.10
C LEU A 1166 59.78 3.69 -47.17
N TYR A 1167 58.83 4.60 -47.34
CA TYR A 1167 59.15 6.01 -47.11
C TYR A 1167 59.65 6.21 -45.68
N ALA A 1168 58.86 5.73 -44.70
CA ALA A 1168 59.21 5.90 -43.30
C ALA A 1168 60.34 4.98 -42.85
N ARG A 1169 60.56 3.87 -43.56
CA ARG A 1169 61.71 3.02 -43.29
C ARG A 1169 63.02 3.64 -43.75
N THR A 1170 62.96 4.66 -44.60
CA THR A 1170 64.15 5.35 -45.10
C THR A 1170 64.32 6.75 -44.52
N HIS A 1171 63.26 7.55 -44.55
CA HIS A 1171 63.36 8.98 -44.24
C HIS A 1171 63.70 9.18 -42.77
N ARG A 1172 63.83 10.45 -42.38
CA ARG A 1172 64.39 10.84 -41.09
C ARG A 1172 63.36 11.67 -40.35
N TRP A 1173 62.97 11.22 -39.15
CA TRP A 1173 61.86 11.84 -38.42
C TRP A 1173 62.35 13.04 -37.61
N ASN A 1174 62.69 14.10 -38.34
CA ASN A 1174 63.18 15.33 -37.72
C ASN A 1174 62.28 16.53 -37.94
N ASN A 1175 61.10 16.35 -38.53
CA ASN A 1175 60.24 17.47 -38.90
C ASN A 1175 59.29 17.77 -37.76
N GLN A 1176 59.52 18.87 -37.04
CA GLN A 1176 58.67 19.25 -35.91
C GLN A 1176 57.36 19.80 -36.44
N ILE A 1177 56.34 18.93 -36.49
CA ILE A 1177 55.03 19.32 -36.98
C ILE A 1177 54.31 20.25 -36.00
N GLY A 1178 54.58 20.13 -34.70
CA GLY A 1178 53.89 20.99 -33.74
C GLY A 1178 54.55 20.96 -32.38
N LEU A 1179 54.10 21.89 -31.54
CA LEU A 1179 54.55 21.99 -30.15
C LEU A 1179 53.38 22.50 -29.30
N ILE A 1180 53.02 21.76 -28.27
CA ILE A 1180 51.85 22.03 -27.44
C ILE A 1180 52.31 22.25 -26.01
N ASN A 1181 51.87 23.34 -25.40
CA ASN A 1181 52.21 23.65 -24.01
C ASN A 1181 51.07 23.16 -23.11
N ASN A 1182 51.30 22.02 -22.46
CA ASN A 1182 50.29 21.41 -21.59
C ASN A 1182 50.26 22.12 -20.24
N GLY A 1183 49.34 21.71 -19.37
CA GLY A 1183 49.27 22.29 -18.05
C GLY A 1183 50.42 21.90 -17.14
N THR A 1184 50.43 20.64 -16.71
CA THR A 1184 51.52 20.05 -15.95
C THR A 1184 52.27 19.05 -16.82
N GLN A 1185 53.37 18.51 -16.30
CA GLN A 1185 54.17 17.60 -17.09
C GLN A 1185 53.36 16.37 -17.48
N PRO A 1186 53.31 16.01 -18.77
CA PRO A 1186 52.49 14.87 -19.17
C PRO A 1186 53.00 13.55 -18.61
N SER A 1187 52.06 12.74 -18.09
CA SER A 1187 52.34 11.34 -17.81
C SER A 1187 52.20 10.50 -19.08
N LYS A 1188 51.03 10.55 -19.72
CA LYS A 1188 50.72 9.68 -20.85
C LYS A 1188 49.92 10.46 -21.88
N MET A 1189 49.81 9.91 -23.09
CA MET A 1189 48.98 10.53 -24.10
C MET A 1189 48.62 9.50 -25.17
N THR A 1190 47.58 9.80 -25.92
CA THR A 1190 47.13 8.92 -26.99
C THR A 1190 46.45 9.75 -28.07
N PHE A 1191 46.53 9.24 -29.30
CA PHE A 1191 46.11 9.95 -30.50
C PHE A 1191 44.85 9.33 -31.10
N HIS A 1192 43.91 10.18 -31.49
CA HIS A 1192 42.68 9.71 -32.14
C HIS A 1192 42.99 9.20 -33.55
N GLN A 1193 42.40 8.06 -33.91
CA GLN A 1193 42.64 7.48 -35.22
C GLN A 1193 42.28 8.44 -36.34
N PHE A 1194 41.09 9.03 -36.27
CA PHE A 1194 40.56 9.83 -37.37
C PHE A 1194 40.48 11.31 -37.03
N GLU A 1195 39.83 11.69 -35.93
CA GLU A 1195 39.84 13.08 -35.52
C GLU A 1195 41.27 13.51 -35.21
N ASN A 1196 41.51 14.81 -35.27
CA ASN A 1196 42.87 15.35 -35.17
C ASN A 1196 43.25 15.74 -33.75
N CYS A 1197 42.72 15.04 -32.75
CA CYS A 1197 42.93 15.43 -31.35
C CYS A 1197 43.79 14.40 -30.63
N VAL A 1198 44.36 14.86 -29.52
CA VAL A 1198 45.26 14.07 -28.69
C VAL A 1198 44.85 14.27 -27.24
N ALA A 1199 44.72 13.17 -26.51
CA ALA A 1199 44.39 13.19 -25.09
C ALA A 1199 45.67 13.04 -24.30
N VAL A 1200 45.85 13.87 -23.28
CA VAL A 1200 47.09 13.98 -22.54
C VAL A 1200 46.76 13.91 -21.05
N ALA A 1201 47.18 12.82 -20.42
CA ALA A 1201 47.05 12.64 -18.99
C ALA A 1201 48.27 13.21 -18.29
N ASP A 1202 48.03 14.13 -17.36
CA ASP A 1202 49.07 14.74 -16.55
C ASP A 1202 49.55 13.77 -15.47
N ASP A 1203 50.59 14.20 -14.75
CA ASP A 1203 50.81 13.64 -13.43
C ASP A 1203 49.61 14.00 -12.55
N GLY A 1204 49.20 13.05 -11.71
CA GLY A 1204 48.01 13.26 -10.92
C GLY A 1204 46.76 13.17 -11.77
N ASN A 1205 45.71 13.86 -11.32
CA ASN A 1205 44.36 13.72 -11.88
C ASN A 1205 44.03 14.91 -12.76
N THR A 1206 44.49 14.86 -14.00
CA THR A 1206 44.13 15.89 -14.97
C THR A 1206 44.26 15.34 -16.37
N ILE A 1207 43.38 15.79 -17.26
CA ILE A 1207 43.36 15.37 -18.65
C ILE A 1207 43.12 16.60 -19.51
N THR A 1208 43.85 16.68 -20.62
CA THR A 1208 43.69 17.76 -21.58
C THR A 1208 43.60 17.15 -22.97
N VAL A 1209 42.65 17.62 -23.76
CA VAL A 1209 42.46 17.16 -25.12
C VAL A 1209 42.74 18.35 -26.03
N TRP A 1210 43.82 18.24 -26.81
CA TRP A 1210 44.25 19.25 -27.76
C TRP A 1210 43.92 18.82 -29.18
N ASP A 1211 43.87 19.80 -30.07
CA ASP A 1211 43.85 19.57 -31.51
C ASP A 1211 45.27 19.83 -32.00
N TRP A 1212 46.02 18.76 -32.32
CA TRP A 1212 47.43 18.95 -32.64
C TRP A 1212 47.63 19.73 -33.93
N LYS A 1213 46.59 19.89 -34.74
CA LYS A 1213 46.51 20.91 -35.75
C LYS A 1213 45.74 22.06 -35.12
N THR A 1214 46.36 23.25 -35.03
CA THR A 1214 45.79 24.46 -34.43
C THR A 1214 45.95 24.52 -32.90
N ASN A 1215 46.47 23.49 -32.26
CA ASN A 1215 46.68 23.48 -30.80
C ASN A 1215 45.49 24.10 -30.06
N ALA A 1216 44.34 23.45 -30.21
CA ALA A 1216 43.08 24.07 -29.80
C ALA A 1216 42.85 24.06 -28.30
N ARG A 1217 43.18 22.97 -27.61
CA ARG A 1217 42.69 22.72 -26.25
C ARG A 1217 41.17 22.55 -26.23
N LEU A 1218 40.72 21.51 -26.90
CA LEU A 1218 39.29 21.23 -26.92
C LEU A 1218 38.73 21.02 -25.51
N SER A 1219 39.50 20.41 -24.60
CA SER A 1219 38.94 20.22 -23.27
C SER A 1219 40.03 20.11 -22.21
N ARG A 1220 39.66 20.46 -20.97
CA ARG A 1220 40.47 20.20 -19.79
C ARG A 1220 39.54 19.76 -18.66
N PHE A 1221 39.70 18.52 -18.21
CA PHE A 1221 38.89 18.02 -17.09
C PHE A 1221 39.72 17.06 -16.24
N SER A 1222 39.37 16.96 -14.96
CA SER A 1222 40.13 16.16 -14.01
C SER A 1222 39.51 14.76 -13.89
N ASN A 1223 40.36 13.73 -13.97
CA ASN A 1223 39.90 12.35 -14.02
C ASN A 1223 39.30 11.87 -12.71
N GLY A 1224 39.42 12.63 -11.64
CA GLY A 1224 38.85 12.21 -10.37
C GLY A 1224 39.65 11.17 -9.62
N ASN A 1225 40.93 11.00 -9.93
CA ASN A 1225 41.76 10.11 -9.14
C ASN A 1225 41.90 10.68 -7.72
N PRO A 1226 42.04 9.83 -6.72
CA PRO A 1226 42.39 10.33 -5.40
C PRO A 1226 43.80 10.90 -5.41
N GLU A 1227 44.08 11.76 -4.43
CA GLU A 1227 45.42 12.33 -4.34
C GLU A 1227 46.44 11.19 -4.17
N GLY A 1228 47.57 11.34 -4.83
CA GLY A 1228 48.59 10.29 -4.85
C GLY A 1228 48.25 9.08 -5.70
N THR A 1229 47.67 9.28 -6.88
CA THR A 1229 47.42 8.20 -7.84
C THR A 1229 47.44 8.80 -9.23
N LYS A 1230 48.23 8.21 -10.13
CA LYS A 1230 48.40 8.72 -11.48
C LYS A 1230 47.57 7.91 -12.47
N ILE A 1231 47.47 8.44 -13.69
CA ILE A 1231 46.71 7.82 -14.77
C ILE A 1231 47.64 6.86 -15.51
N SER A 1232 47.19 5.62 -15.68
CA SER A 1232 48.04 4.55 -16.19
C SER A 1232 48.02 4.44 -17.71
N ASP A 1233 46.88 4.70 -18.34
CA ASP A 1233 46.79 4.66 -19.79
C ASP A 1233 45.56 5.44 -20.22
N LEU A 1234 45.49 5.71 -21.52
CA LEU A 1234 44.30 6.27 -22.16
C LEU A 1234 43.97 5.45 -23.39
N CYS A 1235 42.68 5.20 -23.58
CA CYS A 1235 42.19 4.61 -24.81
C CYS A 1235 41.08 5.50 -25.36
N PHE A 1236 41.08 5.70 -26.67
CA PHE A 1236 39.87 6.12 -27.36
C PHE A 1236 39.12 4.86 -27.77
N ILE A 1237 37.83 4.79 -27.46
CA ILE A 1237 37.00 3.64 -27.79
C ILE A 1237 35.86 4.13 -28.66
N ASN A 1238 35.35 3.24 -29.50
CA ASN A 1238 34.29 3.60 -30.43
C ASN A 1238 34.77 4.73 -31.33
N GLU A 1239 36.01 4.64 -31.79
CA GLU A 1239 36.55 5.64 -32.70
C GLU A 1239 35.72 5.77 -33.97
N ASP A 1240 34.82 4.83 -34.24
CA ASP A 1240 33.90 4.92 -35.37
C ASP A 1240 32.55 5.43 -34.86
N ASP A 1241 32.20 6.65 -35.26
CA ASP A 1241 30.91 7.30 -35.06
C ASP A 1241 30.60 7.90 -33.69
N GLN A 1242 31.06 7.31 -32.58
CA GLN A 1242 30.86 7.94 -31.26
C GLN A 1242 32.12 7.67 -30.43
N ALA A 1243 33.12 8.53 -30.57
CA ALA A 1243 34.35 8.32 -29.84
C ALA A 1243 34.17 8.66 -28.37
N LEU A 1244 34.73 7.82 -27.50
CA LEU A 1244 34.76 8.06 -26.07
C LEU A 1244 36.17 7.79 -25.56
N LEU A 1245 36.46 8.29 -24.37
CA LEU A 1245 37.81 8.23 -23.81
C LEU A 1245 37.82 7.34 -22.57
N MET A 1246 38.63 6.28 -22.59
CA MET A 1246 38.87 5.50 -21.38
C MET A 1246 40.04 6.07 -20.59
N THR A 1247 39.99 5.84 -19.28
CA THR A 1247 41.12 6.11 -18.40
C THR A 1247 41.18 5.01 -17.36
N GLY A 1248 42.39 4.49 -17.13
CA GLY A 1248 42.67 3.61 -16.02
C GLY A 1248 43.49 4.37 -14.99
N SER A 1249 43.05 4.27 -13.74
CA SER A 1249 43.73 4.92 -12.63
C SER A 1249 44.42 3.87 -11.78
N SER A 1250 45.56 4.24 -11.20
CA SER A 1250 46.35 3.27 -10.45
C SER A 1250 45.55 2.61 -9.33
N ASP A 1251 44.61 3.35 -8.72
CA ASP A 1251 43.81 2.83 -7.63
C ASP A 1251 42.90 1.69 -8.07
N GLY A 1252 42.90 1.36 -9.36
CA GLY A 1252 42.16 0.23 -9.89
C GLY A 1252 40.90 0.59 -10.66
N VAL A 1253 40.54 1.87 -10.74
CA VAL A 1253 39.26 2.26 -11.33
C VAL A 1253 39.42 2.55 -12.81
N ILE A 1254 38.46 2.10 -13.60
CA ILE A 1254 38.31 2.51 -14.99
C ILE A 1254 37.16 3.49 -15.07
N ARG A 1255 37.37 4.57 -15.81
CA ARG A 1255 36.34 5.54 -16.09
C ARG A 1255 36.29 5.75 -17.59
N ILE A 1256 35.14 6.13 -18.11
CA ILE A 1256 35.04 6.41 -19.54
C ILE A 1256 34.14 7.62 -19.75
N TYR A 1257 34.58 8.51 -20.64
CA TYR A 1257 34.00 9.83 -20.83
C TYR A 1257 33.40 9.94 -22.21
N ASN A 1258 32.27 10.66 -22.29
CA ASN A 1258 31.33 10.58 -23.40
C ASN A 1258 31.51 11.70 -24.42
N ASN A 1259 31.83 12.93 -24.00
CA ASN A 1259 32.11 14.01 -24.94
C ASN A 1259 33.47 14.62 -24.57
N TYR A 1260 34.53 13.87 -24.93
CA TYR A 1260 35.89 14.26 -24.60
C TYR A 1260 36.30 15.58 -25.24
N ASP A 1261 35.78 15.87 -26.43
CA ASP A 1261 36.26 17.00 -27.23
C ASP A 1261 35.55 18.31 -26.92
N SER A 1262 34.67 18.35 -25.91
CA SER A 1262 33.99 19.58 -25.55
C SER A 1262 34.05 19.82 -24.06
N ASP A 1263 34.34 21.06 -23.70
CA ASP A 1263 34.29 21.48 -22.31
C ASP A 1263 32.84 21.84 -22.01
N GLU A 1264 32.38 21.47 -20.82
CA GLU A 1264 31.03 21.71 -20.31
C GLU A 1264 30.01 20.74 -20.91
N ARG A 1265 30.34 20.07 -22.01
CA ARG A 1265 29.47 19.05 -22.55
C ARG A 1265 29.99 17.64 -22.26
N VAL A 1266 31.17 17.54 -21.64
CA VAL A 1266 31.76 16.26 -21.33
C VAL A 1266 30.96 15.56 -20.23
N GLU A 1267 30.57 14.32 -20.50
CA GLU A 1267 29.90 13.49 -19.51
C GLU A 1267 30.80 12.33 -19.09
N LEU A 1268 30.39 11.68 -18.02
CA LEU A 1268 30.97 10.42 -17.57
C LEU A 1268 29.95 9.32 -17.86
N ALA A 1269 30.27 8.44 -18.81
CA ALA A 1269 29.32 7.41 -19.23
C ALA A 1269 29.24 6.30 -18.19
N SER A 1270 30.37 5.70 -17.83
CA SER A 1270 30.40 4.67 -16.81
C SER A 1270 31.73 4.73 -16.10
N ALA A 1271 31.78 4.07 -14.93
CA ALA A 1271 32.98 4.04 -14.10
C ALA A 1271 32.83 2.92 -13.08
N TRP A 1272 33.86 2.09 -12.98
CA TRP A 1272 33.81 0.97 -12.04
C TRP A 1272 35.20 0.60 -11.58
N ARG A 1273 35.28 0.07 -10.36
CA ARG A 1273 36.54 -0.43 -9.81
C ARG A 1273 36.85 -1.78 -10.44
N ALA A 1274 37.87 -1.80 -11.30
CA ALA A 1274 38.21 -3.00 -12.07
C ALA A 1274 39.12 -3.95 -11.29
N LEU A 1275 39.90 -3.45 -10.34
CA LEU A 1275 40.81 -4.25 -9.53
C LEU A 1275 40.42 -4.10 -8.07
N THR A 1276 40.26 -5.23 -7.37
CA THR A 1276 39.77 -5.26 -5.99
C THR A 1276 40.96 -5.62 -5.10
N HIS A 1277 41.40 -4.65 -4.29
CA HIS A 1277 42.49 -4.84 -3.36
C HIS A 1277 43.79 -5.03 -4.13
N GLY A 1286 50.65 0.70 -10.75
CA GLY A 1286 49.24 0.66 -10.41
C GLY A 1286 48.52 -0.48 -11.12
N MET A 1287 47.80 -0.15 -12.18
CA MET A 1287 47.16 -1.16 -13.02
C MET A 1287 47.46 -0.84 -14.46
N VAL A 1288 47.32 -1.85 -15.30
CA VAL A 1288 47.42 -1.70 -16.74
C VAL A 1288 46.21 -2.38 -17.37
N PHE A 1289 45.77 -1.82 -18.49
CA PHE A 1289 44.58 -2.32 -19.16
C PHE A 1289 44.70 -2.15 -20.66
N GLU A 1290 44.22 -3.17 -21.38
CA GLU A 1290 44.11 -3.13 -22.82
C GLU A 1290 42.64 -3.22 -23.23
N TRP A 1291 42.28 -2.46 -24.26
CA TRP A 1291 40.92 -2.39 -24.77
C TRP A 1291 40.81 -3.11 -26.11
N LEU A 1292 39.90 -4.08 -26.19
CA LEU A 1292 39.56 -4.74 -27.44
C LEU A 1292 38.19 -4.26 -27.90
N GLN A 1293 38.16 -3.55 -29.02
CA GLN A 1293 36.91 -3.06 -29.60
C GLN A 1293 36.17 -4.18 -30.33
N VAL A 1294 36.90 -5.02 -31.06
CA VAL A 1294 36.29 -6.20 -31.66
C VAL A 1294 35.53 -6.98 -30.60
N ASN A 1295 36.19 -7.25 -29.49
CA ASN A 1295 35.69 -8.17 -28.49
C ASN A 1295 34.80 -7.48 -27.46
N GLY A 1296 34.89 -6.17 -27.34
CA GLY A 1296 34.16 -5.46 -26.30
C GLY A 1296 34.71 -5.80 -24.93
N ARG A 1297 36.03 -5.78 -24.80
CA ARG A 1297 36.70 -6.36 -23.64
C ARG A 1297 37.73 -5.39 -23.07
N VAL A 1298 37.89 -5.46 -21.76
CA VAL A 1298 38.91 -4.71 -21.04
C VAL A 1298 39.71 -5.71 -20.24
N LEU A 1299 40.96 -5.95 -20.63
CA LEU A 1299 41.86 -6.79 -19.87
C LEU A 1299 42.59 -5.90 -18.88
N VAL A 1300 42.48 -6.22 -17.59
CA VAL A 1300 43.11 -5.44 -16.53
C VAL A 1300 43.98 -6.36 -15.71
N ALA A 1301 45.25 -6.01 -15.57
CA ALA A 1301 46.14 -6.70 -14.63
C ALA A 1301 46.87 -5.65 -13.81
N GLY A 1302 47.24 -6.03 -12.59
CA GLY A 1302 47.93 -5.13 -11.71
C GLY A 1302 48.94 -5.81 -10.80
N ASP A 1303 48.84 -5.54 -9.50
CA ASP A 1303 49.69 -6.18 -8.51
C ASP A 1303 49.09 -7.48 -7.98
N GLU A 1304 47.93 -7.88 -8.50
CA GLU A 1304 47.28 -9.11 -8.10
C GLU A 1304 47.72 -10.23 -9.02
N ARG A 1305 47.60 -11.46 -8.54
CA ARG A 1305 48.03 -12.61 -9.33
C ARG A 1305 47.02 -13.02 -10.38
N VAL A 1306 46.05 -12.14 -10.69
CA VAL A 1306 45.00 -12.43 -11.64
C VAL A 1306 44.94 -11.32 -12.69
N ILE A 1307 44.74 -11.72 -13.94
CA ILE A 1307 44.40 -10.85 -15.05
C ILE A 1307 42.89 -10.95 -15.25
N ARG A 1308 42.16 -9.90 -14.90
CA ARG A 1308 40.72 -9.91 -15.06
C ARG A 1308 40.34 -9.46 -16.48
N ILE A 1309 39.23 -9.99 -16.97
CA ILE A 1309 38.68 -9.63 -18.26
C ILE A 1309 37.25 -9.20 -18.05
N TRP A 1310 36.98 -7.92 -18.32
CA TRP A 1310 35.65 -7.33 -18.20
C TRP A 1310 35.02 -7.23 -19.58
N SER A 1311 33.71 -7.55 -19.67
CA SER A 1311 32.95 -7.43 -20.90
C SER A 1311 32.18 -6.11 -20.87
N ALA A 1312 32.62 -5.14 -21.66
CA ALA A 1312 31.86 -3.91 -21.78
C ALA A 1312 30.45 -4.16 -22.29
N GLY A 1313 30.23 -5.32 -22.92
CA GLY A 1313 28.88 -5.69 -23.29
C GLY A 1313 27.99 -5.89 -22.08
N GLN A 1314 28.46 -6.68 -21.11
CA GLN A 1314 27.67 -7.04 -19.95
C GLN A 1314 27.95 -6.17 -18.73
N GLU A 1315 29.07 -5.45 -18.71
CA GLU A 1315 29.56 -4.75 -17.52
C GLU A 1315 29.64 -5.71 -16.33
N ILE A 1316 30.23 -6.88 -16.58
CA ILE A 1316 30.57 -7.84 -15.53
C ILE A 1316 31.93 -8.41 -15.89
N CYS A 1317 32.69 -8.78 -14.87
CA CYS A 1317 34.01 -9.38 -15.06
C CYS A 1317 33.84 -10.80 -15.58
N THR A 1318 33.67 -10.92 -16.91
CA THR A 1318 33.42 -12.21 -17.53
C THR A 1318 34.45 -13.26 -17.12
N HIS A 1319 35.75 -12.94 -17.21
CA HIS A 1319 36.78 -13.93 -16.94
C HIS A 1319 37.81 -13.42 -15.95
N GLU A 1320 38.55 -14.35 -15.34
CA GLU A 1320 39.68 -14.00 -14.48
C GLU A 1320 40.74 -15.10 -14.64
N ILE A 1321 41.79 -14.80 -15.39
CA ILE A 1321 42.88 -15.72 -15.71
C ILE A 1321 43.97 -15.57 -14.66
N PRO A 1322 44.61 -16.64 -14.21
CA PRO A 1322 45.76 -16.46 -13.32
C PRO A 1322 47.08 -16.31 -14.07
N ALA A 1323 47.74 -15.18 -13.89
CA ALA A 1323 49.13 -15.06 -14.29
C ALA A 1323 49.99 -15.78 -13.26
N ARG A 1324 50.93 -16.59 -13.73
CA ARG A 1324 51.65 -17.47 -12.82
C ARG A 1324 52.62 -16.69 -11.93
N SER A 1325 53.30 -15.69 -12.49
CA SER A 1325 54.39 -15.05 -11.78
C SER A 1325 53.91 -14.45 -10.46
N GLY A 1326 54.73 -14.63 -9.42
CA GLY A 1326 54.57 -13.85 -8.21
C GLY A 1326 54.93 -12.39 -8.40
N SER A 1327 55.72 -12.09 -9.43
CA SER A 1327 55.98 -10.72 -9.83
C SER A 1327 54.76 -10.14 -10.55
N CYS A 1328 54.78 -8.83 -10.74
CA CYS A 1328 53.61 -8.12 -11.23
C CYS A 1328 53.55 -8.15 -12.76
N VAL A 1329 52.40 -7.74 -13.28
CA VAL A 1329 52.22 -7.53 -14.70
C VAL A 1329 52.46 -6.05 -14.98
N THR A 1330 53.32 -5.76 -15.96
CA THR A 1330 53.77 -4.41 -16.25
C THR A 1330 53.12 -3.81 -17.49
N SER A 1331 52.67 -4.64 -18.43
CA SER A 1331 51.95 -4.15 -19.59
C SER A 1331 51.24 -5.32 -20.25
N LEU A 1332 50.27 -5.00 -21.10
CA LEU A 1332 49.56 -6.01 -21.87
C LEU A 1332 49.30 -5.51 -23.28
N THR A 1333 49.23 -6.46 -24.21
CA THR A 1333 48.61 -6.25 -25.51
C THR A 1333 47.96 -7.55 -25.95
N SER A 1334 47.26 -7.46 -27.07
CA SER A 1334 46.62 -8.60 -27.71
C SER A 1334 46.45 -8.23 -29.18
N ASP A 1335 46.10 -9.21 -30.00
CA ASP A 1335 45.78 -8.91 -31.39
C ASP A 1335 44.37 -8.31 -31.43
N GLN A 1336 44.27 -7.11 -31.98
CA GLN A 1336 43.03 -6.34 -31.95
C GLN A 1336 41.99 -6.82 -32.94
N MET A 1337 42.21 -7.96 -33.62
CA MET A 1337 41.32 -8.38 -34.68
C MET A 1337 40.65 -9.72 -34.43
N THR A 1338 41.36 -10.74 -33.94
CA THR A 1338 40.66 -11.90 -33.39
C THR A 1338 40.13 -11.58 -31.99
N GLY A 1339 40.80 -10.69 -31.26
CA GLY A 1339 40.37 -10.34 -29.91
C GLY A 1339 40.57 -11.44 -28.90
N ASN A 1340 41.39 -12.43 -29.21
CA ASN A 1340 41.37 -13.71 -28.53
C ASN A 1340 42.57 -13.95 -27.61
N ILE A 1341 43.79 -13.82 -28.13
CA ILE A 1341 45.01 -14.15 -27.39
C ILE A 1341 45.74 -12.87 -27.03
N PHE A 1342 46.21 -12.79 -25.79
CA PHE A 1342 46.89 -11.60 -25.32
C PHE A 1342 48.21 -11.99 -24.66
N VAL A 1343 49.07 -10.99 -24.50
CA VAL A 1343 50.42 -11.16 -23.99
C VAL A 1343 50.66 -10.11 -22.91
N ALA A 1344 51.25 -10.54 -21.79
CA ALA A 1344 51.58 -9.66 -20.68
C ALA A 1344 53.06 -9.77 -20.38
N GLY A 1345 53.72 -8.61 -20.24
CA GLY A 1345 55.06 -8.57 -19.70
C GLY A 1345 55.05 -8.47 -18.19
N PHE A 1346 56.14 -8.92 -17.56
CA PHE A 1346 56.19 -9.01 -16.11
C PHE A 1346 57.41 -8.28 -15.56
N GLY A 1347 57.39 -8.02 -14.26
CA GLY A 1347 58.46 -7.29 -13.62
C GLY A 1347 59.73 -8.09 -13.44
N ASP A 1348 59.64 -9.41 -13.43
CA ASP A 1348 60.80 -10.28 -13.32
C ASP A 1348 61.43 -10.60 -14.68
N GLY A 1349 61.02 -9.90 -15.74
CA GLY A 1349 61.54 -10.09 -17.07
C GLY A 1349 60.76 -11.04 -17.94
N ALA A 1350 59.88 -11.84 -17.34
CA ALA A 1350 59.11 -12.83 -18.08
C ALA A 1350 58.08 -12.17 -18.99
N ILE A 1351 57.69 -12.93 -20.02
CA ILE A 1351 56.63 -12.54 -20.95
C ILE A 1351 55.75 -13.76 -21.14
N ARG A 1352 54.43 -13.58 -21.01
CA ARG A 1352 53.52 -14.72 -21.04
C ARG A 1352 52.38 -14.45 -22.02
N VAL A 1353 52.16 -15.41 -22.91
CA VAL A 1353 51.08 -15.37 -23.87
C VAL A 1353 50.00 -16.34 -23.43
N PHE A 1354 48.77 -15.83 -23.30
CA PHE A 1354 47.59 -16.59 -22.91
C PHE A 1354 46.55 -16.50 -24.03
N ASP A 1355 45.71 -17.52 -24.09
CA ASP A 1355 44.55 -17.54 -25.00
C ASP A 1355 43.29 -17.46 -24.15
N SER A 1356 42.44 -16.46 -24.45
CA SER A 1356 41.21 -16.29 -23.70
C SER A 1356 40.28 -17.49 -23.83
N ARG A 1357 40.31 -18.20 -24.95
CA ARG A 1357 39.35 -19.26 -25.21
C ARG A 1357 39.48 -20.41 -24.22
N LEU A 1358 40.65 -20.61 -23.65
CA LEU A 1358 40.92 -21.83 -22.92
C LEU A 1358 40.39 -21.77 -21.50
N ARG A 1359 40.56 -22.87 -20.78
CA ARG A 1359 40.34 -22.86 -19.35
C ARG A 1359 41.28 -21.88 -18.68
N PRO A 1360 40.85 -21.21 -17.62
CA PRO A 1360 41.84 -20.61 -16.73
C PRO A 1360 42.68 -21.73 -16.14
N HIS A 1361 43.94 -21.46 -15.84
CA HIS A 1361 44.92 -22.41 -15.35
C HIS A 1361 45.44 -23.28 -16.48
N GLU A 1362 44.87 -23.19 -17.69
CA GLU A 1362 45.48 -23.74 -18.89
C GLU A 1362 45.60 -22.65 -19.95
N ALA A 1363 45.33 -21.40 -19.57
CA ALA A 1363 45.43 -20.29 -20.51
C ALA A 1363 46.89 -19.98 -20.82
N MET A 1364 47.78 -20.17 -19.84
CA MET A 1364 49.21 -20.08 -20.08
C MET A 1364 49.58 -20.91 -21.30
N VAL A 1365 50.06 -20.23 -22.34
CA VAL A 1365 50.39 -20.85 -23.61
C VAL A 1365 51.89 -20.79 -23.89
N ARG A 1366 52.50 -19.61 -23.71
CA ARG A 1366 53.94 -19.49 -23.91
C ARG A 1366 54.55 -18.65 -22.80
N LYS A 1367 55.53 -19.23 -22.10
CA LYS A 1367 56.38 -18.49 -21.17
C LYS A 1367 57.72 -18.23 -21.87
N TRP A 1368 58.12 -16.96 -21.94
CA TRP A 1368 59.46 -16.54 -22.28
C TRP A 1368 60.06 -15.89 -21.04
N LYS A 1369 61.37 -15.98 -20.88
CA LYS A 1369 62.00 -15.46 -19.66
C LYS A 1369 63.34 -14.81 -19.99
N ASP A 1370 63.39 -13.49 -19.77
CA ASP A 1370 64.63 -12.72 -19.87
C ASP A 1370 65.70 -13.32 -18.98
N ASP A 1371 66.85 -13.66 -19.56
CA ASP A 1371 67.98 -14.10 -18.76
C ASP A 1371 68.41 -13.02 -17.77
N ALA A 1372 68.43 -11.76 -18.20
CA ALA A 1372 68.85 -10.68 -17.33
C ALA A 1372 67.86 -10.40 -16.22
N ARG A 1373 66.68 -11.03 -16.26
CA ARG A 1373 65.68 -10.89 -15.20
C ARG A 1373 65.39 -9.40 -14.97
N GLN A 1374 65.20 -8.68 -16.07
CA GLN A 1374 65.03 -7.24 -16.04
C GLN A 1374 63.62 -6.85 -16.46
N TRP A 1375 63.08 -5.89 -15.72
CA TRP A 1375 61.73 -5.36 -15.90
C TRP A 1375 61.37 -5.17 -17.37
N VAL A 1376 60.12 -5.50 -17.70
CA VAL A 1376 59.59 -5.31 -19.04
C VAL A 1376 58.86 -3.96 -19.08
N ARG A 1377 59.48 -2.96 -19.71
CA ARG A 1377 58.83 -1.66 -19.82
C ARG A 1377 57.51 -1.77 -20.56
N SER A 1378 57.54 -2.39 -21.74
CA SER A 1378 56.37 -2.45 -22.60
C SER A 1378 56.40 -3.73 -23.43
N VAL A 1379 55.23 -4.08 -23.95
CA VAL A 1379 55.10 -5.16 -24.93
C VAL A 1379 53.96 -4.81 -25.86
N HIS A 1380 54.26 -4.69 -27.16
CA HIS A 1380 53.28 -4.28 -28.16
C HIS A 1380 53.18 -5.34 -29.25
N MET A 1381 51.95 -5.64 -29.67
CA MET A 1381 51.69 -6.46 -30.85
C MET A 1381 51.02 -5.55 -31.87
N GLN A 1382 51.82 -4.96 -32.77
CA GLN A 1382 51.27 -4.02 -33.75
C GLN A 1382 50.50 -4.83 -34.79
N ARG A 1383 49.30 -5.25 -34.42
CA ARG A 1383 48.44 -5.81 -35.43
C ARG A 1383 47.74 -4.68 -36.18
N GLY A 1384 47.29 -4.99 -37.39
CA GLY A 1384 46.95 -3.98 -38.35
C GLY A 1384 48.08 -3.73 -39.33
N GLY A 1385 49.30 -3.60 -38.81
CA GLY A 1385 50.47 -3.50 -39.67
C GLY A 1385 51.00 -4.85 -40.13
N GLN A 1386 51.48 -5.66 -39.19
CA GLN A 1386 52.03 -6.97 -39.50
C GLN A 1386 51.97 -7.82 -38.25
N ARG A 1387 52.14 -9.14 -38.44
CA ARG A 1387 52.20 -10.07 -37.31
C ARG A 1387 53.55 -9.79 -36.65
N GLU A 1388 53.58 -8.70 -35.88
CA GLU A 1388 54.83 -8.22 -35.30
C GLU A 1388 54.64 -7.97 -33.82
N LEU A 1389 55.36 -8.71 -32.98
CA LEU A 1389 55.28 -8.59 -31.53
C LEU A 1389 56.64 -8.10 -31.01
N LEU A 1390 56.63 -6.98 -30.29
CA LEU A 1390 57.84 -6.33 -29.82
C LEU A 1390 57.77 -6.13 -28.32
N SER A 1391 58.89 -6.40 -27.63
CA SER A 1391 58.98 -6.23 -26.19
C SER A 1391 60.29 -5.54 -25.86
N ALA A 1392 60.20 -4.32 -25.32
CA ALA A 1392 61.34 -3.58 -24.80
C ALA A 1392 61.56 -3.88 -23.32
N SER A 1393 62.83 -3.84 -22.90
CA SER A 1393 63.20 -4.08 -21.52
C SER A 1393 63.68 -2.79 -20.87
N ARG A 1394 63.64 -2.77 -19.53
CA ARG A 1394 64.16 -1.65 -18.78
C ARG A 1394 65.60 -1.35 -19.20
N ASN A 1395 66.43 -2.39 -19.30
CA ASN A 1395 67.83 -2.19 -19.63
C ASN A 1395 68.01 -1.71 -21.07
N GLY A 1396 67.22 -2.24 -21.99
CA GLY A 1396 67.26 -1.77 -23.37
C GLY A 1396 67.13 -2.82 -24.44
N LYS A 1397 67.28 -4.10 -24.10
CA LYS A 1397 67.13 -5.16 -25.09
C LYS A 1397 65.70 -5.15 -25.63
N ILE A 1398 65.57 -5.18 -26.96
CA ILE A 1398 64.28 -5.04 -27.64
C ILE A 1398 64.07 -6.28 -28.50
N SER A 1399 63.33 -7.25 -27.98
CA SER A 1399 63.14 -8.52 -28.65
C SER A 1399 61.88 -8.51 -29.50
N LEU A 1400 61.95 -9.18 -30.65
CA LEU A 1400 60.81 -9.39 -31.53
C LEU A 1400 60.53 -10.88 -31.58
N TRP A 1401 59.34 -11.29 -31.14
CA TRP A 1401 59.01 -12.69 -30.98
C TRP A 1401 58.04 -13.15 -32.06
N ASP A 1402 58.10 -14.44 -32.36
CA ASP A 1402 57.00 -15.14 -33.00
C ASP A 1402 56.30 -15.96 -31.93
N ILE A 1403 54.96 -15.85 -31.89
CA ILE A 1403 54.20 -16.44 -30.80
C ILE A 1403 54.35 -17.95 -30.80
N ARG A 1404 54.60 -18.55 -31.98
CA ARG A 1404 54.70 -19.99 -32.07
C ARG A 1404 56.05 -20.49 -31.56
N MET A 1405 57.15 -19.95 -32.10
CA MET A 1405 58.46 -20.54 -31.92
C MET A 1405 59.11 -20.10 -30.61
N ASP A 1406 60.14 -20.87 -30.22
CA ASP A 1406 60.75 -20.76 -28.90
C ASP A 1406 61.65 -19.54 -28.73
N GLN A 1407 62.31 -19.10 -29.79
CA GLN A 1407 63.32 -18.06 -29.69
C GLN A 1407 62.80 -16.75 -30.26
N PRO A 1408 63.38 -15.63 -29.83
CA PRO A 1408 63.01 -14.34 -30.45
C PRO A 1408 63.61 -14.23 -31.84
N LEU A 1409 62.75 -13.94 -32.82
CA LEU A 1409 63.21 -13.72 -34.18
C LEU A 1409 64.48 -12.87 -34.19
N LYS A 1410 64.41 -11.70 -33.58
CA LYS A 1410 65.51 -10.76 -33.52
C LYS A 1410 65.55 -10.12 -32.14
N THR A 1411 66.69 -9.53 -31.82
CA THR A 1411 66.88 -8.90 -30.51
C THR A 1411 68.10 -8.00 -30.56
N PHE A 1412 67.94 -6.76 -30.12
CA PHE A 1412 69.05 -5.80 -30.18
C PHE A 1412 68.87 -4.72 -29.14
N GLN A 1413 69.99 -4.14 -28.72
CA GLN A 1413 69.98 -3.03 -27.78
C GLN A 1413 69.50 -1.76 -28.47
N SER A 1414 68.84 -0.90 -27.70
CA SER A 1414 68.33 0.38 -28.19
C SER A 1414 69.05 1.57 -27.59
N THR A 1415 69.36 1.52 -26.30
CA THR A 1415 70.21 2.52 -25.66
C THR A 1415 70.99 1.86 -24.53
N LYS A 1416 72.21 2.35 -24.31
CA LYS A 1416 72.99 1.85 -23.19
C LYS A 1416 72.36 2.24 -21.86
N GLU A 1417 71.81 3.45 -21.77
CA GLU A 1417 71.21 3.96 -20.55
C GLU A 1417 69.81 3.38 -20.37
N ILE A 1418 69.15 3.76 -19.26
CA ILE A 1418 67.88 3.15 -18.90
C ILE A 1418 66.79 3.57 -19.88
N LEU A 1419 65.97 2.61 -20.28
CA LEU A 1419 64.86 2.82 -21.20
C LEU A 1419 63.61 3.17 -20.41
N ARG A 1420 63.12 4.40 -20.59
CA ARG A 1420 61.90 4.82 -19.91
C ARG A 1420 60.64 4.45 -20.70
N THR A 1421 60.64 4.70 -22.01
CA THR A 1421 59.46 4.52 -22.85
C THR A 1421 59.80 3.68 -24.07
N ALA A 1422 58.76 3.08 -24.67
CA ALA A 1422 58.94 2.31 -25.89
C ALA A 1422 57.61 2.27 -26.64
N SER A 1423 57.49 3.08 -27.68
CA SER A 1423 56.32 3.06 -28.55
C SER A 1423 56.58 2.15 -29.76
N THR A 1424 55.48 1.73 -30.40
CA THR A 1424 55.51 1.01 -31.66
C THR A 1424 54.40 1.55 -32.55
N HIS A 1425 54.70 1.75 -33.83
CA HIS A 1425 53.70 2.24 -34.76
C HIS A 1425 52.84 1.09 -35.26
N GLU A 1426 51.55 1.37 -35.46
CA GLU A 1426 50.59 0.30 -35.65
C GLU A 1426 50.62 -0.28 -37.05
N HIS A 1427 50.87 0.56 -38.06
CA HIS A 1427 50.91 0.11 -39.45
C HIS A 1427 52.30 0.22 -40.03
N LEU A 1428 52.90 1.41 -39.99
CA LEU A 1428 54.27 1.57 -40.45
C LEU A 1428 55.19 0.65 -39.65
N PRO A 1429 56.19 0.04 -40.29
CA PRO A 1429 57.15 -0.79 -39.52
C PRO A 1429 58.29 0.04 -38.94
N VAL A 1430 57.96 0.79 -37.89
CA VAL A 1430 58.91 1.67 -37.21
C VAL A 1430 58.54 1.68 -35.73
N PHE A 1431 59.55 1.76 -34.87
CA PHE A 1431 59.28 1.89 -33.44
C PHE A 1431 60.23 2.90 -32.85
N ALA A 1432 59.98 3.30 -31.60
CA ALA A 1432 60.77 4.34 -30.96
C ALA A 1432 61.01 3.98 -29.51
N VAL A 1433 62.04 4.59 -28.92
CA VAL A 1433 62.32 4.43 -27.51
C VAL A 1433 62.75 5.78 -26.94
N GLY A 1434 62.27 6.09 -25.74
CA GLY A 1434 62.74 7.23 -24.99
C GLY A 1434 63.78 6.77 -23.98
N THR A 1435 64.92 7.43 -23.99
CA THR A 1435 66.05 7.04 -23.16
C THR A 1435 66.09 7.88 -21.89
N SER A 1436 66.95 7.46 -20.95
CA SER A 1436 67.02 8.09 -19.64
C SER A 1436 67.62 9.50 -19.70
N ALA A 1437 68.43 9.80 -20.72
CA ALA A 1437 68.99 11.14 -20.89
C ALA A 1437 68.36 11.80 -22.12
N HIS A 1438 67.16 12.36 -21.92
CA HIS A 1438 66.56 13.35 -22.79
C HIS A 1438 66.80 13.09 -24.28
N MET A 1439 66.48 11.87 -24.72
CA MET A 1439 66.66 11.53 -26.12
C MET A 1439 65.71 10.41 -26.51
N VAL A 1440 65.16 10.51 -27.72
CA VAL A 1440 64.29 9.47 -28.27
C VAL A 1440 64.91 9.00 -29.58
N LYS A 1441 65.10 7.69 -29.69
CA LYS A 1441 65.71 7.08 -30.87
C LYS A 1441 64.64 6.27 -31.60
N VAL A 1442 64.52 6.52 -32.90
CA VAL A 1442 63.49 5.93 -33.75
C VAL A 1442 64.13 4.87 -34.64
N PHE A 1443 63.87 3.61 -34.34
CA PHE A 1443 64.48 2.47 -35.01
C PHE A 1443 63.55 1.84 -36.04
N ASP A 1444 64.18 1.08 -36.95
CA ASP A 1444 63.55 0.14 -37.86
C ASP A 1444 63.55 -1.25 -37.24
N PHE A 1445 62.68 -2.11 -37.77
CA PHE A 1445 62.53 -3.43 -37.18
C PHE A 1445 63.73 -4.34 -37.42
N ASP A 1446 64.71 -3.91 -38.21
CA ASP A 1446 65.90 -4.72 -38.46
C ASP A 1446 67.10 -4.22 -37.65
N GLY A 1447 66.89 -3.29 -36.72
CA GLY A 1447 67.92 -2.83 -35.80
C GLY A 1447 68.42 -1.41 -36.03
N ASN A 1448 68.39 -0.92 -37.26
CA ASN A 1448 69.14 0.30 -37.59
C ASN A 1448 68.31 1.55 -37.35
N GLU A 1449 68.98 2.57 -36.82
CA GLU A 1449 68.32 3.74 -36.24
C GLU A 1449 68.00 4.76 -37.33
N LEU A 1450 66.72 5.16 -37.41
CA LEU A 1450 66.25 6.09 -38.43
C LEU A 1450 66.40 7.55 -38.02
N THR A 1451 66.63 7.82 -36.74
CA THR A 1451 66.95 9.17 -36.28
C THR A 1451 67.15 9.12 -34.77
N ARG A 1452 67.85 10.12 -34.27
CA ARG A 1452 67.97 10.37 -32.85
C ARG A 1452 67.58 11.83 -32.61
N LEU A 1453 66.95 12.07 -31.47
CA LEU A 1453 66.19 13.30 -31.31
C LEU A 1453 66.26 13.75 -29.86
N GLU A 1454 66.19 15.06 -29.67
CA GLU A 1454 66.22 15.69 -28.34
C GLU A 1454 65.10 16.71 -28.28
N PRO A 1455 64.00 16.45 -27.57
CA PRO A 1455 62.86 17.37 -27.61
C PRO A 1455 63.11 18.61 -26.76
N TYR A 1456 62.81 19.77 -27.34
CA TYR A 1456 62.98 21.06 -26.70
C TYR A 1456 62.59 21.03 -25.22
N SER A 1457 63.56 21.35 -24.36
CA SER A 1457 63.34 21.40 -22.93
C SER A 1457 64.30 22.40 -22.31
N ASN A 1458 64.00 22.80 -21.07
CA ASN A 1458 64.84 23.76 -20.36
C ASN A 1458 66.12 23.13 -19.83
N PHE A 1459 66.17 21.82 -19.68
CA PHE A 1459 67.34 21.13 -19.17
C PHE A 1459 68.29 20.87 -20.32
N LEU A 1460 69.59 21.05 -20.07
CA LEU A 1460 70.57 21.19 -21.15
C LEU A 1460 70.83 19.83 -21.82
N GLN A 1461 71.87 19.79 -22.66
CA GLN A 1461 71.96 18.89 -23.81
C GLN A 1461 71.37 17.51 -23.62
N GLY A 1462 71.96 16.72 -22.73
CA GLY A 1462 71.46 15.41 -22.42
C GLY A 1462 71.31 15.34 -20.92
N SER A 1463 70.93 16.48 -20.35
CA SER A 1463 70.77 16.60 -18.90
C SER A 1463 69.95 15.44 -18.38
N LYS A 1464 70.57 14.63 -17.53
CA LYS A 1464 69.93 13.42 -17.02
C LYS A 1464 68.85 13.71 -15.99
N ALA A 1465 68.49 14.98 -15.81
CA ALA A 1465 67.45 15.38 -14.87
C ALA A 1465 66.09 15.52 -15.53
N SER A 1466 65.99 15.30 -16.84
CA SER A 1466 64.71 15.27 -17.55
C SER A 1466 64.65 14.03 -18.45
N PRO A 1467 64.55 12.84 -17.85
CA PRO A 1467 64.28 11.63 -18.65
C PRO A 1467 62.94 11.74 -19.35
N ILE A 1468 62.83 11.10 -20.52
CA ILE A 1468 61.62 11.24 -21.30
C ILE A 1468 60.48 10.53 -20.59
N ALA A 1469 59.35 11.23 -20.43
CA ALA A 1469 58.23 10.68 -19.69
C ALA A 1469 57.30 9.87 -20.58
N THR A 1470 57.11 10.28 -21.83
CA THR A 1470 56.25 9.49 -22.70
C THR A 1470 56.59 9.71 -24.16
N THR A 1471 56.21 8.70 -24.95
CA THR A 1471 56.45 8.58 -26.38
C THR A 1471 55.22 7.92 -26.98
N ALA A 1472 54.66 8.52 -28.02
CA ALA A 1472 53.35 8.10 -28.50
C ALA A 1472 53.24 8.26 -30.00
N PHE A 1473 53.06 7.15 -30.71
CA PHE A 1473 52.81 7.22 -32.14
C PHE A 1473 51.34 7.48 -32.44
N HIS A 1474 51.11 8.19 -33.53
CA HIS A 1474 49.79 8.25 -34.13
C HIS A 1474 49.51 6.91 -34.83
N PRO A 1475 48.26 6.44 -34.84
CA PRO A 1475 48.03 5.09 -35.38
C PRO A 1475 48.15 5.01 -36.89
N HIS A 1476 47.75 6.06 -37.62
CA HIS A 1476 47.83 6.05 -39.07
C HIS A 1476 48.85 7.05 -39.61
N ARG A 1477 48.71 8.33 -39.26
CA ARG A 1477 49.65 9.34 -39.72
C ARG A 1477 51.08 8.94 -39.36
N MET A 1478 52.04 9.53 -40.07
CA MET A 1478 53.46 9.35 -39.75
C MET A 1478 53.89 10.42 -38.75
N ILE A 1479 53.42 10.27 -37.52
CA ILE A 1479 53.69 11.24 -36.46
C ILE A 1479 54.16 10.51 -35.20
N LEU A 1480 54.97 11.22 -34.41
CA LEU A 1480 55.48 10.72 -33.13
C LEU A 1480 55.48 11.85 -32.12
N GLY A 1481 55.00 11.58 -30.93
CA GLY A 1481 54.87 12.58 -29.89
C GLY A 1481 55.79 12.26 -28.72
N CYS A 1482 56.36 13.31 -28.13
CA CYS A 1482 57.34 13.19 -27.06
C CYS A 1482 56.98 14.15 -25.94
N ALA A 1483 57.23 13.72 -24.72
CA ALA A 1483 57.17 14.62 -23.58
C ALA A 1483 58.21 14.20 -22.56
N SER A 1484 59.05 15.16 -22.17
CA SER A 1484 60.08 14.97 -21.17
C SER A 1484 59.52 15.29 -19.78
N ARG A 1485 60.30 14.94 -18.75
CA ARG A 1485 59.82 15.06 -17.38
C ARG A 1485 59.78 16.53 -16.93
N GLY A 1486 60.93 17.20 -16.90
CA GLY A 1486 60.97 18.55 -16.36
C GLY A 1486 60.03 19.50 -17.06
N ASP A 1487 59.99 19.44 -18.39
CA ASP A 1487 59.10 20.30 -19.18
C ASP A 1487 57.70 19.70 -19.28
N ASN A 1488 56.73 20.55 -19.63
CA ASN A 1488 55.40 20.07 -19.98
C ASN A 1488 55.10 20.46 -21.42
N TYR A 1489 56.06 20.25 -22.30
CA TYR A 1489 55.92 20.51 -23.73
C TYR A 1489 55.73 19.18 -24.44
N ILE A 1490 54.68 19.08 -25.24
CA ILE A 1490 54.43 17.90 -26.06
C ILE A 1490 54.92 18.22 -27.47
N SER A 1491 56.01 17.58 -27.88
CA SER A 1491 56.57 17.80 -29.20
C SER A 1491 56.04 16.76 -30.17
N LEU A 1492 55.80 17.18 -31.41
CA LEU A 1492 55.25 16.30 -32.43
C LEU A 1492 56.18 16.31 -33.65
N TYR A 1493 56.53 15.12 -34.14
CA TYR A 1493 57.50 14.98 -35.22
C TYR A 1493 56.93 14.10 -36.32
N SER A 1494 57.45 14.31 -37.52
CA SER A 1494 57.11 13.50 -38.68
C SER A 1494 58.33 13.45 -39.60
N CYS A 1495 58.23 12.62 -40.64
CA CYS A 1495 59.34 12.44 -41.56
C CYS A 1495 59.58 13.69 -42.39
N SER A 1496 60.85 14.00 -42.60
CA SER A 1496 61.30 15.04 -43.51
C SER A 1496 61.84 14.39 -44.78
N ASN A 1497 62.50 15.17 -45.63
CA ASN A 1497 62.92 14.69 -46.94
C ASN A 1497 64.28 14.03 -46.94
N GLU A 1498 65.04 14.13 -45.84
CA GLU A 1498 66.30 13.38 -45.77
C GLU A 1498 66.01 11.89 -45.79
N ARG A 1499 66.98 11.13 -46.28
CA ARG A 1499 66.95 9.68 -46.22
C ARG A 1499 67.85 9.24 -45.06
N VAL A 1500 68.11 7.95 -44.99
CA VAL A 1500 69.12 7.46 -44.04
C VAL A 1500 70.26 6.91 -44.89
N PRO A 1501 71.53 7.10 -44.48
CA PRO A 1501 72.64 6.68 -45.35
C PRO A 1501 72.61 5.19 -45.68
N ASN A 1502 72.21 4.35 -44.73
CA ASN A 1502 72.00 2.92 -44.97
C ASN A 1502 73.07 2.30 -45.88
N SER B 212 35.59 0.36 30.30
CA SER B 212 35.79 -0.57 29.19
C SER B 212 34.46 -0.90 28.52
N GLU B 213 34.52 -1.30 27.24
CA GLU B 213 33.34 -1.66 26.46
C GLU B 213 33.56 -3.05 25.87
N ASP B 214 32.93 -4.05 26.47
CA ASP B 214 33.04 -5.44 26.02
C ASP B 214 32.09 -5.66 24.84
N ILE B 215 31.88 -6.92 24.46
CA ILE B 215 30.88 -7.28 23.46
C ILE B 215 29.57 -7.47 24.23
N ILE B 216 28.80 -6.39 24.31
CA ILE B 216 27.50 -6.40 24.99
C ILE B 216 26.49 -5.82 24.00
N SER B 217 25.93 -6.70 23.16
CA SER B 217 24.82 -6.36 22.29
C SER B 217 23.49 -6.27 23.04
N GLN B 218 23.30 -7.14 24.04
CA GLN B 218 22.05 -7.18 24.79
C GLN B 218 21.64 -5.77 25.25
N LEU B 219 22.62 -4.94 25.58
CA LEU B 219 22.29 -3.59 26.03
C LEU B 219 21.46 -2.87 24.98
N ALA B 220 21.66 -3.20 23.70
CA ALA B 220 20.82 -2.66 22.62
C ALA B 220 19.53 -3.44 22.44
N ASN B 221 19.33 -4.52 23.20
CA ASN B 221 18.12 -5.33 23.18
C ASN B 221 17.30 -5.23 24.45
N ASN B 222 17.94 -4.95 25.58
CA ASN B 222 17.38 -5.14 26.91
C ASN B 222 16.66 -3.91 27.46
N TRP B 223 16.54 -2.85 26.68
CA TRP B 223 16.15 -1.53 27.21
C TRP B 223 14.64 -1.32 27.08
N TYR B 224 13.89 -1.90 28.02
CA TYR B 224 12.44 -1.75 28.01
C TYR B 224 12.01 -0.60 28.92
N MET B 225 10.69 -0.37 28.98
CA MET B 225 10.06 0.54 29.93
C MET B 225 9.19 -0.26 30.89
N TYR B 226 9.13 0.19 32.14
CA TYR B 226 8.62 -0.63 33.24
C TYR B 226 7.42 0.06 33.89
N PHE B 227 6.44 -0.75 34.27
CA PHE B 227 5.24 -0.31 34.99
C PHE B 227 4.26 0.54 34.16
N THR B 228 4.03 0.16 32.91
CA THR B 228 3.02 0.82 32.09
C THR B 228 2.22 -0.23 31.31
N ASP B 229 1.75 -1.26 32.01
CA ASP B 229 0.97 -2.33 31.43
C ASP B 229 -0.48 -2.26 31.92
N LYS B 230 -1.34 -3.06 31.28
CA LYS B 230 -2.75 -3.09 31.67
C LYS B 230 -2.90 -3.37 33.15
N ARG B 231 -2.01 -4.20 33.71
CA ARG B 231 -2.06 -4.58 35.11
C ARG B 231 -1.71 -3.45 36.07
N HIS B 232 -1.31 -2.28 35.56
CA HIS B 232 -1.03 -1.11 36.37
C HIS B 232 -2.17 -0.10 36.33
N GLU B 233 -3.12 -0.31 35.43
CA GLU B 233 -4.49 0.19 35.58
C GLU B 233 -5.28 -0.77 36.46
N THR B 234 -4.63 -1.86 36.87
CA THR B 234 -4.86 -2.69 38.08
C THR B 234 -6.20 -3.43 38.21
N THR B 235 -6.41 -4.43 37.36
CA THR B 235 -7.32 -5.51 37.70
C THR B 235 -8.78 -5.09 37.61
N GLY B 236 -9.08 -3.80 37.48
CA GLY B 236 -10.44 -3.38 37.42
C GLY B 236 -11.05 -3.69 36.07
N LYS B 237 -12.34 -3.95 36.10
CA LYS B 237 -13.12 -4.36 34.92
C LYS B 237 -14.13 -3.24 34.69
N PRO B 238 -13.67 -2.06 34.26
CA PRO B 238 -14.55 -0.87 34.33
C PRO B 238 -15.98 -1.14 33.91
N LYS B 239 -16.92 -0.65 34.71
CA LYS B 239 -18.34 -0.84 34.49
C LYS B 239 -19.07 0.51 34.42
N PHE B 243 -19.73 -2.74 31.22
CA PHE B 243 -19.74 -2.97 29.78
C PHE B 243 -20.84 -3.98 29.40
N GLU B 244 -21.53 -3.73 28.28
CA GLU B 244 -22.60 -4.60 27.85
C GLU B 244 -22.92 -4.33 26.38
N ILE B 245 -23.61 -5.29 25.76
CA ILE B 245 -23.94 -5.27 24.35
C ILE B 245 -25.39 -4.89 24.15
N GLN B 246 -25.71 -4.38 22.96
CA GLN B 246 -27.08 -4.13 22.56
C GLN B 246 -27.62 -5.34 21.80
N ASP B 247 -28.93 -5.53 21.87
CA ASP B 247 -29.57 -6.71 21.27
C ASP B 247 -29.30 -6.77 19.77
N TRP B 248 -29.04 -7.98 19.27
CA TRP B 248 -28.76 -8.17 17.85
C TRP B 248 -29.45 -9.37 17.21
N ARG B 249 -29.87 -10.37 17.96
CA ARG B 249 -30.40 -11.57 17.34
C ARG B 249 -31.82 -11.33 16.84
N MET B 250 -32.36 -12.31 16.11
CA MET B 250 -33.64 -12.18 15.41
C MET B 250 -34.73 -12.94 16.15
N ARG B 251 -35.54 -12.21 16.91
CA ARG B 251 -36.62 -12.81 17.68
C ARG B 251 -37.93 -12.86 16.91
N ASP B 252 -38.37 -11.74 16.35
CA ASP B 252 -39.68 -11.66 15.69
C ASP B 252 -39.62 -12.26 14.29
N ARG B 253 -39.30 -13.55 14.22
CA ARG B 253 -39.18 -14.28 12.97
C ARG B 253 -40.49 -15.04 12.73
N LEU B 254 -41.32 -14.52 11.83
CA LEU B 254 -42.58 -15.16 11.45
C LEU B 254 -42.57 -15.37 9.94
N LYS B 255 -42.88 -16.60 9.53
CA LYS B 255 -42.72 -17.00 8.15
C LYS B 255 -43.90 -16.56 7.29
N THR B 256 -43.65 -16.46 5.99
CA THR B 256 -44.69 -16.37 4.97
C THR B 256 -45.01 -17.79 4.52
N VAL B 257 -46.19 -18.28 4.87
CA VAL B 257 -46.50 -19.70 4.75
C VAL B 257 -47.02 -20.05 3.36
N SER B 258 -48.00 -19.31 2.85
CA SER B 258 -48.68 -19.69 1.62
C SER B 258 -48.95 -18.46 0.77
N ALA B 259 -49.14 -18.73 -0.52
CA ALA B 259 -49.26 -17.69 -1.53
C ALA B 259 -50.42 -18.00 -2.46
N ALA B 260 -51.19 -16.98 -2.78
CA ALA B 260 -52.24 -17.04 -3.78
C ALA B 260 -51.83 -16.20 -4.99
N ILE B 261 -51.82 -16.80 -6.17
CA ILE B 261 -51.33 -16.16 -7.38
C ILE B 261 -52.53 -15.98 -8.31
N ALA B 262 -53.13 -14.79 -8.30
CA ALA B 262 -54.34 -14.51 -9.06
C ALA B 262 -53.97 -13.89 -10.40
N VAL B 263 -54.14 -14.65 -11.49
CA VAL B 263 -53.94 -14.13 -12.84
C VAL B 263 -55.29 -13.89 -13.48
N CYS B 264 -55.37 -12.87 -14.33
CA CYS B 264 -56.62 -12.49 -14.99
C CYS B 264 -56.30 -12.04 -16.41
N LEU B 265 -56.69 -12.82 -17.41
CA LEU B 265 -56.38 -12.46 -18.78
C LEU B 265 -57.20 -13.29 -19.76
N ASN B 266 -57.32 -12.76 -20.98
CA ASN B 266 -58.06 -13.40 -22.07
C ASN B 266 -57.88 -12.59 -23.35
N ILE B 267 -58.61 -12.92 -24.42
CA ILE B 267 -58.59 -12.09 -25.62
C ILE B 267 -59.15 -10.70 -25.33
N GLY B 268 -60.14 -10.60 -24.45
CA GLY B 268 -60.86 -9.37 -24.22
C GLY B 268 -60.06 -8.31 -23.48
N VAL B 269 -59.73 -7.21 -24.16
CA VAL B 269 -58.90 -6.15 -23.61
C VAL B 269 -59.79 -5.16 -22.86
N GLU B 270 -59.28 -4.64 -21.75
CA GLU B 270 -59.95 -3.57 -21.01
C GLU B 270 -59.81 -2.25 -21.76
N PRO B 271 -60.76 -1.32 -21.58
CA PRO B 271 -60.57 0.01 -22.15
C PRO B 271 -59.94 1.00 -21.16
N PRO B 279 -50.51 -3.96 -33.46
CA PRO B 279 -49.08 -4.03 -33.76
C PRO B 279 -48.22 -4.31 -32.53
N GLY B 280 -48.26 -3.41 -31.54
CA GLY B 280 -47.57 -3.65 -30.30
C GLY B 280 -48.27 -4.73 -29.47
N ALA B 281 -47.49 -5.39 -28.62
CA ALA B 281 -48.03 -6.46 -27.78
C ALA B 281 -47.01 -6.77 -26.69
N LYS B 282 -47.27 -7.83 -25.94
CA LYS B 282 -46.50 -8.19 -24.76
C LYS B 282 -46.76 -9.66 -24.43
N LEU B 283 -45.79 -10.30 -23.76
CA LEU B 283 -45.89 -11.70 -23.38
C LEU B 283 -45.82 -11.84 -21.86
N GLU B 284 -46.22 -13.01 -21.37
CA GLU B 284 -46.50 -13.22 -19.96
C GLU B 284 -45.68 -14.38 -19.41
N ALA B 285 -45.03 -14.17 -18.27
CA ALA B 285 -44.38 -15.23 -17.51
C ALA B 285 -43.44 -16.05 -18.41
N TRP B 286 -42.80 -15.36 -19.34
CA TRP B 286 -41.90 -15.99 -20.31
C TRP B 286 -42.65 -17.03 -21.14
N GLN B 287 -43.94 -16.81 -21.33
CA GLN B 287 -44.80 -17.66 -22.14
C GLN B 287 -45.51 -16.82 -23.18
N ASP B 288 -45.67 -17.38 -24.40
CA ASP B 288 -46.48 -16.76 -25.44
C ASP B 288 -47.94 -17.15 -25.22
N PRO B 289 -48.82 -16.20 -24.88
CA PRO B 289 -50.23 -16.56 -24.67
C PRO B 289 -51.08 -16.67 -25.92
N THR B 290 -50.57 -16.25 -27.09
CA THR B 290 -51.40 -16.20 -28.29
C THR B 290 -51.32 -17.46 -29.15
N ILE B 291 -50.78 -18.57 -28.63
CA ILE B 291 -50.70 -19.80 -29.40
C ILE B 291 -51.78 -20.79 -28.98
N PRO B 292 -52.33 -21.59 -29.91
CA PRO B 292 -53.31 -22.62 -29.53
C PRO B 292 -52.63 -23.74 -28.75
N PRO B 293 -53.32 -24.32 -27.75
CA PRO B 293 -54.64 -23.96 -27.22
C PRO B 293 -54.53 -22.83 -26.24
N VAL B 294 -55.37 -21.82 -26.38
CA VAL B 294 -55.25 -20.62 -25.57
C VAL B 294 -55.37 -20.97 -24.09
N SER B 295 -56.27 -21.90 -23.75
CA SER B 295 -56.39 -22.35 -22.36
C SER B 295 -55.14 -23.09 -21.90
N LYS B 296 -54.48 -23.83 -22.79
CA LYS B 296 -53.23 -24.47 -22.41
C LYS B 296 -52.16 -23.43 -22.07
N ALA B 297 -52.11 -22.34 -22.84
CA ALA B 297 -51.17 -21.27 -22.53
C ALA B 297 -51.53 -20.58 -21.23
N LEU B 298 -52.83 -20.45 -20.92
CA LEU B 298 -53.23 -19.86 -19.65
C LEU B 298 -52.96 -20.81 -18.48
N GLU B 299 -52.86 -22.11 -18.74
CA GLU B 299 -52.40 -23.05 -17.71
C GLU B 299 -50.90 -22.94 -17.50
N ASN B 300 -50.15 -22.75 -18.58
CA ASN B 300 -48.70 -22.65 -18.47
C ASN B 300 -48.28 -21.34 -17.82
N ILE B 301 -48.98 -20.25 -18.12
CA ILE B 301 -48.72 -18.98 -17.44
C ILE B 301 -48.96 -19.11 -15.94
N GLY B 302 -49.89 -19.96 -15.55
CA GLY B 302 -50.07 -20.23 -14.12
C GLY B 302 -48.91 -21.00 -13.53
N LYS B 303 -48.57 -22.13 -14.15
CA LYS B 303 -47.54 -22.99 -13.57
C LYS B 303 -46.19 -22.27 -13.52
N ALA B 304 -45.89 -21.45 -14.53
CA ALA B 304 -44.65 -20.69 -14.53
C ALA B 304 -44.58 -19.79 -13.30
N LEU B 305 -45.65 -19.03 -13.05
CA LEU B 305 -45.66 -18.14 -11.89
C LEU B 305 -45.54 -18.93 -10.59
N GLN B 306 -46.18 -20.11 -10.54
CA GLN B 306 -46.06 -20.94 -9.35
C GLN B 306 -44.60 -21.30 -9.09
N SER B 307 -43.90 -21.81 -10.09
CA SER B 307 -42.51 -22.20 -9.89
C SER B 307 -41.63 -20.99 -9.59
N GLN B 308 -41.89 -19.87 -10.27
CA GLN B 308 -41.10 -18.66 -10.05
C GLN B 308 -41.18 -18.22 -8.60
N TYR B 309 -42.39 -18.20 -8.04
CA TYR B 309 -42.51 -17.83 -6.63
C TYR B 309 -41.88 -18.88 -5.74
N GLU B 310 -42.03 -20.17 -6.08
CA GLU B 310 -41.48 -21.22 -5.24
C GLU B 310 -39.97 -21.12 -5.14
N THR B 311 -39.31 -20.61 -6.18
CA THR B 311 -37.84 -20.53 -6.12
C THR B 311 -37.35 -19.37 -5.26
N LEU B 312 -38.18 -18.35 -5.00
CA LEU B 312 -37.74 -17.30 -4.08
C LEU B 312 -37.59 -17.88 -2.69
N ALA B 313 -38.62 -18.56 -2.22
CA ALA B 313 -38.64 -19.16 -0.89
C ALA B 313 -39.39 -20.47 -1.02
N ILE B 314 -38.74 -21.60 -0.74
CA ILE B 314 -39.37 -22.89 -0.96
C ILE B 314 -40.19 -23.35 0.23
N ARG B 315 -40.14 -22.62 1.35
CA ARG B 315 -41.03 -22.91 2.46
C ARG B 315 -42.47 -22.56 2.10
N THR B 316 -42.67 -21.46 1.38
CA THR B 316 -44.01 -21.02 1.02
C THR B 316 -44.62 -21.98 0.01
N ARG B 317 -45.82 -22.48 0.29
CA ARG B 317 -46.57 -23.24 -0.70
C ARG B 317 -47.47 -22.28 -1.47
N CYS B 318 -47.48 -22.41 -2.79
CA CYS B 318 -48.11 -21.44 -3.67
C CYS B 318 -49.17 -22.13 -4.51
N LYS B 319 -50.38 -21.56 -4.51
CA LYS B 319 -51.47 -21.99 -5.39
C LYS B 319 -51.77 -20.90 -6.39
N GLN B 320 -52.08 -21.31 -7.62
CA GLN B 320 -52.42 -20.41 -8.71
C GLN B 320 -53.92 -20.41 -8.96
N TYR B 321 -54.43 -19.25 -9.37
CA TYR B 321 -55.86 -19.06 -9.64
C TYR B 321 -56.01 -18.33 -10.97
N LEU B 322 -56.66 -19.01 -11.92
CA LEU B 322 -56.67 -18.63 -13.32
C LEU B 322 -58.05 -18.06 -13.66
N ASP B 323 -58.09 -16.78 -14.01
CA ASP B 323 -59.34 -16.08 -14.29
C ASP B 323 -60.39 -16.36 -13.21
N PRO B 324 -60.10 -16.01 -11.96
CA PRO B 324 -61.00 -16.38 -10.88
C PRO B 324 -62.24 -15.49 -10.81
N SER B 325 -63.34 -16.09 -10.37
CA SER B 325 -64.58 -15.38 -10.08
C SER B 325 -64.58 -14.85 -8.65
N ILE B 326 -65.27 -13.72 -8.44
CA ILE B 326 -65.29 -13.08 -7.13
C ILE B 326 -65.76 -14.06 -6.06
N GLU B 327 -66.73 -14.91 -6.41
CA GLU B 327 -67.13 -15.99 -5.51
C GLU B 327 -65.91 -16.83 -5.13
N GLU B 328 -65.13 -17.21 -6.14
CA GLU B 328 -63.93 -18.02 -5.95
C GLU B 328 -62.87 -17.27 -5.14
N THR B 329 -62.68 -15.98 -5.42
CA THR B 329 -61.64 -15.22 -4.75
C THR B 329 -61.92 -15.05 -3.26
N LYS B 330 -63.17 -14.78 -2.89
CA LYS B 330 -63.48 -14.71 -1.47
C LYS B 330 -63.12 -16.03 -0.79
N LYS B 331 -63.36 -17.14 -1.50
CA LYS B 331 -63.01 -18.44 -0.98
C LYS B 331 -61.51 -18.55 -0.72
N PHE B 332 -60.67 -18.23 -1.72
CA PHE B 332 -59.24 -18.38 -1.47
C PHE B 332 -58.80 -17.48 -0.34
N CYS B 333 -59.32 -16.27 -0.30
CA CYS B 333 -58.83 -15.30 0.68
C CYS B 333 -59.17 -15.73 2.09
N ILE B 334 -60.39 -16.22 2.33
CA ILE B 334 -60.72 -16.68 3.68
C ILE B 334 -59.93 -17.96 4.01
N SER B 335 -59.82 -18.89 3.05
CA SER B 335 -59.15 -20.15 3.31
C SER B 335 -57.67 -19.95 3.64
N LEU B 336 -56.98 -19.14 2.84
CA LEU B 336 -55.56 -18.88 3.06
C LEU B 336 -55.32 -18.40 4.49
N ARG B 337 -56.09 -17.42 4.93
CA ARG B 337 -55.89 -16.83 6.24
C ARG B 337 -56.34 -17.75 7.36
N ARG B 338 -57.16 -18.76 7.08
CA ARG B 338 -57.39 -19.79 8.10
C ARG B 338 -56.23 -20.77 8.20
N ASN B 339 -55.69 -21.24 7.06
CA ASN B 339 -54.59 -22.19 7.11
C ASN B 339 -53.35 -21.57 7.74
N ALA B 340 -53.06 -20.31 7.40
CA ALA B 340 -51.96 -19.55 7.98
C ALA B 340 -52.58 -18.67 9.08
N LYS B 341 -52.87 -19.32 10.21
CA LYS B 341 -53.58 -18.67 11.31
C LYS B 341 -52.99 -17.31 11.67
N ASP B 342 -51.73 -17.29 12.11
CA ASP B 342 -51.06 -16.06 12.50
C ASP B 342 -49.82 -15.75 11.69
N GLU B 343 -49.49 -16.56 10.69
CA GLU B 343 -48.27 -16.40 9.91
C GLU B 343 -48.58 -15.72 8.59
N ARG B 344 -47.55 -15.10 8.02
CA ARG B 344 -47.73 -14.21 6.87
C ARG B 344 -48.21 -14.98 5.64
N VAL B 345 -48.90 -14.27 4.75
CA VAL B 345 -49.45 -14.84 3.52
C VAL B 345 -49.27 -13.84 2.38
N LEU B 346 -49.06 -14.37 1.18
CA LEU B 346 -48.81 -13.58 -0.01
C LEU B 346 -50.04 -13.56 -0.91
N PHE B 347 -50.47 -12.36 -1.29
CA PHE B 347 -51.51 -12.17 -2.31
C PHE B 347 -50.87 -11.53 -3.53
N HIS B 348 -50.89 -12.24 -4.66
CA HIS B 348 -50.41 -11.76 -5.94
C HIS B 348 -51.59 -11.46 -6.84
N TYR B 349 -51.52 -10.34 -7.57
CA TYR B 349 -52.60 -9.93 -8.45
C TYR B 349 -52.04 -9.50 -9.78
N ASN B 350 -52.61 -10.02 -10.86
CA ASN B 350 -52.23 -9.68 -12.23
C ASN B 350 -53.49 -9.19 -12.93
N GLY B 351 -53.58 -7.88 -13.14
CA GLY B 351 -54.81 -7.30 -13.66
C GLY B 351 -54.73 -6.85 -15.10
N HIS B 352 -54.07 -7.66 -15.94
CA HIS B 352 -53.84 -7.26 -17.33
C HIS B 352 -55.09 -7.41 -18.19
N GLY B 353 -55.86 -8.49 -18.00
CA GLY B 353 -57.05 -8.70 -18.80
C GLY B 353 -58.27 -7.96 -18.31
N VAL B 354 -58.27 -7.54 -17.06
CA VAL B 354 -59.40 -6.85 -16.45
C VAL B 354 -59.11 -5.36 -16.45
N PRO B 355 -60.06 -4.49 -16.10
CA PRO B 355 -59.78 -3.05 -16.14
C PRO B 355 -59.01 -2.57 -14.92
N LYS B 356 -58.47 -1.37 -15.05
CA LYS B 356 -57.60 -0.83 -14.01
C LYS B 356 -58.39 -0.54 -12.74
N PRO B 357 -57.75 -0.66 -11.57
CA PRO B 357 -58.44 -0.38 -10.31
C PRO B 357 -59.16 0.95 -10.31
N THR B 358 -60.25 1.01 -9.53
CA THR B 358 -61.09 2.18 -9.41
C THR B 358 -60.44 3.21 -8.50
N ALA B 359 -60.91 4.45 -8.62
CA ALA B 359 -60.34 5.53 -7.80
C ALA B 359 -60.85 5.52 -6.37
N SER B 360 -61.35 4.36 -5.92
CA SER B 360 -61.67 4.14 -4.51
C SER B 360 -61.05 2.82 -4.05
N GLY B 361 -60.05 2.32 -4.78
CA GLY B 361 -59.35 1.14 -4.38
C GLY B 361 -59.87 -0.15 -4.97
N GLU B 362 -61.07 -0.16 -5.55
CA GLU B 362 -61.64 -1.43 -5.95
C GLU B 362 -60.76 -2.07 -7.01
N ILE B 363 -60.67 -3.39 -6.97
CA ILE B 363 -59.87 -4.15 -7.91
C ILE B 363 -60.80 -5.07 -8.66
N TRP B 364 -60.45 -5.36 -9.90
CA TRP B 364 -61.35 -6.08 -10.79
C TRP B 364 -61.00 -7.56 -10.84
N VAL B 365 -62.06 -8.36 -10.93
CA VAL B 365 -62.00 -9.80 -10.96
C VAL B 365 -62.86 -10.22 -12.16
N PHE B 366 -62.97 -11.51 -12.40
CA PHE B 366 -64.00 -11.97 -13.31
C PHE B 366 -65.30 -12.23 -12.56
N ASN B 367 -66.39 -12.35 -13.32
CA ASN B 367 -67.67 -12.76 -12.78
C ASN B 367 -67.82 -14.27 -12.93
N LYS B 368 -68.64 -14.87 -12.06
CA LYS B 368 -69.01 -16.26 -12.29
C LYS B 368 -69.53 -16.41 -13.72
N ASN B 369 -69.25 -17.56 -14.33
CA ASN B 369 -69.42 -17.85 -15.75
C ASN B 369 -68.27 -17.25 -16.55
N TYR B 370 -67.34 -16.53 -15.92
CA TYR B 370 -66.12 -16.06 -16.57
C TYR B 370 -66.44 -15.18 -17.78
N THR B 371 -67.44 -14.30 -17.62
CA THR B 371 -67.89 -13.43 -18.69
C THR B 371 -67.70 -11.95 -18.38
N GLN B 372 -68.20 -11.47 -17.25
CA GLN B 372 -68.24 -10.05 -16.92
C GLN B 372 -67.22 -9.72 -15.84
N TYR B 373 -66.90 -8.44 -15.73
CA TYR B 373 -65.92 -7.95 -14.77
C TYR B 373 -66.63 -7.43 -13.53
N ILE B 374 -66.35 -8.03 -12.37
CA ILE B 374 -66.88 -7.56 -11.09
C ILE B 374 -65.79 -6.81 -10.33
N PRO B 375 -66.10 -5.69 -9.69
CA PRO B 375 -65.13 -5.05 -8.79
C PRO B 375 -65.18 -5.67 -7.40
N VAL B 376 -64.11 -5.40 -6.65
CA VAL B 376 -63.99 -5.86 -5.26
C VAL B 376 -63.47 -4.70 -4.44
N SER B 377 -64.27 -4.22 -3.50
CA SER B 377 -63.81 -3.15 -2.63
C SER B 377 -62.83 -3.69 -1.61
N LEU B 378 -61.97 -2.81 -1.11
CA LEU B 378 -60.92 -3.26 -0.20
C LEU B 378 -61.52 -3.84 1.06
N TYR B 379 -62.57 -3.22 1.60
CA TYR B 379 -63.11 -3.65 2.90
C TYR B 379 -63.39 -5.15 2.92
N ASP B 380 -64.01 -5.67 1.87
CA ASP B 380 -64.26 -7.11 1.80
C ASP B 380 -62.94 -7.89 1.83
N LEU B 381 -61.97 -7.45 1.04
CA LEU B 381 -60.67 -8.11 0.99
C LEU B 381 -60.00 -8.12 2.36
N GLN B 382 -59.98 -6.95 3.02
CA GLN B 382 -59.41 -6.84 4.35
C GLN B 382 -60.10 -7.77 5.33
N GLN B 383 -61.43 -7.90 5.22
CA GLN B 383 -62.14 -8.86 6.05
C GLN B 383 -61.77 -10.29 5.69
N TRP B 384 -61.24 -10.51 4.49
CA TRP B 384 -60.70 -11.83 4.18
C TRP B 384 -59.22 -11.96 4.59
N LEU B 385 -58.38 -10.98 4.23
CA LEU B 385 -56.92 -11.07 4.42
C LEU B 385 -56.37 -9.95 5.32
N GLN B 386 -56.53 -10.08 6.64
CA GLN B 386 -56.01 -9.05 7.53
C GLN B 386 -54.68 -9.42 8.17
N ALA B 387 -54.39 -10.71 8.26
CA ALA B 387 -53.30 -11.19 9.10
C ALA B 387 -52.00 -10.77 8.43
N PRO B 388 -50.82 -11.04 9.00
CA PRO B 388 -49.61 -10.50 8.36
C PRO B 388 -49.66 -10.86 6.90
N THR B 389 -49.57 -9.88 5.99
CA THR B 389 -49.75 -10.23 4.58
C THR B 389 -48.97 -9.28 3.69
N ILE B 390 -48.51 -9.84 2.58
CA ILE B 390 -47.84 -9.13 1.50
C ILE B 390 -48.79 -9.04 0.33
N PHE B 391 -48.77 -7.90 -0.37
CA PHE B 391 -49.58 -7.64 -1.55
C PHE B 391 -48.64 -7.33 -2.71
N VAL B 392 -48.84 -8.00 -3.84
CA VAL B 392 -48.10 -7.72 -5.07
C VAL B 392 -49.12 -7.32 -6.13
N TRP B 393 -48.94 -6.14 -6.71
CA TRP B 393 -49.90 -5.58 -7.68
C TRP B 393 -49.23 -5.40 -9.04
N ASP B 394 -49.48 -6.32 -9.98
CA ASP B 394 -49.13 -6.12 -11.37
C ASP B 394 -50.36 -5.72 -12.17
N CYS B 395 -50.75 -4.47 -11.97
CA CYS B 395 -51.82 -3.84 -12.75
C CYS B 395 -51.39 -2.43 -13.08
N SER B 396 -52.16 -1.77 -13.94
CA SER B 396 -51.95 -0.35 -14.14
C SER B 396 -52.60 0.42 -13.00
N GLU B 397 -52.19 1.68 -12.85
CA GLU B 397 -52.68 2.55 -11.79
C GLU B 397 -52.84 1.81 -10.46
N ALA B 398 -51.87 0.97 -10.12
CA ALA B 398 -51.91 0.30 -8.82
C ALA B 398 -51.82 1.30 -7.69
N GLY B 399 -51.25 2.49 -7.94
CA GLY B 399 -50.99 3.43 -6.86
C GLY B 399 -52.22 3.79 -6.06
N ASN B 400 -53.37 3.95 -6.73
CA ASN B 400 -54.58 4.31 -6.01
C ASN B 400 -54.98 3.21 -5.01
N ILE B 401 -54.73 1.94 -5.33
CA ILE B 401 -54.96 0.88 -4.35
C ILE B 401 -54.28 1.24 -3.04
N LEU B 402 -53.05 1.75 -3.13
CA LEU B 402 -52.29 2.12 -1.94
C LEU B 402 -52.88 3.33 -1.23
N LYS B 403 -53.49 4.25 -1.98
CA LYS B 403 -53.89 5.52 -1.41
C LYS B 403 -54.97 5.34 -0.35
N ASN B 404 -56.12 4.80 -0.74
CA ASN B 404 -57.29 4.73 0.13
C ASN B 404 -57.37 3.42 0.90
N TYR B 405 -56.29 2.65 0.97
CA TYR B 405 -56.31 1.44 1.78
C TYR B 405 -56.29 1.76 3.27
N HIS B 406 -55.69 2.90 3.64
CA HIS B 406 -55.57 3.25 5.05
C HIS B 406 -56.92 3.56 5.68
N LYS B 407 -57.79 4.29 4.95
CA LYS B 407 -59.11 4.60 5.49
C LYS B 407 -59.91 3.32 5.73
N PHE B 408 -59.90 2.42 4.75
CA PHE B 408 -60.59 1.15 4.89
C PHE B 408 -60.01 0.33 6.03
N VAL B 409 -58.70 0.46 6.28
CA VAL B 409 -58.12 -0.18 7.46
C VAL B 409 -58.69 0.45 8.73
N GLU B 410 -58.69 1.78 8.80
CA GLU B 410 -59.12 2.46 10.02
C GLU B 410 -60.56 2.12 10.38
N ARG B 411 -61.39 1.88 9.36
CA ARG B 411 -62.76 1.43 9.64
C ARG B 411 -62.73 0.13 10.43
N HIS B 412 -62.08 -0.90 9.90
CA HIS B 412 -61.90 -2.14 10.65
C HIS B 412 -61.32 -1.86 12.03
N GLU B 413 -60.28 -1.03 12.10
CA GLU B 413 -59.56 -0.78 13.33
C GLU B 413 -60.52 -0.38 14.45
N LYS B 414 -61.31 0.67 14.21
CA LYS B 414 -62.28 1.09 15.21
C LYS B 414 -63.39 0.05 15.38
N GLU B 415 -63.81 -0.58 14.29
CA GLU B 415 -64.93 -1.52 14.30
C GLU B 415 -64.90 -2.48 15.49
N GLU B 416 -63.87 -3.30 15.57
CA GLU B 416 -63.81 -4.36 16.57
C GLU B 416 -63.14 -3.90 17.85
N ARG B 432 -53.50 -5.51 10.52
CA ARG B 432 -52.71 -4.29 10.52
C ARG B 432 -51.30 -4.50 9.93
N PRO B 433 -50.64 -5.63 10.21
CA PRO B 433 -49.27 -5.75 9.65
C PRO B 433 -49.31 -6.17 8.18
N TYR B 434 -49.51 -5.17 7.32
CA TYR B 434 -49.62 -5.37 5.88
C TYR B 434 -48.50 -4.64 5.16
N ILE B 435 -48.05 -5.25 4.06
CA ILE B 435 -46.92 -4.76 3.27
C ILE B 435 -47.34 -4.77 1.82
N HIS B 436 -47.14 -3.65 1.11
CA HIS B 436 -47.56 -3.52 -0.28
C HIS B 436 -46.37 -3.34 -1.21
N LEU B 437 -46.48 -3.91 -2.41
CA LEU B 437 -45.51 -3.71 -3.49
C LEU B 437 -46.29 -3.56 -4.79
N ALA B 438 -46.20 -2.38 -5.39
CA ALA B 438 -47.01 -2.02 -6.55
C ALA B 438 -46.12 -1.65 -7.73
N ALA B 439 -46.60 -1.94 -8.93
CA ALA B 439 -45.81 -1.68 -10.13
C ALA B 439 -45.90 -0.22 -10.58
N CYS B 440 -47.04 0.44 -10.38
CA CYS B 440 -47.29 1.76 -10.93
C CYS B 440 -47.61 2.76 -9.82
N ALA B 441 -47.58 4.04 -10.21
CA ALA B 441 -48.04 5.11 -9.34
C ALA B 441 -49.52 5.37 -9.59
N SER B 442 -50.05 6.45 -9.03
CA SER B 442 -51.49 6.70 -9.07
C SER B 442 -52.05 6.61 -10.49
N LYS B 443 -51.46 7.36 -11.43
CA LYS B 443 -52.07 7.57 -12.75
C LYS B 443 -51.24 6.99 -13.89
N GLU B 444 -50.21 6.20 -13.61
CA GLU B 444 -49.35 5.69 -14.66
C GLU B 444 -49.92 4.41 -15.27
N ASN B 445 -49.35 4.02 -16.41
CA ASN B 445 -49.78 2.84 -17.14
C ASN B 445 -48.62 1.88 -17.33
N LEU B 446 -48.89 0.60 -17.11
CA LEU B 446 -47.91 -0.42 -17.43
C LEU B 446 -47.47 -0.25 -18.88
N PRO B 447 -46.18 -0.47 -19.19
CA PRO B 447 -45.71 -0.16 -20.54
C PRO B 447 -46.37 -1.08 -21.56
N THR B 448 -46.18 -0.74 -22.83
CA THR B 448 -46.94 -1.36 -23.90
C THR B 448 -46.10 -1.99 -25.00
N ASN B 449 -44.95 -1.40 -25.33
CA ASN B 449 -44.27 -1.77 -26.56
C ASN B 449 -43.74 -3.21 -26.49
N PRO B 450 -43.58 -3.86 -27.65
CA PRO B 450 -42.87 -5.14 -27.68
C PRO B 450 -41.40 -4.94 -27.38
N MET B 451 -40.59 -5.99 -27.49
CA MET B 451 -39.27 -6.02 -26.89
C MET B 451 -39.35 -5.89 -25.38
N LEU B 452 -40.54 -6.16 -24.83
CA LEU B 452 -40.86 -5.99 -23.42
C LEU B 452 -42.01 -6.93 -23.07
N PRO B 453 -41.89 -7.71 -22.00
CA PRO B 453 -43.02 -8.52 -21.56
C PRO B 453 -44.07 -7.71 -20.82
N ALA B 454 -45.28 -8.27 -20.80
CA ALA B 454 -46.36 -7.68 -19.98
C ALA B 454 -46.03 -7.84 -18.51
N ASP B 455 -45.42 -8.97 -18.15
CA ASP B 455 -45.18 -9.36 -16.77
C ASP B 455 -43.96 -8.64 -16.23
N LEU B 456 -43.87 -7.32 -16.41
CA LEU B 456 -42.61 -6.63 -16.12
C LEU B 456 -42.32 -6.61 -14.63
N PHE B 457 -43.24 -6.03 -13.84
CA PHE B 457 -43.00 -5.94 -12.40
C PHE B 457 -42.96 -7.33 -11.77
N THR B 458 -43.80 -8.24 -12.25
CA THR B 458 -43.75 -9.63 -11.79
C THR B 458 -42.43 -10.29 -12.15
N CYS B 459 -41.92 -10.03 -13.36
CA CYS B 459 -40.62 -10.58 -13.74
C CYS B 459 -39.52 -10.03 -12.86
N CYS B 460 -39.53 -8.72 -12.59
CA CYS B 460 -38.56 -8.14 -11.68
C CYS B 460 -38.61 -8.86 -10.33
N LEU B 461 -39.81 -9.03 -9.76
CA LEU B 461 -39.91 -9.56 -8.41
C LEU B 461 -39.81 -11.07 -8.32
N THR B 462 -39.85 -11.82 -9.43
CA THR B 462 -39.79 -13.27 -9.37
C THR B 462 -38.76 -13.92 -10.30
N THR B 463 -38.20 -13.18 -11.26
CA THR B 463 -37.12 -13.69 -12.11
C THR B 463 -36.10 -12.58 -12.34
N PRO B 464 -35.57 -12.00 -11.26
CA PRO B 464 -34.79 -10.76 -11.41
C PRO B 464 -33.58 -10.91 -12.30
N ILE B 465 -32.88 -12.04 -12.26
CA ILE B 465 -31.66 -12.18 -13.05
C ILE B 465 -32.01 -12.22 -14.54
N GLU B 466 -33.02 -13.01 -14.89
CA GLU B 466 -33.42 -13.11 -16.29
C GLU B 466 -33.91 -11.77 -16.82
N MET B 467 -34.71 -11.07 -16.02
CA MET B 467 -35.20 -9.76 -16.44
C MET B 467 -34.06 -8.78 -16.57
N ALA B 468 -33.06 -8.87 -15.70
CA ALA B 468 -31.93 -7.94 -15.76
C ALA B 468 -31.08 -8.20 -17.00
N LEU B 469 -30.90 -9.47 -17.37
CA LEU B 469 -30.21 -9.79 -18.61
C LEU B 469 -30.97 -9.23 -19.82
N TRP B 470 -32.29 -9.43 -19.84
CA TRP B 470 -33.12 -8.86 -20.90
C TRP B 470 -32.93 -7.35 -20.98
N PHE B 471 -33.10 -6.68 -19.85
CA PHE B 471 -32.99 -5.23 -19.78
C PHE B 471 -31.62 -4.77 -20.24
N PHE B 472 -30.57 -5.50 -19.88
CA PHE B 472 -29.21 -5.13 -20.26
C PHE B 472 -29.01 -5.23 -21.76
N VAL B 473 -29.54 -6.28 -22.37
CA VAL B 473 -29.41 -6.40 -23.82
C VAL B 473 -30.17 -5.28 -24.51
N LEU B 474 -31.30 -4.85 -23.94
CA LEU B 474 -32.02 -3.74 -24.55
C LEU B 474 -31.27 -2.41 -24.42
N GLN B 475 -30.71 -2.14 -23.23
CA GLN B 475 -30.12 -0.83 -22.96
C GLN B 475 -28.70 -0.70 -23.50
N ASN B 476 -27.98 -1.80 -23.69
CA ASN B 476 -26.61 -1.77 -24.17
C ASN B 476 -26.48 -2.69 -25.39
N PRO B 477 -27.25 -2.42 -26.44
CA PRO B 477 -27.06 -3.17 -27.68
C PRO B 477 -25.72 -2.80 -28.29
N LEU B 478 -25.13 -3.77 -28.99
CA LEU B 478 -23.82 -3.64 -29.62
C LEU B 478 -22.71 -3.58 -28.59
N LYS B 479 -23.03 -3.54 -27.30
CA LYS B 479 -22.09 -3.99 -26.29
C LYS B 479 -22.11 -5.51 -26.24
N THR B 480 -23.27 -6.08 -26.59
CA THR B 480 -23.45 -7.48 -26.93
C THR B 480 -24.32 -7.53 -28.18
N LYS B 481 -24.00 -8.45 -29.09
CA LYS B 481 -24.83 -8.68 -30.26
C LYS B 481 -25.76 -9.87 -30.04
N LEU B 482 -26.60 -9.76 -29.02
CA LEU B 482 -27.49 -10.85 -28.62
C LEU B 482 -28.94 -10.39 -28.63
N THR B 483 -29.83 -11.36 -28.73
CA THR B 483 -31.24 -11.07 -28.52
C THR B 483 -31.53 -10.98 -27.03
N PRO B 484 -32.41 -10.08 -26.61
CA PRO B 484 -32.91 -10.14 -25.22
C PRO B 484 -33.47 -11.52 -24.89
N GLU B 485 -34.15 -12.12 -25.85
CA GLU B 485 -34.68 -13.47 -25.68
C GLU B 485 -33.60 -14.48 -25.36
N ARG B 486 -32.39 -14.32 -25.92
CA ARG B 486 -31.35 -15.31 -25.74
C ARG B 486 -30.55 -15.10 -24.45
N ALA B 487 -30.26 -13.85 -24.09
CA ALA B 487 -29.58 -13.60 -22.83
C ALA B 487 -30.33 -14.24 -21.67
N ARG B 488 -31.66 -14.11 -21.66
CA ARG B 488 -32.49 -14.80 -20.69
C ARG B 488 -32.01 -16.22 -20.41
N LYS B 489 -31.69 -16.97 -21.47
CA LYS B 489 -31.27 -18.36 -21.34
C LYS B 489 -29.76 -18.45 -21.21
N LEU B 490 -29.24 -17.82 -20.16
CA LEU B 490 -27.81 -17.86 -19.86
C LEU B 490 -27.47 -19.17 -19.18
N GLY B 491 -26.44 -19.85 -19.68
CA GLY B 491 -26.01 -21.12 -19.13
C GLY B 491 -25.70 -21.05 -17.65
N GLY B 492 -26.23 -21.99 -16.89
CA GLY B 492 -25.98 -22.07 -15.48
C GLY B 492 -27.21 -22.55 -14.75
N ARG B 493 -27.13 -22.49 -13.42
CA ARG B 493 -28.17 -23.00 -12.54
C ARG B 493 -28.33 -22.06 -11.36
N LEU B 494 -29.58 -21.66 -11.09
CA LEU B 494 -29.79 -20.69 -10.03
C LEU B 494 -29.31 -21.27 -8.71
N GLN B 495 -28.50 -20.49 -8.00
CA GLN B 495 -27.97 -20.88 -6.70
C GLN B 495 -26.90 -21.97 -6.77
N GLU B 496 -26.32 -22.20 -7.95
CA GLU B 496 -25.07 -22.95 -8.05
C GLU B 496 -24.04 -21.88 -8.39
N ARG B 497 -23.41 -21.31 -7.37
CA ARG B 497 -22.39 -20.32 -7.64
C ARG B 497 -21.28 -20.97 -8.45
N ARG B 498 -20.54 -20.15 -9.18
CA ARG B 498 -19.49 -20.55 -10.10
C ARG B 498 -20.07 -20.98 -11.45
N THR B 499 -21.39 -21.09 -11.59
CA THR B 499 -21.92 -21.17 -12.94
C THR B 499 -22.35 -19.75 -13.35
N PRO B 500 -22.20 -19.35 -14.61
CA PRO B 500 -22.46 -17.95 -14.96
C PRO B 500 -23.73 -17.39 -14.34
N LEU B 501 -24.84 -18.12 -14.48
CA LEU B 501 -26.11 -17.63 -13.95
C LEU B 501 -26.10 -17.58 -12.43
N GLY B 502 -25.59 -18.63 -11.78
CA GLY B 502 -25.51 -18.63 -10.33
C GLY B 502 -24.62 -17.53 -9.80
N GLU B 503 -23.46 -17.34 -10.43
CA GLU B 503 -22.59 -16.24 -10.06
C GLU B 503 -23.30 -14.89 -10.19
N LEU B 504 -24.01 -14.70 -11.31
CA LEU B 504 -24.72 -13.44 -11.50
C LEU B 504 -25.78 -13.25 -10.41
N ASN B 505 -26.49 -14.31 -10.06
CA ASN B 505 -27.50 -14.21 -9.00
C ASN B 505 -26.86 -13.84 -7.68
N TRP B 506 -25.72 -14.44 -7.37
CA TRP B 506 -25.04 -14.16 -6.11
C TRP B 506 -24.54 -12.73 -6.08
N ILE B 507 -23.94 -12.26 -7.17
CA ILE B 507 -23.54 -10.85 -7.25
C ILE B 507 -24.77 -9.97 -7.09
N PHE B 508 -25.89 -10.35 -7.69
CA PHE B 508 -27.11 -9.57 -7.57
C PHE B 508 -27.52 -9.42 -6.11
N THR B 509 -27.54 -10.54 -5.38
CA THR B 509 -27.94 -10.47 -3.98
C THR B 509 -27.00 -9.58 -3.20
N ALA B 510 -25.69 -9.73 -3.42
CA ALA B 510 -24.73 -8.87 -2.73
C ALA B 510 -25.02 -7.39 -3.02
N ILE B 511 -25.25 -7.06 -4.28
CA ILE B 511 -25.39 -5.66 -4.68
C ILE B 511 -26.67 -5.07 -4.08
N THR B 512 -27.80 -5.77 -4.24
CA THR B 512 -29.04 -5.22 -3.71
C THR B 512 -28.99 -5.13 -2.19
N ASP B 513 -28.37 -6.13 -1.54
CA ASP B 513 -28.27 -6.08 -0.09
C ASP B 513 -27.48 -4.85 0.36
N THR B 514 -26.34 -4.58 -0.28
CA THR B 514 -25.58 -3.39 0.12
C THR B 514 -26.31 -2.10 -0.24
N ILE B 515 -27.06 -2.09 -1.34
CA ILE B 515 -27.86 -0.92 -1.67
C ILE B 515 -28.82 -0.61 -0.53
N ALA B 516 -29.56 -1.63 -0.08
CA ALA B 516 -30.48 -1.42 1.04
C ALA B 516 -29.71 -1.00 2.29
N TRP B 517 -28.64 -1.72 2.60
CA TRP B 517 -27.84 -1.42 3.79
C TRP B 517 -27.40 0.05 3.81
N THR B 518 -27.09 0.60 2.64
CA THR B 518 -26.62 1.98 2.55
C THR B 518 -27.77 2.97 2.65
N THR B 519 -28.83 2.75 1.88
CA THR B 519 -29.84 3.77 1.63
C THR B 519 -30.98 3.76 2.63
N LEU B 520 -30.96 2.85 3.60
CA LEU B 520 -32.04 2.69 4.56
C LEU B 520 -31.48 2.61 5.97
N PRO B 521 -32.29 2.95 6.97
CA PRO B 521 -31.83 2.84 8.36
C PRO B 521 -31.85 1.39 8.82
N ARG B 522 -31.04 1.11 9.85
CA ARG B 522 -30.90 -0.27 10.30
C ARG B 522 -32.26 -0.87 10.64
N ASP B 523 -33.16 -0.06 11.22
CA ASP B 523 -34.48 -0.57 11.57
C ASP B 523 -35.12 -1.29 10.38
N LEU B 524 -35.34 -0.56 9.29
CA LEU B 524 -36.03 -1.13 8.13
C LEU B 524 -35.21 -2.23 7.49
N PHE B 525 -33.90 -2.02 7.37
CA PHE B 525 -33.05 -3.04 6.76
C PHE B 525 -33.24 -4.37 7.48
N ARG B 526 -33.11 -4.36 8.80
CA ARG B 526 -33.25 -5.62 9.54
C ARG B 526 -34.68 -6.13 9.48
N LYS B 527 -35.67 -5.24 9.46
CA LYS B 527 -37.04 -5.71 9.50
C LYS B 527 -37.47 -6.37 8.20
N PHE B 528 -36.91 -5.97 7.07
CA PHE B 528 -37.38 -6.49 5.79
C PHE B 528 -36.36 -7.33 5.03
N PHE B 529 -35.07 -7.00 5.09
CA PHE B 529 -34.06 -7.74 4.36
C PHE B 529 -33.37 -8.82 5.20
N ARG B 530 -33.74 -8.96 6.47
CA ARG B 530 -33.18 -10.02 7.31
C ARG B 530 -34.23 -10.85 8.04
N GLN B 531 -35.50 -10.44 8.03
CA GLN B 531 -36.51 -11.13 8.84
C GLN B 531 -36.98 -12.42 8.17
N ASP B 532 -37.49 -12.32 6.94
CA ASP B 532 -38.09 -13.47 6.26
C ASP B 532 -37.53 -13.58 4.85
N LEU B 533 -37.37 -14.82 4.38
CA LEU B 533 -36.82 -15.06 3.05
C LEU B 533 -37.68 -14.44 1.96
N MET B 534 -38.98 -14.74 1.97
CA MET B 534 -39.86 -14.27 0.91
C MET B 534 -39.92 -12.74 0.89
N VAL B 535 -40.09 -12.15 2.08
CA VAL B 535 -40.17 -10.69 2.19
C VAL B 535 -38.89 -10.05 1.67
N ALA B 536 -37.74 -10.55 2.14
CA ALA B 536 -36.47 -9.97 1.74
C ALA B 536 -36.23 -10.16 0.25
N ALA B 537 -36.50 -11.36 -0.27
CA ALA B 537 -36.35 -11.60 -1.70
C ALA B 537 -37.13 -10.59 -2.50
N LEU B 538 -38.39 -10.35 -2.13
CA LEU B 538 -39.22 -9.45 -2.92
C LEU B 538 -38.76 -8.02 -2.79
N PHE B 539 -38.33 -7.58 -1.60
CA PHE B 539 -37.82 -6.21 -1.48
C PHE B 539 -36.53 -6.02 -2.27
N ARG B 540 -35.62 -6.99 -2.18
CA ARG B 540 -34.39 -6.93 -2.97
C ARG B 540 -34.72 -6.80 -4.45
N ASN B 541 -35.60 -7.67 -4.94
CA ASN B 541 -35.96 -7.64 -6.36
C ASN B 541 -36.75 -6.38 -6.69
N PHE B 542 -37.44 -5.82 -5.70
CA PHE B 542 -38.14 -4.56 -5.89
C PHE B 542 -37.17 -3.41 -6.11
N LEU B 543 -35.96 -3.50 -5.57
CA LEU B 543 -34.97 -2.49 -5.91
C LEU B 543 -34.65 -2.50 -7.40
N LEU B 544 -34.50 -3.71 -7.97
CA LEU B 544 -34.37 -3.82 -9.42
C LEU B 544 -35.58 -3.23 -10.13
N ALA B 545 -36.78 -3.51 -9.60
CA ALA B 545 -37.97 -2.90 -10.20
C ALA B 545 -37.87 -1.39 -10.18
N GLN B 546 -37.43 -0.81 -9.06
CA GLN B 546 -37.24 0.63 -8.99
C GLN B 546 -36.30 1.12 -10.09
N ARG B 547 -35.28 0.32 -10.41
CA ARG B 547 -34.33 0.74 -11.44
C ARG B 547 -34.88 0.62 -12.86
N ILE B 548 -35.64 -0.43 -13.13
CA ILE B 548 -36.03 -0.73 -14.52
C ILE B 548 -37.33 -0.04 -14.90
N MET B 549 -38.34 -0.11 -14.05
CA MET B 549 -39.67 0.35 -14.46
C MET B 549 -39.70 1.78 -14.97
N PRO B 550 -38.99 2.74 -14.37
CA PRO B 550 -39.14 4.14 -14.80
C PRO B 550 -38.55 4.48 -16.16
N VAL B 551 -37.65 3.66 -16.73
CA VAL B 551 -37.24 3.93 -18.11
C VAL B 551 -38.42 3.72 -19.04
N TYR B 552 -39.37 2.88 -18.65
CA TYR B 552 -40.53 2.53 -19.45
C TYR B 552 -41.79 3.02 -18.76
N GLY B 553 -41.75 4.23 -18.20
CA GLY B 553 -42.94 4.84 -17.67
C GLY B 553 -43.07 4.79 -16.16
N CYS B 554 -43.87 3.84 -15.67
CA CYS B 554 -44.31 3.84 -14.29
C CYS B 554 -43.16 3.79 -13.29
N HIS B 555 -43.42 4.36 -12.10
CA HIS B 555 -42.51 4.31 -10.96
C HIS B 555 -43.13 3.47 -9.86
N PRO B 556 -42.61 2.28 -9.56
CA PRO B 556 -43.24 1.43 -8.54
C PRO B 556 -43.27 2.07 -7.17
N GLN B 557 -44.28 1.70 -6.38
CA GLN B 557 -44.43 2.14 -4.99
C GLN B 557 -44.53 0.93 -4.05
N SER B 558 -44.43 1.22 -2.75
CA SER B 558 -44.30 0.20 -1.72
C SER B 558 -44.78 0.80 -0.40
N TYR B 559 -45.58 0.04 0.36
CA TYR B 559 -46.19 0.64 1.54
C TYR B 559 -45.14 1.13 2.53
N PRO B 560 -44.20 0.32 3.00
CA PRO B 560 -43.04 0.92 3.65
C PRO B 560 -42.22 1.63 2.60
N GLU B 561 -42.27 2.95 2.59
CA GLU B 561 -41.74 3.72 1.47
C GLU B 561 -40.23 3.74 1.52
N LEU B 562 -39.59 3.25 0.46
CA LEU B 562 -38.13 3.22 0.39
C LEU B 562 -37.63 4.35 -0.51
N PRO B 563 -36.44 4.88 -0.26
CA PRO B 563 -35.86 5.89 -1.16
C PRO B 563 -35.73 5.36 -2.57
N ASP B 564 -35.51 6.28 -3.52
CA ASP B 564 -35.74 5.95 -4.92
C ASP B 564 -34.74 4.90 -5.43
N THR B 565 -33.49 4.99 -5.01
CA THR B 565 -32.52 3.92 -5.25
C THR B 565 -32.14 3.78 -6.73
N ARG B 566 -32.79 4.51 -7.63
CA ARG B 566 -32.56 4.32 -9.06
C ARG B 566 -31.07 4.30 -9.38
N ARG B 567 -30.41 5.44 -9.17
CA ARG B 567 -28.98 5.55 -9.48
C ARG B 567 -28.16 5.48 -8.20
N HIS B 568 -28.07 4.27 -7.67
CA HIS B 568 -27.04 3.90 -6.72
C HIS B 568 -25.80 3.47 -7.49
N PRO B 569 -24.61 3.94 -7.13
CA PRO B 569 -23.46 3.67 -8.01
C PRO B 569 -23.21 2.18 -8.23
N LEU B 570 -23.59 1.33 -7.26
CA LEU B 570 -23.33 -0.10 -7.40
C LEU B 570 -23.99 -0.70 -8.62
N TRP B 571 -25.09 -0.11 -9.11
CA TRP B 571 -25.73 -0.64 -10.31
C TRP B 571 -24.74 -0.68 -11.46
N GLU B 572 -23.88 0.33 -11.57
CA GLU B 572 -22.85 0.28 -12.61
C GLU B 572 -22.04 -1.00 -12.49
N ALA B 573 -21.57 -1.31 -11.28
CA ALA B 573 -20.87 -2.57 -11.07
C ALA B 573 -21.71 -3.74 -11.58
N TRP B 574 -22.99 -3.77 -11.21
CA TRP B 574 -23.87 -4.84 -11.68
C TRP B 574 -23.80 -4.97 -13.20
N ASP B 575 -23.96 -3.84 -13.91
CA ASP B 575 -23.92 -3.90 -15.36
C ASP B 575 -22.62 -4.54 -15.84
N HIS B 576 -21.50 -4.11 -15.26
CA HIS B 576 -20.22 -4.72 -15.62
C HIS B 576 -20.28 -6.22 -15.47
N ALA B 577 -20.70 -6.71 -14.30
CA ALA B 577 -20.74 -8.13 -14.06
C ALA B 577 -21.62 -8.83 -15.09
N VAL B 578 -22.73 -8.21 -15.47
CA VAL B 578 -23.57 -8.79 -16.51
C VAL B 578 -22.82 -8.79 -17.83
N ASP B 579 -22.27 -7.63 -18.21
CA ASP B 579 -21.63 -7.52 -19.52
C ASP B 579 -20.62 -8.64 -19.73
N MET B 580 -19.64 -8.74 -18.84
CA MET B 580 -18.59 -9.74 -18.98
C MET B 580 -19.17 -11.14 -19.02
N ALA B 581 -20.20 -11.41 -18.22
CA ALA B 581 -20.83 -12.72 -18.27
C ALA B 581 -21.43 -12.98 -19.64
N LEU B 582 -22.18 -12.01 -20.18
CA LEU B 582 -22.77 -12.19 -21.51
C LEU B 582 -21.68 -12.32 -22.57
N ALA B 583 -20.57 -11.62 -22.40
CA ALA B 583 -19.47 -11.77 -23.34
C ALA B 583 -19.00 -13.21 -23.43
N GLN B 584 -19.14 -13.99 -22.36
CA GLN B 584 -18.75 -15.40 -22.38
C GLN B 584 -19.95 -16.32 -22.60
N LEU B 585 -20.91 -15.89 -23.42
CA LEU B 585 -22.05 -16.72 -23.77
C LEU B 585 -21.73 -17.52 -25.02
N PRO B 586 -21.06 -16.92 -26.00
CA PRO B 586 -20.60 -17.71 -27.15
C PRO B 586 -19.54 -18.74 -26.79
N MET B 587 -18.66 -18.44 -25.85
CA MET B 587 -17.65 -19.43 -25.51
C MET B 587 -18.20 -20.59 -24.70
N LEU B 588 -19.51 -20.72 -24.58
CA LEU B 588 -20.14 -21.87 -23.92
C LEU B 588 -20.71 -22.75 -25.02
N GLU B 589 -19.94 -23.77 -25.41
CA GLU B 589 -20.28 -24.64 -26.51
C GLU B 589 -20.01 -26.09 -26.10
N ARG B 590 -20.46 -27.00 -26.96
CA ARG B 590 -20.22 -28.44 -26.84
C ARG B 590 -18.90 -28.78 -26.16
N PRO B 597 -15.18 -26.89 -24.03
CA PRO B 597 -13.92 -27.15 -23.30
C PRO B 597 -13.21 -25.85 -22.92
N TYR B 598 -13.88 -25.02 -22.12
CA TYR B 598 -13.41 -23.68 -21.81
C TYR B 598 -13.86 -23.32 -20.41
N ASP B 599 -13.03 -22.57 -19.71
CA ASP B 599 -13.27 -22.23 -18.31
C ASP B 599 -13.88 -20.84 -18.22
N TYR B 600 -14.86 -20.70 -17.32
CA TYR B 600 -15.49 -19.42 -17.08
C TYR B 600 -14.58 -18.50 -16.28
N VAL B 601 -14.71 -17.21 -16.53
CA VAL B 601 -13.88 -16.19 -15.88
C VAL B 601 -14.75 -15.41 -14.91
N PRO B 602 -14.67 -15.67 -13.60
CA PRO B 602 -15.55 -14.98 -12.65
C PRO B 602 -15.39 -13.47 -12.73
N SER B 603 -16.51 -12.78 -12.53
CA SER B 603 -16.48 -11.33 -12.40
C SER B 603 -15.64 -10.93 -11.19
N THR B 604 -14.82 -9.89 -11.38
CA THR B 604 -13.94 -9.41 -10.32
C THR B 604 -14.69 -8.71 -9.20
N PHE B 605 -16.00 -8.48 -9.36
CA PHE B 605 -16.78 -7.70 -8.41
C PHE B 605 -16.38 -7.93 -6.95
N PHE B 606 -16.29 -9.19 -6.54
CA PHE B 606 -16.14 -9.48 -5.11
C PHE B 606 -14.76 -9.06 -4.61
N THR B 607 -13.69 -9.45 -5.31
CA THR B 607 -12.36 -9.06 -4.85
C THR B 607 -12.17 -7.55 -4.92
N GLU B 608 -12.79 -6.91 -5.91
CA GLU B 608 -12.82 -5.45 -5.98
C GLU B 608 -13.49 -4.85 -4.75
N GLN B 609 -14.63 -5.41 -4.36
CA GLN B 609 -15.35 -4.88 -3.21
C GLN B 609 -14.57 -5.09 -1.93
N LEU B 610 -13.94 -6.26 -1.78
CA LEU B 610 -13.12 -6.51 -0.60
C LEU B 610 -11.95 -5.54 -0.53
N THR B 611 -11.36 -5.22 -1.68
CA THR B 611 -10.35 -4.19 -1.74
C THR B 611 -10.89 -2.85 -1.24
N ALA B 612 -12.14 -2.54 -1.60
CA ALA B 612 -12.78 -1.34 -1.07
C ALA B 612 -12.91 -1.40 0.45
N PHE B 613 -13.28 -2.57 0.98
CA PHE B 613 -13.40 -2.73 2.43
C PHE B 613 -12.04 -2.53 3.11
N GLU B 614 -11.00 -3.14 2.54
CA GLU B 614 -9.63 -2.95 3.02
C GLU B 614 -9.31 -1.47 3.13
N ILE B 615 -9.65 -0.72 2.08
CA ILE B 615 -9.39 0.71 2.09
C ILE B 615 -10.18 1.40 3.20
N TYR B 616 -11.44 1.01 3.38
CA TYR B 616 -12.25 1.61 4.43
C TYR B 616 -11.59 1.46 5.78
N LEU B 617 -11.01 0.28 6.04
CA LEU B 617 -10.33 0.06 7.32
C LEU B 617 -9.09 0.93 7.43
N THR B 618 -8.25 0.94 6.38
CA THR B 618 -6.90 1.49 6.51
C THR B 618 -6.87 2.96 6.89
N ARG B 619 -7.94 3.71 6.65
CA ARG B 619 -7.93 5.13 6.95
C ARG B 619 -9.34 5.61 7.30
N GLY B 620 -9.40 6.85 7.76
CA GLY B 620 -10.63 7.62 7.64
C GLY B 620 -11.73 7.20 8.61
N ASP B 621 -12.96 7.25 8.09
CA ASP B 621 -14.15 7.20 8.94
C ASP B 621 -14.30 5.89 9.71
N ALA B 622 -13.56 4.85 9.34
CA ALA B 622 -13.60 3.63 10.15
C ALA B 622 -13.29 3.96 11.61
N ALA B 623 -12.25 4.74 11.84
CA ALA B 623 -12.11 5.41 13.12
C ALA B 623 -13.23 6.43 13.19
N ALA B 624 -13.87 6.53 14.34
CA ALA B 624 -15.08 7.33 14.55
C ALA B 624 -16.28 6.54 14.03
N GLN B 625 -16.05 5.29 13.63
CA GLN B 625 -17.08 4.23 13.52
C GLN B 625 -18.29 4.64 12.67
N LYS B 626 -18.01 5.19 11.49
CA LYS B 626 -19.02 5.20 10.45
C LYS B 626 -19.12 3.79 9.85
N PRO B 627 -20.31 3.23 9.69
CA PRO B 627 -20.42 1.84 9.22
C PRO B 627 -19.87 1.67 7.82
N PRO B 628 -19.11 0.60 7.58
CA PRO B 628 -18.60 0.36 6.22
C PRO B 628 -19.73 0.03 5.26
N GLU B 629 -19.55 0.44 4.01
CA GLU B 629 -20.56 0.15 3.01
C GLU B 629 -20.51 -1.32 2.59
N GLN B 630 -19.31 -1.93 2.57
CA GLN B 630 -19.12 -3.22 1.94
C GLN B 630 -19.62 -4.39 2.78
N LEU B 631 -19.77 -4.20 4.11
CA LEU B 631 -19.97 -5.32 5.02
C LEU B 631 -20.86 -6.42 4.46
N PRO B 632 -22.05 -6.13 3.92
CA PRO B 632 -22.87 -7.23 3.37
C PRO B 632 -22.18 -8.02 2.27
N VAL B 633 -21.35 -7.36 1.45
CA VAL B 633 -20.62 -8.11 0.45
C VAL B 633 -19.60 -9.03 1.11
N VAL B 634 -18.94 -8.57 2.18
CA VAL B 634 -17.99 -9.43 2.88
C VAL B 634 -18.71 -10.67 3.42
N LEU B 635 -19.89 -10.46 3.99
CA LEU B 635 -20.69 -11.60 4.45
C LEU B 635 -20.97 -12.55 3.30
N GLN B 636 -21.37 -12.00 2.15
CA GLN B 636 -21.62 -12.84 0.99
C GLN B 636 -20.37 -13.63 0.60
N VAL B 637 -19.22 -12.98 0.62
CA VAL B 637 -17.99 -13.62 0.16
C VAL B 637 -17.65 -14.81 1.04
N LEU B 638 -17.93 -14.71 2.35
CA LEU B 638 -17.57 -15.80 3.26
C LEU B 638 -17.95 -17.18 2.74
N LEU B 639 -18.93 -17.27 1.84
CA LEU B 639 -19.22 -18.53 1.15
C LEU B 639 -18.06 -18.93 0.24
N SER B 640 -17.61 -18.01 -0.61
CA SER B 640 -16.63 -18.29 -1.66
C SER B 640 -15.43 -19.07 -1.16
N GLN B 641 -15.22 -20.26 -1.71
CA GLN B 641 -13.98 -20.97 -1.40
C GLN B 641 -12.77 -20.14 -1.81
N GLN B 642 -12.88 -19.34 -2.86
CA GLN B 642 -11.73 -18.59 -3.34
C GLN B 642 -11.42 -17.40 -2.44
N HIS B 643 -12.37 -16.49 -2.30
CA HIS B 643 -12.13 -15.23 -1.60
C HIS B 643 -12.41 -15.31 -0.11
N ARG B 644 -12.82 -16.47 0.38
CA ARG B 644 -13.23 -16.56 1.78
C ARG B 644 -12.11 -16.11 2.72
N LEU B 645 -10.86 -16.46 2.40
CA LEU B 645 -9.79 -16.15 3.34
C LEU B 645 -9.61 -14.64 3.49
N ARG B 646 -9.48 -13.92 2.38
CA ARG B 646 -9.26 -12.47 2.49
C ARG B 646 -10.46 -11.81 3.16
N ALA B 647 -11.67 -12.26 2.84
CA ALA B 647 -12.85 -11.72 3.50
C ALA B 647 -12.77 -11.93 5.00
N LEU B 648 -12.40 -13.14 5.42
CA LEU B 648 -12.31 -13.44 6.85
C LEU B 648 -11.24 -12.58 7.52
N ILE B 649 -10.09 -12.42 6.87
CA ILE B 649 -9.01 -11.62 7.45
C ILE B 649 -9.45 -10.18 7.62
N LEU B 650 -10.11 -9.64 6.60
CA LEU B 650 -10.61 -8.27 6.70
C LEU B 650 -11.66 -8.16 7.81
N LEU B 651 -12.54 -9.16 7.93
CA LEU B 651 -13.49 -9.15 9.03
C LEU B 651 -12.77 -9.11 10.37
N GLY B 652 -11.71 -9.91 10.51
CA GLY B 652 -10.94 -9.87 11.73
C GLY B 652 -10.41 -8.47 12.01
N ARG B 653 -9.82 -7.84 10.98
CA ARG B 653 -9.30 -6.49 11.16
C ARG B 653 -10.41 -5.51 11.53
N PHE B 654 -11.60 -5.69 10.96
CA PHE B 654 -12.73 -4.84 11.32
C PHE B 654 -13.12 -5.04 12.77
N LEU B 655 -13.18 -6.30 13.23
CA LEU B 655 -13.59 -6.58 14.60
C LEU B 655 -12.53 -6.11 15.59
N ASP B 656 -11.28 -6.05 15.15
CA ASP B 656 -10.22 -5.55 16.02
C ASP B 656 -10.43 -4.09 16.36
N LEU B 657 -11.12 -3.34 15.50
CA LEU B 657 -11.32 -1.92 15.74
C LEU B 657 -11.92 -1.68 17.11
N GLY B 658 -12.79 -2.59 17.56
CA GLY B 658 -13.34 -2.53 18.89
C GLY B 658 -14.64 -3.30 19.01
N PRO B 659 -15.32 -3.14 20.14
CA PRO B 659 -16.60 -3.84 20.30
C PRO B 659 -17.68 -3.31 19.39
N TRP B 660 -17.64 -2.03 19.05
CA TRP B 660 -18.69 -1.46 18.21
C TRP B 660 -18.79 -2.19 16.89
N ALA B 661 -17.65 -2.59 16.31
CA ALA B 661 -17.66 -3.31 15.05
C ALA B 661 -18.25 -4.71 15.22
N VAL B 662 -18.01 -5.34 16.36
CA VAL B 662 -18.63 -6.63 16.63
C VAL B 662 -20.13 -6.49 16.71
N GLN B 663 -20.60 -5.48 17.45
CA GLN B 663 -22.03 -5.19 17.51
C GLN B 663 -22.60 -5.05 16.11
N LEU B 664 -21.94 -4.24 15.27
CA LEU B 664 -22.44 -3.99 13.93
C LEU B 664 -22.46 -5.28 13.10
N ALA B 665 -21.34 -6.00 13.09
CA ALA B 665 -21.27 -7.23 12.33
C ALA B 665 -22.36 -8.20 12.76
N LEU B 666 -22.56 -8.34 14.07
CA LEU B 666 -23.58 -9.24 14.56
C LEU B 666 -24.96 -8.82 14.05
N SER B 667 -25.26 -7.52 14.09
CA SER B 667 -26.59 -7.09 13.68
C SER B 667 -26.81 -7.23 12.17
N ILE B 668 -25.76 -7.09 11.35
CA ILE B 668 -25.93 -7.33 9.91
C ILE B 668 -26.21 -8.81 9.64
N GLY B 669 -25.69 -9.71 10.49
CA GLY B 669 -25.95 -11.13 10.35
C GLY B 669 -24.73 -12.00 10.12
N ILE B 670 -23.60 -11.62 10.72
CA ILE B 670 -22.37 -12.38 10.56
C ILE B 670 -22.48 -13.75 11.21
N PHE B 671 -23.24 -13.87 12.29
CA PHE B 671 -23.13 -15.02 13.19
C PHE B 671 -23.26 -16.38 12.49
N PRO B 672 -24.30 -16.64 11.71
CA PRO B 672 -24.42 -17.98 11.11
C PRO B 672 -23.27 -18.33 10.18
N TYR B 673 -22.69 -17.34 9.50
CA TYR B 673 -21.55 -17.63 8.63
C TYR B 673 -20.38 -18.17 9.42
N VAL B 674 -20.02 -17.49 10.51
CA VAL B 674 -18.87 -17.89 11.30
C VAL B 674 -19.16 -19.14 12.11
N LEU B 675 -20.44 -19.48 12.33
CA LEU B 675 -20.72 -20.81 12.88
C LEU B 675 -20.54 -21.89 11.82
N LYS B 676 -21.02 -21.64 10.60
CA LYS B 676 -20.89 -22.63 9.54
C LYS B 676 -19.42 -22.91 9.26
N LEU B 677 -18.60 -21.88 9.24
CA LEU B 677 -17.20 -22.08 8.90
C LEU B 677 -16.50 -23.05 9.86
N LEU B 678 -17.02 -23.21 11.09
CA LEU B 678 -16.40 -24.16 12.01
C LEU B 678 -16.50 -25.60 11.52
N GLN B 679 -17.36 -25.88 10.55
CA GLN B 679 -17.40 -27.21 9.97
C GLN B 679 -16.34 -27.40 8.88
N SER B 680 -15.83 -26.31 8.31
CA SER B 680 -14.88 -26.43 7.22
C SER B 680 -13.57 -27.04 7.68
N ALA B 681 -13.05 -27.96 6.86
CA ALA B 681 -11.78 -28.62 7.15
C ALA B 681 -10.57 -27.77 6.80
N ALA B 682 -10.75 -26.72 6.00
CA ALA B 682 -9.62 -25.93 5.53
C ALA B 682 -8.80 -25.40 6.71
N GLN B 683 -7.50 -25.68 6.70
CA GLN B 683 -6.61 -25.20 7.74
C GLN B 683 -6.13 -23.78 7.49
N GLU B 684 -6.34 -23.23 6.30
CA GLU B 684 -6.09 -21.81 6.10
C GLU B 684 -6.89 -20.98 7.09
N LEU B 685 -8.10 -21.43 7.40
CA LEU B 685 -9.06 -20.62 8.14
C LEU B 685 -8.76 -20.58 9.64
N LYS B 686 -8.28 -21.69 10.20
CA LYS B 686 -8.26 -21.90 11.65
C LYS B 686 -7.77 -20.69 12.45
N PRO B 687 -6.61 -20.12 12.20
CA PRO B 687 -6.21 -18.93 12.99
C PRO B 687 -7.18 -17.77 12.85
N VAL B 688 -7.69 -17.51 11.64
CA VAL B 688 -8.62 -16.41 11.45
C VAL B 688 -9.90 -16.68 12.21
N MET B 689 -10.41 -17.91 12.13
CA MET B 689 -11.60 -18.27 12.90
C MET B 689 -11.37 -18.06 14.39
N VAL B 690 -10.20 -18.47 14.90
CA VAL B 690 -9.91 -18.29 16.30
C VAL B 690 -9.99 -16.81 16.67
N PHE B 691 -9.29 -15.97 15.91
CA PHE B 691 -9.30 -14.54 16.24
C PHE B 691 -10.72 -13.99 16.22
N ILE B 692 -11.47 -14.30 15.16
CA ILE B 692 -12.82 -13.76 15.03
C ILE B 692 -13.65 -14.16 16.25
N TRP B 693 -13.59 -15.44 16.62
CA TRP B 693 -14.43 -15.89 17.72
C TRP B 693 -13.99 -15.30 19.05
N THR B 694 -12.69 -15.09 19.28
CA THR B 694 -12.32 -14.43 20.53
C THR B 694 -12.86 -13.01 20.57
N ARG B 695 -12.76 -12.29 19.44
CA ARG B 695 -13.26 -10.93 19.44
C ARG B 695 -14.78 -10.91 19.64
N ILE B 696 -15.46 -11.98 19.20
CA ILE B 696 -16.91 -12.06 19.42
C ILE B 696 -17.23 -12.39 20.87
N LEU B 697 -16.66 -13.47 21.41
CA LEU B 697 -16.99 -13.91 22.77
C LEU B 697 -16.62 -12.88 23.83
N ALA B 698 -15.60 -12.07 23.58
CA ALA B 698 -15.25 -11.01 24.52
C ALA B 698 -16.40 -10.02 24.68
N VAL B 699 -17.34 -10.04 23.74
CA VAL B 699 -18.59 -9.28 23.81
C VAL B 699 -19.71 -10.32 23.79
N ASP B 700 -20.78 -10.07 24.54
CA ASP B 700 -21.91 -10.98 24.43
C ASP B 700 -21.51 -12.44 24.59
N ILE B 701 -21.29 -12.88 25.83
CA ILE B 701 -20.81 -14.23 26.10
C ILE B 701 -21.89 -15.26 25.83
N SER B 702 -23.11 -14.81 25.52
CA SER B 702 -24.19 -15.74 25.26
C SER B 702 -23.89 -16.69 24.11
N CYS B 703 -23.04 -16.27 23.18
CA CYS B 703 -22.68 -17.15 22.07
C CYS B 703 -22.05 -18.45 22.57
N GLN B 704 -21.49 -18.46 23.78
CA GLN B 704 -20.97 -19.70 24.36
C GLN B 704 -21.97 -20.83 24.20
N GLN B 705 -23.27 -20.52 24.20
CA GLN B 705 -24.28 -21.55 24.05
C GLN B 705 -24.22 -22.16 22.66
N ASP B 706 -24.37 -21.34 21.62
CA ASP B 706 -24.37 -21.89 20.26
C ASP B 706 -23.10 -22.69 20.01
N LEU B 707 -21.95 -22.14 20.37
CA LEU B 707 -20.69 -22.85 20.14
C LEU B 707 -20.71 -24.23 20.76
N ILE B 708 -21.29 -24.37 21.95
CA ILE B 708 -21.28 -25.67 22.60
C ILE B 708 -22.27 -26.61 21.91
N LYS B 709 -23.41 -26.07 21.48
CA LYS B 709 -24.42 -26.91 20.84
C LYS B 709 -24.03 -27.28 19.42
N ASP B 710 -23.39 -26.38 18.69
CA ASP B 710 -22.94 -26.60 17.32
C ASP B 710 -21.50 -27.11 17.24
N ASN B 711 -21.00 -27.73 18.31
CA ASN B 711 -19.75 -28.50 18.29
C ASN B 711 -18.51 -27.64 18.02
N GLY B 712 -18.53 -26.36 18.40
CA GLY B 712 -17.33 -25.55 18.29
C GLY B 712 -16.23 -26.00 19.23
N TYR B 713 -16.61 -26.51 20.40
CA TYR B 713 -15.62 -26.88 21.39
C TYR B 713 -14.58 -27.83 20.80
N THR B 714 -15.02 -28.73 19.92
CA THR B 714 -14.07 -29.63 19.27
C THR B 714 -13.13 -28.84 18.36
N TYR B 715 -13.67 -27.90 17.59
CA TYR B 715 -12.84 -27.07 16.72
C TYR B 715 -11.69 -26.46 17.48
N PHE B 716 -11.98 -25.82 18.61
CA PHE B 716 -10.92 -25.08 19.30
C PHE B 716 -10.04 -26.00 20.15
N SER B 717 -10.63 -27.04 20.76
CA SER B 717 -9.83 -28.03 21.48
C SER B 717 -8.76 -28.62 20.58
N SER B 718 -9.14 -28.99 19.34
CA SER B 718 -8.17 -29.58 18.44
C SER B 718 -7.03 -28.61 18.13
N ILE B 719 -7.35 -27.33 17.92
CA ILE B 719 -6.30 -26.36 17.64
C ILE B 719 -5.37 -26.25 18.82
N MET B 720 -5.90 -26.37 20.04
CA MET B 720 -5.05 -26.16 21.21
C MET B 720 -4.29 -27.41 21.64
N ARG B 721 -4.55 -28.58 21.06
CA ARG B 721 -3.82 -29.76 21.48
C ARG B 721 -2.32 -29.57 21.24
N PRO B 722 -1.48 -30.15 22.09
CA PRO B 722 -0.04 -29.94 21.95
C PRO B 722 0.45 -30.55 20.65
N ASN B 723 1.44 -29.90 20.05
CA ASN B 723 2.10 -30.31 18.80
C ASN B 723 1.19 -30.15 17.58
N GLU B 724 -0.05 -29.71 17.73
CA GLU B 724 -0.90 -29.46 16.58
C GLU B 724 -0.39 -28.15 15.97
N THR B 725 0.05 -28.22 14.72
CA THR B 725 0.70 -27.09 14.06
C THR B 725 -0.27 -26.47 13.07
N ILE B 726 -0.55 -25.19 13.28
CA ILE B 726 -1.56 -24.46 12.51
C ILE B 726 -0.84 -23.68 11.42
N PRO B 727 -1.38 -23.60 10.20
CA PRO B 727 -0.69 -22.85 9.14
C PRO B 727 -0.80 -21.35 9.36
N VAL B 728 0.35 -20.69 9.37
CA VAL B 728 0.42 -19.23 9.52
C VAL B 728 -0.17 -18.54 8.30
N VAL B 729 -1.02 -17.54 8.53
CA VAL B 729 -1.60 -16.74 7.46
C VAL B 729 -0.69 -15.59 7.05
N GLY B 730 0.43 -15.41 7.75
CA GLY B 730 1.35 -14.33 7.47
C GLY B 730 0.91 -13.00 8.02
N LEU B 731 -0.03 -13.02 8.95
CA LEU B 731 -0.54 -11.82 9.59
C LEU B 731 0.23 -11.52 10.85
N SER B 732 -0.10 -10.38 11.46
CA SER B 732 0.53 -9.92 12.68
C SER B 732 0.01 -10.80 13.81
N VAL B 733 -0.12 -10.23 15.01
CA VAL B 733 -0.34 -10.91 16.28
C VAL B 733 -1.33 -12.07 16.25
N ILE B 734 -1.86 -12.44 15.07
CA ILE B 734 -2.70 -13.63 14.97
C ILE B 734 -1.89 -14.87 15.36
N ASP B 735 -0.61 -14.69 15.68
CA ASP B 735 0.28 -15.81 16.03
C ASP B 735 0.20 -16.25 17.48
N GLU B 736 -0.48 -15.50 18.35
CA GLU B 736 -0.67 -15.92 19.74
C GLU B 736 -1.98 -16.67 19.89
N HIS B 737 -2.35 -17.44 18.86
CA HIS B 737 -3.72 -17.92 18.74
C HIS B 737 -4.01 -19.15 19.61
N LYS B 738 -3.01 -19.91 20.06
CA LYS B 738 -3.34 -20.99 20.98
C LYS B 738 -3.84 -20.42 22.30
N ALA B 739 -3.21 -19.34 22.77
CA ALA B 739 -3.73 -18.64 23.93
C ALA B 739 -5.15 -18.15 23.67
N MET B 740 -5.45 -17.76 22.44
CA MET B 740 -6.81 -17.36 22.09
C MET B 740 -7.77 -18.54 22.20
N CYS B 741 -7.36 -19.73 21.76
CA CYS B 741 -8.20 -20.91 21.97
C CYS B 741 -8.44 -21.15 23.45
N ALA B 742 -7.39 -21.00 24.26
CA ALA B 742 -7.56 -21.14 25.71
C ALA B 742 -8.60 -20.17 26.21
N PHE B 743 -8.55 -18.92 25.74
CA PHE B 743 -9.54 -17.94 26.17
C PHE B 743 -10.94 -18.34 25.71
N ILE B 744 -11.08 -18.79 24.46
CA ILE B 744 -12.38 -19.17 23.95
C ILE B 744 -12.98 -20.24 24.85
N LEU B 745 -12.21 -21.28 25.15
CA LEU B 745 -12.74 -22.39 25.93
C LEU B 745 -13.07 -21.95 27.35
N SER B 746 -12.23 -21.09 27.92
CA SER B 746 -12.57 -20.48 29.20
C SER B 746 -13.96 -19.86 29.15
N MET B 747 -14.21 -19.05 28.12
CA MET B 747 -15.52 -18.40 28.04
C MET B 747 -16.64 -19.43 27.80
N LEU B 748 -16.34 -20.53 27.11
CA LEU B 748 -17.33 -21.59 26.94
C LEU B 748 -17.74 -22.20 28.27
N CYS B 749 -16.84 -22.24 29.25
CA CYS B 749 -17.17 -22.82 30.54
C CYS B 749 -17.56 -21.79 31.61
N LYS B 750 -17.55 -20.50 31.29
CA LYS B 750 -17.84 -19.49 32.30
C LYS B 750 -19.33 -19.37 32.56
N GLY B 751 -19.75 -19.61 33.80
CA GLY B 751 -21.17 -19.62 34.13
C GLY B 751 -21.98 -20.53 33.24
N PHE B 752 -21.42 -21.69 32.89
CA PHE B 752 -22.07 -22.61 31.96
C PHE B 752 -21.67 -24.04 32.34
N LYS B 753 -22.47 -24.65 33.23
CA LYS B 753 -22.16 -26.02 33.64
C LYS B 753 -22.09 -26.94 32.43
N THR B 754 -23.05 -26.81 31.51
CA THR B 754 -23.07 -27.67 30.34
C THR B 754 -21.74 -27.60 29.60
N GLY B 755 -21.16 -26.40 29.52
CA GLY B 755 -19.86 -26.26 28.92
C GLY B 755 -18.76 -26.97 29.71
N GLN B 756 -18.77 -26.81 31.03
CA GLN B 756 -17.77 -27.50 31.84
C GLN B 756 -17.84 -29.00 31.60
N VAL B 757 -19.05 -29.53 31.49
CA VAL B 757 -19.23 -30.97 31.29
C VAL B 757 -18.69 -31.40 29.94
N VAL B 758 -19.19 -30.75 28.88
CA VAL B 758 -18.76 -31.11 27.55
C VAL B 758 -17.25 -31.02 27.44
N CYS B 759 -16.69 -29.91 27.92
CA CYS B 759 -15.25 -29.70 27.83
C CYS B 759 -14.48 -30.71 28.66
N ASN B 760 -15.05 -31.18 29.77
CA ASN B 760 -14.39 -32.20 30.55
C ASN B 760 -14.44 -33.55 29.87
N SER B 761 -15.31 -33.74 28.88
CA SER B 761 -15.24 -34.97 28.10
C SER B 761 -14.05 -34.99 27.14
N THR B 762 -13.48 -33.83 26.79
CA THR B 762 -12.45 -33.71 25.77
C THR B 762 -11.06 -33.60 26.40
N GLU B 763 -10.05 -33.44 25.55
CA GLU B 763 -8.65 -33.34 25.98
C GLU B 763 -8.24 -31.91 26.38
N ILE B 764 -9.19 -31.01 26.65
CA ILE B 764 -8.83 -29.61 26.89
C ILE B 764 -7.95 -29.49 28.13
N MET B 765 -8.37 -30.09 29.24
CA MET B 765 -7.62 -29.94 30.49
C MET B 765 -6.17 -30.35 30.30
N THR B 766 -5.95 -31.49 29.65
CA THR B 766 -4.59 -31.97 29.46
C THR B 766 -3.76 -31.00 28.64
N SER B 767 -4.36 -30.44 27.58
CA SER B 767 -3.62 -29.48 26.76
C SER B 767 -3.24 -28.25 27.57
N CYS B 768 -4.18 -27.73 28.38
CA CYS B 768 -3.87 -26.58 29.23
C CYS B 768 -2.71 -26.90 30.17
N LEU B 769 -2.78 -28.05 30.84
CA LEU B 769 -1.74 -28.43 31.77
C LEU B 769 -0.40 -28.57 31.07
N TYR B 770 -0.40 -29.14 29.86
CA TYR B 770 0.84 -29.22 29.10
C TYR B 770 1.39 -27.83 28.83
N HIS B 771 0.53 -26.90 28.45
CA HIS B 771 0.99 -25.57 28.09
C HIS B 771 1.51 -24.78 29.27
N THR B 772 1.09 -25.09 30.50
CA THR B 772 1.67 -24.39 31.64
C THR B 772 3.18 -24.64 31.73
N GLU B 773 3.62 -25.85 31.40
CA GLU B 773 4.98 -26.27 31.70
C GLU B 773 6.00 -25.86 30.63
N HIS B 774 5.66 -25.96 29.34
CA HIS B 774 6.71 -25.85 28.35
C HIS B 774 7.06 -24.48 27.77
N PRO B 775 6.18 -23.82 27.04
CA PRO B 775 6.64 -22.74 26.13
C PRO B 775 6.98 -21.48 26.92
N ASP B 776 7.41 -20.46 26.16
CA ASP B 776 7.61 -19.12 26.68
C ASP B 776 6.48 -18.16 26.37
N ASN B 777 5.49 -18.55 25.57
CA ASN B 777 4.36 -17.66 25.36
C ASN B 777 3.63 -17.49 26.69
N PRO B 778 3.70 -16.29 27.31
CA PRO B 778 3.11 -16.11 28.64
C PRO B 778 1.60 -15.99 28.64
N LEU B 779 1.05 -15.34 27.61
CA LEU B 779 -0.40 -15.25 27.53
C LEU B 779 -1.01 -16.64 27.51
N LEU B 780 -0.32 -17.59 26.86
CA LEU B 780 -0.79 -18.97 26.86
C LEU B 780 -0.81 -19.55 28.26
N ARG B 781 0.26 -19.34 29.05
CA ARG B 781 0.27 -19.85 30.40
C ARG B 781 -0.88 -19.26 31.21
N GLN B 782 -1.02 -17.93 31.13
CA GLN B 782 -2.11 -17.24 31.81
C GLN B 782 -3.45 -17.87 31.46
N TRP B 783 -3.81 -17.86 30.18
CA TRP B 783 -5.14 -18.30 29.81
C TRP B 783 -5.32 -19.80 29.92
N SER B 784 -4.23 -20.57 30.00
CA SER B 784 -4.39 -21.97 30.32
C SER B 784 -4.77 -22.16 31.79
N CYS B 785 -4.11 -21.43 32.69
CA CYS B 785 -4.50 -21.49 34.10
C CYS B 785 -5.94 -21.03 34.29
N LEU B 786 -6.32 -19.94 33.62
CA LEU B 786 -7.70 -19.46 33.73
C LEU B 786 -8.68 -20.48 33.15
N CYS B 787 -8.31 -21.12 32.04
CA CYS B 787 -9.15 -22.18 31.48
C CYS B 787 -9.40 -23.26 32.51
N ILE B 788 -8.34 -23.70 33.20
CA ILE B 788 -8.50 -24.71 34.25
C ILE B 788 -9.43 -24.18 35.34
N SER B 789 -9.22 -22.92 35.75
CA SER B 789 -10.04 -22.37 36.83
C SER B 789 -11.51 -22.46 36.50
N GLN B 790 -11.87 -22.09 35.27
CA GLN B 790 -13.27 -22.15 34.85
C GLN B 790 -13.73 -23.57 34.53
N LEU B 791 -12.78 -24.47 34.25
CA LEU B 791 -13.13 -25.82 33.81
C LEU B 791 -13.68 -26.66 34.95
N TRP B 792 -13.26 -26.40 36.19
CA TRP B 792 -13.64 -27.21 37.34
C TRP B 792 -14.30 -26.39 38.46
N LYS B 793 -14.86 -25.22 38.15
CA LYS B 793 -15.21 -24.27 39.20
C LYS B 793 -16.11 -24.90 40.26
N ASP B 794 -17.23 -25.50 39.85
CA ASP B 794 -18.11 -26.20 40.78
C ASP B 794 -18.43 -27.59 40.24
N PHE B 795 -17.53 -28.15 39.46
CA PHE B 795 -17.73 -29.43 38.78
C PHE B 795 -16.73 -30.41 39.37
N ASN B 796 -17.22 -31.31 40.23
CA ASN B 796 -16.32 -32.14 41.01
C ASN B 796 -15.62 -33.18 40.14
N GLU B 797 -16.34 -33.78 39.20
CA GLU B 797 -15.71 -34.77 38.32
C GLU B 797 -14.48 -34.17 37.66
N ALA B 798 -14.54 -32.87 37.33
CA ALA B 798 -13.38 -32.20 36.76
C ALA B 798 -12.27 -32.05 37.79
N LYS B 799 -12.62 -31.70 39.03
CA LYS B 799 -11.58 -31.58 40.06
C LYS B 799 -10.86 -32.90 40.24
N TRP B 800 -11.60 -34.00 40.26
CA TRP B 800 -10.98 -35.31 40.40
C TRP B 800 -10.12 -35.63 39.19
N ARG B 801 -10.57 -35.28 37.99
CA ARG B 801 -9.73 -35.46 36.81
C ARG B 801 -8.41 -34.72 36.99
N GLY B 802 -8.49 -33.47 37.46
CA GLY B 802 -7.29 -32.70 37.68
C GLY B 802 -6.35 -33.41 38.64
N ILE B 803 -6.90 -33.93 39.74
CA ILE B 803 -6.07 -34.70 40.67
C ILE B 803 -5.47 -35.91 39.96
N ARG B 804 -6.22 -36.51 39.04
CA ARG B 804 -5.71 -37.66 38.32
C ARG B 804 -4.52 -37.29 37.45
N GLU B 805 -4.49 -36.07 36.93
CA GLU B 805 -3.35 -35.59 36.15
C GLU B 805 -2.37 -34.76 36.99
N ASN B 806 -2.48 -34.83 38.32
CA ASN B 806 -1.72 -33.98 39.22
C ASN B 806 -1.64 -32.55 38.67
N ALA B 807 -2.83 -31.97 38.47
CA ALA B 807 -2.90 -30.55 38.12
C ALA B 807 -2.29 -29.70 39.23
N LEU B 808 -2.53 -30.05 40.49
CA LEU B 808 -2.13 -29.19 41.58
C LEU B 808 -0.62 -28.99 41.62
N GLN B 809 0.15 -30.05 41.41
CA GLN B 809 1.60 -29.92 41.39
C GLN B 809 2.05 -29.03 40.23
N LYS B 810 1.53 -29.31 39.05
CA LYS B 810 1.93 -28.57 37.86
C LYS B 810 1.60 -27.10 38.00
N LEU B 811 0.47 -26.79 38.63
CA LEU B 811 0.11 -25.39 38.86
C LEU B 811 1.00 -24.74 39.91
N ALA B 812 1.25 -25.45 41.01
CA ALA B 812 2.11 -24.91 42.05
C ALA B 812 3.53 -24.67 41.52
N ALA B 813 3.87 -25.28 40.38
CA ALA B 813 5.13 -24.94 39.73
C ALA B 813 5.22 -23.45 39.40
N LEU B 814 4.11 -22.86 38.97
CA LEU B 814 4.10 -21.49 38.49
C LEU B 814 4.15 -20.45 39.61
N ALA B 815 4.37 -20.85 40.86
CA ALA B 815 4.34 -19.89 41.96
C ALA B 815 5.36 -18.78 41.77
N ARG B 816 6.42 -19.03 41.01
CA ARG B 816 7.49 -18.06 40.81
C ARG B 816 7.67 -17.72 39.33
N ASP B 817 6.59 -17.78 38.56
CA ASP B 817 6.68 -17.62 37.12
C ASP B 817 7.16 -16.22 36.76
N SER B 818 7.82 -16.14 35.61
CA SER B 818 8.27 -14.86 35.07
C SER B 818 7.17 -13.80 35.14
N CYS B 819 5.96 -14.14 34.71
CA CYS B 819 4.94 -13.14 34.42
C CYS B 819 3.92 -13.09 35.54
N PRO B 820 3.72 -11.93 36.20
CA PRO B 820 2.73 -11.88 37.29
C PRO B 820 1.33 -12.28 36.88
N GLU B 821 0.87 -11.98 35.66
CA GLU B 821 -0.48 -12.41 35.30
C GLU B 821 -0.58 -13.93 35.33
N VAL B 822 0.51 -14.64 35.03
CA VAL B 822 0.48 -16.09 35.14
C VAL B 822 0.34 -16.50 36.61
N ARG B 823 1.07 -15.84 37.49
CA ARG B 823 0.96 -16.15 38.91
C ARG B 823 -0.47 -15.92 39.40
N ALA B 824 -1.07 -14.80 39.00
CA ALA B 824 -2.44 -14.51 39.40
C ALA B 824 -3.40 -15.57 38.87
N ALA B 825 -3.27 -15.93 37.59
CA ALA B 825 -4.15 -16.93 37.01
C ALA B 825 -4.01 -18.27 37.73
N MET B 826 -2.78 -18.66 38.04
CA MET B 826 -2.57 -19.91 38.76
C MET B 826 -3.25 -19.89 40.11
N ILE B 827 -3.09 -18.78 40.85
CA ILE B 827 -3.78 -18.65 42.12
C ILE B 827 -5.28 -18.77 41.92
N HIS B 828 -5.79 -18.21 40.82
CA HIS B 828 -7.23 -18.24 40.61
C HIS B 828 -7.71 -19.64 40.28
N ALA B 829 -6.87 -20.43 39.61
CA ALA B 829 -7.20 -21.83 39.42
C ALA B 829 -7.30 -22.55 40.75
N MET B 830 -6.33 -22.31 41.62
CA MET B 830 -6.36 -22.96 42.94
C MET B 830 -7.57 -22.52 43.74
N THR B 831 -7.94 -21.23 43.65
CA THR B 831 -9.08 -20.73 44.41
C THR B 831 -10.36 -21.45 44.01
N THR B 832 -10.52 -21.77 42.73
CA THR B 832 -11.69 -22.53 42.31
C THR B 832 -11.59 -23.98 42.75
N PHE B 833 -10.40 -24.58 42.67
CA PHE B 833 -10.26 -25.98 43.07
C PHE B 833 -10.79 -26.21 44.47
N LEU B 834 -10.48 -25.31 45.39
CA LEU B 834 -11.01 -25.40 46.74
C LEU B 834 -12.52 -25.60 46.68
N GLY B 835 -13.02 -26.59 47.43
CA GLY B 835 -14.45 -26.78 47.47
C GLY B 835 -14.97 -28.20 47.61
N ILE B 836 -14.16 -29.20 47.30
CA ILE B 836 -14.61 -30.59 47.34
C ILE B 836 -15.38 -30.81 48.64
N PRO B 837 -16.67 -31.16 48.59
CA PRO B 837 -17.51 -31.09 49.79
C PRO B 837 -17.17 -32.17 50.80
N GLU B 838 -17.01 -33.40 50.34
CA GLU B 838 -16.62 -34.48 51.24
C GLU B 838 -15.18 -34.23 51.66
N VAL B 839 -14.99 -33.67 52.85
CA VAL B 839 -13.65 -33.29 53.30
C VAL B 839 -13.07 -34.51 53.98
N THR B 840 -12.56 -35.44 53.15
CA THR B 840 -11.80 -36.57 53.66
C THR B 840 -10.37 -36.11 53.99
N ASP B 841 -9.60 -37.02 54.59
CA ASP B 841 -8.20 -36.71 54.83
C ASP B 841 -7.46 -36.43 53.53
N GLU B 842 -7.73 -37.19 52.48
CA GLU B 842 -7.06 -36.97 51.21
C GLU B 842 -7.24 -35.53 50.73
N VAL B 843 -8.47 -35.02 50.75
CA VAL B 843 -8.74 -33.74 50.14
C VAL B 843 -8.20 -32.60 50.99
N ALA B 844 -8.39 -32.66 52.31
CA ALA B 844 -7.82 -31.62 53.15
C ALA B 844 -6.30 -31.65 53.11
N ARG B 845 -5.73 -32.84 52.91
CA ARG B 845 -4.30 -32.96 52.66
C ARG B 845 -3.90 -32.21 51.39
N LEU B 846 -4.65 -32.41 50.30
CA LEU B 846 -4.35 -31.71 49.06
C LEU B 846 -4.49 -30.19 49.21
N GLU B 847 -5.56 -29.75 49.87
CA GLU B 847 -5.79 -28.32 50.02
C GLU B 847 -4.72 -27.68 50.91
N GLU B 848 -4.27 -28.39 51.94
CA GLU B 848 -3.16 -27.89 52.73
C GLU B 848 -1.89 -27.82 51.91
N GLY B 849 -1.65 -28.81 51.04
CA GLY B 849 -0.52 -28.72 50.14
C GLY B 849 -0.57 -27.50 49.24
N ILE B 850 -1.75 -27.24 48.66
CA ILE B 850 -1.93 -26.03 47.87
C ILE B 850 -1.54 -24.81 48.69
N ALA B 851 -2.13 -24.68 49.88
CA ALA B 851 -1.88 -23.50 50.69
C ALA B 851 -0.40 -23.34 51.00
N TRP B 852 0.30 -24.46 51.23
CA TRP B 852 1.74 -24.40 51.45
C TRP B 852 2.47 -23.84 50.24
N ALA B 853 2.14 -24.37 49.05
CA ALA B 853 2.82 -23.89 47.84
C ALA B 853 2.62 -22.39 47.67
N LEU B 854 1.40 -21.91 47.85
CA LEU B 854 1.12 -20.49 47.64
C LEU B 854 1.61 -19.60 48.79
N LEU B 855 1.90 -20.17 49.96
CA LEU B 855 2.42 -19.37 51.06
C LEU B 855 3.65 -18.58 50.66
N GLU B 856 4.48 -19.14 49.77
CA GLU B 856 5.65 -18.42 49.28
C GLU B 856 5.29 -17.06 48.73
N MET B 857 4.15 -16.96 48.04
CA MET B 857 3.84 -15.80 47.22
C MET B 857 3.36 -14.60 48.01
N ALA B 858 3.30 -14.68 49.34
CA ALA B 858 2.86 -13.53 50.11
C ALA B 858 3.80 -12.35 49.97
N THR B 859 5.04 -12.58 49.56
CA THR B 859 6.05 -11.54 49.43
C THR B 859 6.07 -10.93 48.03
N ASP B 860 5.26 -11.44 47.12
CA ASP B 860 5.35 -11.06 45.71
C ASP B 860 5.14 -9.56 45.55
N GLY B 861 5.81 -8.99 44.56
CA GLY B 861 5.79 -7.55 44.40
C GLY B 861 4.56 -7.00 43.70
N SER B 862 3.76 -7.88 43.09
CA SER B 862 2.67 -7.42 42.23
C SER B 862 1.37 -7.39 43.02
N PRO B 863 0.78 -6.21 43.25
CA PRO B 863 -0.51 -6.18 43.96
C PRO B 863 -1.56 -7.08 43.34
N ILE B 864 -1.60 -7.18 42.02
CA ILE B 864 -2.49 -8.11 41.33
C ILE B 864 -2.38 -9.50 41.96
N VAL B 865 -1.16 -9.96 42.16
CA VAL B 865 -0.93 -11.31 42.65
C VAL B 865 -1.32 -11.43 44.12
N ARG B 866 -0.93 -10.45 44.93
CA ARG B 866 -1.26 -10.52 46.34
C ARG B 866 -2.77 -10.44 46.57
N LYS B 867 -3.45 -9.60 45.80
CA LYS B 867 -4.90 -9.52 45.91
C LYS B 867 -5.53 -10.86 45.58
N GLU B 868 -5.07 -11.53 44.52
CA GLU B 868 -5.62 -12.85 44.23
C GLU B 868 -5.26 -13.84 45.33
N LEU B 869 -4.07 -13.72 45.92
CA LEU B 869 -3.70 -14.58 47.04
C LEU B 869 -4.62 -14.37 48.22
N LEU B 870 -5.00 -13.13 48.48
CA LEU B 870 -5.92 -12.85 49.57
C LEU B 870 -7.31 -13.40 49.27
N VAL B 871 -7.75 -13.37 48.02
CA VAL B 871 -9.00 -14.03 47.66
C VAL B 871 -8.92 -15.52 47.99
N PHE B 872 -7.81 -16.15 47.57
CA PHE B 872 -7.62 -17.56 47.85
C PHE B 872 -7.65 -17.84 49.34
N TRP B 873 -6.95 -17.03 50.13
CA TRP B 873 -6.95 -17.26 51.57
C TRP B 873 -8.30 -16.95 52.19
N SER B 874 -9.04 -15.99 51.65
CA SER B 874 -10.43 -15.80 52.05
C SER B 874 -11.16 -17.13 52.01
N VAL B 875 -11.16 -17.76 50.83
CA VAL B 875 -11.87 -19.02 50.68
C VAL B 875 -11.30 -20.09 51.61
N PHE B 876 -9.97 -20.18 51.68
CA PHE B 876 -9.30 -21.21 52.47
C PHE B 876 -9.54 -21.04 53.96
N VAL B 877 -9.63 -19.79 54.43
CA VAL B 877 -9.93 -19.52 55.83
C VAL B 877 -11.36 -19.93 56.15
N LEU B 878 -12.30 -19.57 55.28
CA LEU B 878 -13.68 -20.02 55.52
C LEU B 878 -13.73 -21.55 55.57
N ARG B 879 -13.01 -22.22 54.66
CA ARG B 879 -12.98 -23.67 54.66
C ARG B 879 -12.51 -24.22 56.01
N TYR B 880 -11.44 -23.65 56.56
CA TYR B 880 -10.83 -24.16 57.78
C TYR B 880 -10.90 -23.15 58.91
N GLU B 881 -12.04 -22.46 59.05
CA GLU B 881 -12.21 -21.43 60.06
C GLU B 881 -11.65 -21.81 61.44
N ASN B 882 -11.90 -23.04 61.88
CA ASN B 882 -11.48 -23.45 63.23
C ASN B 882 -9.98 -23.33 63.41
N LYS B 883 -9.21 -23.92 62.48
CA LYS B 883 -7.76 -23.88 62.57
C LYS B 883 -7.27 -22.44 62.69
N PHE B 884 -7.93 -21.53 61.97
CA PHE B 884 -7.49 -20.14 62.00
C PHE B 884 -7.89 -19.46 63.28
N LEU B 885 -9.03 -19.83 63.88
CA LEU B 885 -9.35 -19.27 65.19
C LEU B 885 -8.31 -19.69 66.22
N VAL B 886 -7.90 -20.96 66.20
CA VAL B 886 -6.89 -21.40 67.16
C VAL B 886 -5.57 -20.68 66.90
N ALA B 887 -5.17 -20.55 65.64
CA ALA B 887 -3.90 -19.88 65.36
C ALA B 887 -3.96 -18.40 65.73
N ALA B 888 -5.11 -17.75 65.52
CA ALA B 888 -5.25 -16.35 65.87
C ALA B 888 -5.14 -16.16 67.37
N TYR B 889 -5.76 -17.06 68.15
CA TYR B 889 -5.58 -17.00 69.59
C TYR B 889 -4.13 -17.25 69.97
N GLU B 890 -3.52 -18.28 69.38
CA GLU B 890 -2.11 -18.55 69.55
C GLU B 890 -1.27 -17.27 69.46
N GLN B 891 -1.49 -16.49 68.41
CA GLN B 891 -0.62 -15.33 68.18
C GLN B 891 -0.89 -14.22 69.18
N LEU B 892 -2.11 -14.09 69.69
CA LEU B 892 -2.35 -13.19 70.83
C LEU B 892 -1.56 -13.65 72.04
N LEU B 893 -1.66 -14.95 72.36
CA LEU B 893 -1.02 -15.48 73.56
C LEU B 893 0.49 -15.35 73.49
N GLU B 894 1.07 -15.64 72.32
CA GLU B 894 2.50 -15.46 72.10
C GLU B 894 2.91 -13.99 72.11
N GLU B 895 1.96 -13.07 72.02
CA GLU B 895 2.25 -11.65 72.16
C GLU B 895 2.44 -11.28 73.61
N LYS B 896 3.54 -10.56 73.90
CA LYS B 896 3.88 -10.10 75.25
C LYS B 896 4.37 -8.66 75.13
N GLU B 897 3.42 -7.71 75.23
CA GLU B 897 3.71 -6.28 75.08
C GLU B 897 4.72 -6.02 73.97
N SER B 939 0.98 -25.94 62.05
CA SER B 939 2.07 -25.02 61.80
C SER B 939 1.70 -24.03 60.71
N LEU B 940 1.27 -24.56 59.56
CA LEU B 940 0.99 -23.73 58.40
C LEU B 940 0.04 -22.61 58.75
N TYR B 941 -1.03 -22.94 59.49
CA TYR B 941 -2.09 -21.97 59.71
C TYR B 941 -1.56 -20.75 60.46
N ALA B 942 -0.56 -20.94 61.32
CA ALA B 942 0.08 -19.80 61.96
C ALA B 942 0.78 -18.93 60.92
N ALA B 943 1.43 -19.54 59.93
CA ALA B 943 2.12 -18.76 58.92
C ALA B 943 1.13 -17.99 58.06
N ILE B 944 0.03 -18.62 57.67
CA ILE B 944 -0.98 -17.91 56.89
C ILE B 944 -1.55 -16.75 57.71
N TRP B 945 -1.83 -16.99 58.99
CA TRP B 945 -2.33 -15.90 59.82
C TRP B 945 -1.30 -14.77 59.91
N LYS B 946 -0.03 -15.13 60.10
CA LYS B 946 1.02 -14.14 60.20
C LYS B 946 1.04 -13.26 58.97
N HIS B 947 1.09 -13.88 57.79
CA HIS B 947 1.14 -13.08 56.57
C HIS B 947 -0.16 -12.30 56.39
N LEU B 948 -1.29 -12.84 56.84
CA LEU B 948 -2.53 -12.09 56.76
C LEU B 948 -2.44 -10.80 57.55
N CYS B 949 -1.85 -10.88 58.75
CA CYS B 949 -1.64 -9.67 59.54
C CYS B 949 -0.67 -8.73 58.84
N ILE B 950 0.43 -9.26 58.34
CA ILE B 950 1.39 -8.41 57.63
C ILE B 950 0.70 -7.66 56.50
N MET B 951 -0.09 -8.39 55.71
CA MET B 951 -0.78 -7.83 54.56
C MET B 951 -1.89 -6.87 54.97
N SER B 952 -2.32 -6.92 56.23
CA SER B 952 -3.21 -5.88 56.71
C SER B 952 -2.51 -4.53 56.88
N VAL B 953 -1.23 -4.44 56.53
CA VAL B 953 -0.53 -3.16 56.45
C VAL B 953 0.16 -2.96 55.11
N ASP B 954 0.10 -3.94 54.21
CA ASP B 954 0.63 -3.83 52.85
C ASP B 954 0.34 -2.44 52.30
N PRO B 955 1.32 -1.77 51.68
CA PRO B 955 1.12 -0.37 51.29
C PRO B 955 0.12 -0.15 50.18
N HIS B 956 -0.16 -1.15 49.35
CA HIS B 956 -1.15 -0.99 48.30
C HIS B 956 -2.55 -0.99 48.92
N PRO B 957 -3.37 0.04 48.69
CA PRO B 957 -4.62 0.13 49.46
C PRO B 957 -5.56 -1.05 49.28
N GLU B 958 -5.69 -1.61 48.08
CA GLU B 958 -6.62 -2.71 47.88
C GLU B 958 -6.17 -3.95 48.64
N VAL B 959 -4.86 -4.23 48.66
CA VAL B 959 -4.34 -5.37 49.40
C VAL B 959 -4.60 -5.19 50.89
N GLN B 960 -4.33 -4.00 51.41
CA GLN B 960 -4.61 -3.72 52.81
C GLN B 960 -6.09 -3.94 53.12
N ARG B 961 -6.98 -3.41 52.28
CA ARG B 961 -8.41 -3.55 52.53
C ARG B 961 -8.81 -5.01 52.61
N ASP B 962 -8.41 -5.81 51.60
CA ASP B 962 -8.81 -7.21 51.59
C ASP B 962 -8.22 -7.95 52.80
N ALA B 963 -6.94 -7.72 53.09
CA ALA B 963 -6.30 -8.45 54.17
C ALA B 963 -6.90 -8.09 55.52
N THR B 964 -7.17 -6.80 55.76
CA THR B 964 -7.82 -6.43 57.01
C THR B 964 -9.17 -7.10 57.10
N THR B 965 -10.02 -6.96 56.08
CA THR B 965 -11.34 -7.56 56.20
C THR B 965 -11.26 -9.04 56.56
N ILE B 966 -10.26 -9.75 56.04
CA ILE B 966 -10.08 -11.15 56.46
C ILE B 966 -9.73 -11.23 57.95
N VAL B 967 -8.74 -10.45 58.38
CA VAL B 967 -8.30 -10.54 59.78
C VAL B 967 -9.43 -10.12 60.73
N ASP B 968 -10.13 -9.04 60.39
CA ASP B 968 -11.23 -8.55 61.20
C ASP B 968 -12.37 -9.56 61.27
N TYR B 969 -12.64 -10.26 60.17
CA TYR B 969 -13.63 -11.33 60.22
C TYR B 969 -13.21 -12.42 61.19
N ILE B 970 -11.95 -12.83 61.14
CA ILE B 970 -11.51 -13.89 62.04
C ILE B 970 -11.58 -13.42 63.49
N HIS B 971 -11.29 -12.14 63.73
CA HIS B 971 -11.39 -11.62 65.10
C HIS B 971 -12.83 -11.58 65.58
N HIS B 972 -13.76 -11.12 64.73
CA HIS B 972 -15.17 -11.09 65.13
C HIS B 972 -15.74 -12.48 65.29
N ALA B 973 -15.13 -13.49 64.69
CA ALA B 973 -15.53 -14.87 64.94
C ALA B 973 -14.85 -15.46 66.17
N LEU B 974 -13.65 -14.97 66.51
CA LEU B 974 -12.98 -15.42 67.72
C LEU B 974 -13.67 -14.85 68.96
N LEU B 975 -14.23 -13.65 68.86
CA LEU B 975 -14.99 -13.11 69.97
C LEU B 975 -16.27 -13.92 70.19
N HIS B 976 -17.00 -14.20 69.11
CA HIS B 976 -18.23 -14.99 69.15
C HIS B 976 -17.97 -16.48 69.29
N SER B 977 -16.71 -16.90 69.31
CA SER B 977 -16.36 -18.30 69.53
C SER B 977 -16.65 -18.72 70.96
N PRO B 978 -16.62 -20.03 71.25
CA PRO B 978 -16.70 -20.47 72.65
C PRO B 978 -15.40 -20.23 73.41
N VAL B 979 -14.87 -19.02 73.28
CA VAL B 979 -13.69 -18.59 74.03
C VAL B 979 -13.89 -17.13 74.43
N GLY B 980 -14.35 -16.91 75.67
CA GLY B 980 -14.44 -15.56 76.19
C GLY B 980 -13.13 -15.02 76.72
N THR B 981 -12.18 -15.91 77.00
CA THR B 981 -10.80 -15.54 77.28
C THR B 981 -10.26 -14.49 76.32
N GLN B 982 -10.65 -14.59 75.05
CA GLN B 982 -10.10 -13.70 74.02
C GLN B 982 -10.46 -12.24 74.28
N ALA B 983 -11.74 -11.94 74.50
CA ALA B 983 -12.10 -10.55 74.77
C ALA B 983 -11.12 -9.99 75.80
N GLN B 984 -10.83 -10.77 76.84
CA GLN B 984 -9.84 -10.37 77.82
C GLN B 984 -8.48 -10.15 77.18
N THR B 985 -7.88 -11.19 76.62
CA THR B 985 -6.52 -11.09 76.09
C THR B 985 -6.36 -9.88 75.17
N LEU B 986 -7.36 -9.64 74.32
CA LEU B 986 -7.36 -8.49 73.42
C LEU B 986 -7.33 -7.18 74.22
N MET B 987 -8.16 -7.08 75.27
CA MET B 987 -8.16 -5.86 76.09
C MET B 987 -6.84 -5.71 76.85
N ASP B 988 -6.34 -6.81 77.41
CA ASP B 988 -4.99 -6.87 77.96
C ASP B 988 -3.99 -6.21 77.02
N GLU B 989 -4.01 -6.62 75.75
CA GLU B 989 -3.05 -6.09 74.78
C GLU B 989 -3.28 -4.61 74.50
N ILE B 990 -4.53 -4.15 74.51
CA ILE B 990 -4.78 -2.73 74.23
C ILE B 990 -4.10 -1.86 75.28
N LEU B 991 -4.23 -2.22 76.56
CA LEU B 991 -3.62 -1.45 77.65
C LEU B 991 -2.87 -2.36 78.60
N TYR B 1090 1.96 15.97 58.63
CA TYR B 1090 1.73 14.63 58.11
C TYR B 1090 0.32 14.48 57.57
N HIS B 1091 0.14 13.55 56.63
CA HIS B 1091 -1.18 13.21 56.09
C HIS B 1091 -1.94 14.49 55.68
N VAL B 1092 -1.24 15.39 55.01
CA VAL B 1092 -1.77 16.73 54.75
C VAL B 1092 -2.55 16.78 53.44
N ALA B 1093 -2.02 16.20 52.39
CA ALA B 1093 -2.61 16.26 51.06
C ALA B 1093 -3.34 14.96 50.75
N PRO B 1094 -4.19 14.94 49.72
CA PRO B 1094 -4.84 13.68 49.35
C PRO B 1094 -3.82 12.65 48.89
N GLU B 1095 -3.95 11.43 49.42
CA GLU B 1095 -3.08 10.35 48.96
C GLU B 1095 -3.72 9.68 47.75
N PRO B 1096 -2.97 9.43 46.68
CA PRO B 1096 -3.57 8.84 45.50
C PRO B 1096 -3.74 7.35 45.66
N LEU B 1097 -4.62 6.81 44.84
CA LEU B 1097 -5.00 5.40 44.93
C LEU B 1097 -4.99 4.80 43.55
N SER B 1098 -4.77 3.48 43.50
CA SER B 1098 -4.80 2.79 42.23
C SER B 1098 -6.20 2.90 41.64
N PRO B 1099 -6.34 2.95 40.32
CA PRO B 1099 -7.64 3.29 39.74
C PRO B 1099 -8.74 2.36 40.25
N GLY B 1100 -9.86 2.96 40.66
CA GLY B 1100 -10.98 2.21 41.21
C GLY B 1100 -10.79 1.85 42.67
N PRO B 1110 -17.76 -8.25 58.52
CA PRO B 1110 -17.64 -8.21 57.05
C PRO B 1110 -17.92 -9.57 56.39
N THR B 1111 -18.75 -9.58 55.35
CA THR B 1111 -18.98 -10.81 54.59
C THR B 1111 -17.69 -11.17 53.87
N LEU B 1112 -17.12 -12.33 54.20
CA LEU B 1112 -15.75 -12.59 53.82
C LEU B 1112 -15.55 -13.00 52.37
N PRO B 1113 -16.14 -14.13 51.91
CA PRO B 1113 -15.65 -14.76 50.67
C PRO B 1113 -15.51 -13.73 49.55
N LEU B 1114 -14.26 -13.50 49.14
CA LEU B 1114 -13.90 -12.28 48.42
C LEU B 1114 -14.02 -12.44 46.91
N VAL B 1115 -14.51 -11.39 46.25
CA VAL B 1115 -14.74 -11.39 44.82
C VAL B 1115 -13.40 -11.21 44.10
N SER B 1116 -13.20 -11.97 43.01
CA SER B 1116 -11.90 -11.99 42.34
C SER B 1116 -11.75 -10.95 41.24
N THR B 1117 -12.65 -10.94 40.26
CA THR B 1117 -12.66 -10.03 39.12
C THR B 1117 -11.47 -10.21 38.18
N PHE B 1118 -10.55 -11.13 38.46
CA PHE B 1118 -9.33 -11.17 37.66
C PHE B 1118 -9.60 -11.72 36.28
N LEU B 1119 -10.54 -12.66 36.16
CA LEU B 1119 -10.95 -13.14 34.85
C LEU B 1119 -11.61 -12.03 34.05
N GLU B 1120 -12.54 -11.30 34.67
CA GLU B 1120 -13.22 -10.25 33.94
C GLU B 1120 -12.24 -9.20 33.46
N TRP B 1121 -11.19 -8.93 34.25
CA TRP B 1121 -10.17 -7.99 33.80
C TRP B 1121 -9.36 -8.60 32.65
N SER B 1122 -8.95 -9.85 32.79
CA SER B 1122 -8.13 -10.47 31.77
C SER B 1122 -8.86 -10.54 30.43
N THR B 1123 -10.19 -10.66 30.45
CA THR B 1123 -10.91 -10.78 29.20
C THR B 1123 -11.07 -9.46 28.47
N GLU B 1124 -10.68 -8.34 29.09
CA GLU B 1124 -10.70 -7.07 28.38
C GLU B 1124 -9.70 -7.06 27.24
N TYR B 1125 -8.54 -7.66 27.44
CA TYR B 1125 -7.49 -7.75 26.42
C TYR B 1125 -8.08 -8.00 25.04
N PHE B 1126 -9.11 -8.83 24.98
CA PHE B 1126 -9.77 -9.18 23.73
C PHE B 1126 -11.00 -8.31 23.45
N ARG B 1127 -11.16 -7.21 24.18
CA ARG B 1127 -12.08 -6.15 23.77
C ARG B 1127 -11.36 -4.89 23.32
N GLU B 1128 -10.11 -4.76 23.66
CA GLU B 1128 -9.21 -3.72 23.19
C GLU B 1128 -8.52 -4.17 21.90
N PRO B 1129 -8.10 -3.23 21.07
CA PRO B 1129 -7.43 -3.62 19.82
C PRO B 1129 -6.19 -4.45 20.08
N GLN B 1130 -5.96 -5.42 19.20
CA GLN B 1130 -4.83 -6.33 19.32
C GLN B 1130 -3.89 -6.29 18.13
N MET B 1131 -4.32 -5.75 17.00
CA MET B 1131 -3.50 -5.69 15.80
C MET B 1131 -2.76 -4.35 15.74
N LYS B 1132 -1.71 -4.32 14.92
CA LYS B 1132 -0.84 -3.15 14.87
C LYS B 1132 -0.97 -2.40 13.55
N ARG B 1151 17.72 8.28 23.06
CA ARG B 1151 17.15 9.62 23.21
C ARG B 1151 17.86 10.43 24.30
N SER B 1152 18.93 9.87 24.87
CA SER B 1152 19.70 10.58 25.90
C SER B 1152 20.89 11.32 25.30
N ARG B 1153 21.53 10.77 24.27
CA ARG B 1153 22.51 11.54 23.51
C ARG B 1153 21.84 12.70 22.79
N ASN B 1154 20.53 12.62 22.57
CA ASN B 1154 19.79 13.76 22.03
C ASN B 1154 20.06 15.03 22.83
N GLU B 1155 20.07 14.93 24.15
CA GLU B 1155 20.34 16.05 25.04
C GLU B 1155 21.79 16.11 25.50
N ALA B 1156 22.48 14.97 25.56
CA ALA B 1156 23.84 14.95 26.10
C ALA B 1156 24.88 15.36 25.06
N VAL B 1157 24.63 15.13 23.77
CA VAL B 1157 25.48 15.74 22.74
C VAL B 1157 25.24 17.23 22.65
N LEU B 1158 24.21 17.74 23.34
CA LEU B 1158 23.95 19.17 23.47
C LEU B 1158 24.52 19.76 24.74
N ARG B 1159 24.63 18.98 25.83
CA ARG B 1159 25.22 19.45 27.08
C ARG B 1159 26.30 18.51 27.62
N GLU B 1160 26.86 17.63 26.79
CA GLU B 1160 28.08 16.90 27.15
C GLU B 1160 29.01 16.96 25.95
N THR B 1161 29.79 18.03 25.88
CA THR B 1161 30.85 18.18 24.91
C THR B 1161 31.96 18.98 25.58
N GLN B 1162 33.20 18.74 25.15
CA GLN B 1162 34.34 19.33 25.86
C GLN B 1162 34.16 20.82 26.11
N PRO B 1163 33.78 21.64 25.12
CA PRO B 1163 33.53 23.06 25.42
C PRO B 1163 32.42 23.26 26.45
N GLN B 1164 31.32 22.50 26.36
CA GLN B 1164 30.24 22.65 27.32
C GLN B 1164 30.68 22.24 28.71
N LYS B 1165 31.55 21.24 28.80
CA LYS B 1165 32.09 20.84 30.10
C LYS B 1165 33.00 21.90 30.68
N LEU B 1166 33.88 22.47 29.86
CA LEU B 1166 34.84 23.43 30.39
C LEU B 1166 34.21 24.77 30.73
N TYR B 1167 33.08 25.11 30.10
CA TYR B 1167 32.34 26.28 30.54
C TYR B 1167 31.92 26.15 32.00
N ALA B 1168 31.28 25.03 32.35
CA ALA B 1168 30.83 24.82 33.73
C ALA B 1168 31.97 24.48 34.67
N ARG B 1169 33.08 23.96 34.14
CA ARG B 1169 34.28 23.71 34.92
C ARG B 1169 35.01 24.99 35.29
N THR B 1170 34.75 26.10 34.58
CA THR B 1170 35.39 27.38 34.88
C THR B 1170 34.45 28.36 35.58
N HIS B 1171 33.23 28.53 35.06
CA HIS B 1171 32.34 29.59 35.48
C HIS B 1171 31.86 29.38 36.92
N ARG B 1172 31.04 30.33 37.39
CA ARG B 1172 30.66 30.47 38.80
C ARG B 1172 29.15 30.38 38.92
N TRP B 1173 28.67 29.42 39.73
CA TRP B 1173 27.24 29.08 39.78
C TRP B 1173 26.51 30.03 40.73
N ASN B 1174 26.34 31.28 40.28
CA ASN B 1174 25.71 32.33 41.08
C ASN B 1174 24.38 32.85 40.52
N ASN B 1175 23.89 32.28 39.43
CA ASN B 1175 22.72 32.85 38.74
C ASN B 1175 21.45 32.20 39.28
N GLN B 1176 20.64 32.95 40.03
CA GLN B 1176 19.39 32.41 40.55
C GLN B 1176 18.38 32.28 39.42
N ILE B 1177 18.33 31.10 38.81
CA ILE B 1177 17.43 30.85 37.70
C ILE B 1177 15.98 30.79 38.18
N GLY B 1178 15.75 30.35 39.42
CA GLY B 1178 14.39 30.23 39.92
C GLY B 1178 14.35 30.10 41.43
N LEU B 1179 13.14 30.25 41.96
CA LEU B 1179 12.85 30.10 43.38
C LEU B 1179 11.43 29.57 43.53
N ILE B 1180 11.29 28.47 44.27
CA ILE B 1180 10.01 27.78 44.41
C ILE B 1180 9.65 27.72 45.89
N ASN B 1181 8.42 28.14 46.21
CA ASN B 1181 7.92 28.12 47.59
C ASN B 1181 7.11 26.83 47.79
N ASN B 1182 7.72 25.86 48.45
CA ASN B 1182 7.12 24.56 48.66
C ASN B 1182 6.12 24.60 49.82
N GLY B 1183 5.45 23.47 50.05
CA GLY B 1183 4.53 23.36 51.16
C GLY B 1183 5.23 23.30 52.50
N THR B 1184 5.91 22.18 52.76
CA THR B 1184 6.75 22.00 53.94
C THR B 1184 8.21 22.03 53.51
N GLN B 1185 9.11 22.07 54.49
CA GLN B 1185 10.53 22.14 54.18
C GLN B 1185 10.95 20.90 53.41
N PRO B 1186 11.63 21.04 52.27
CA PRO B 1186 11.95 19.86 51.46
C PRO B 1186 12.86 18.88 52.17
N SER B 1187 12.51 17.59 52.09
CA SER B 1187 13.43 16.53 52.42
C SER B 1187 14.38 16.25 51.26
N LYS B 1188 13.80 15.93 50.10
CA LYS B 1188 14.57 15.51 48.94
C LYS B 1188 13.94 16.06 47.67
N MET B 1189 14.66 15.99 46.56
CA MET B 1189 14.09 16.40 45.29
C MET B 1189 14.89 15.80 44.15
N THR B 1190 14.26 15.75 42.97
CA THR B 1190 14.89 15.20 41.77
C THR B 1190 14.32 15.86 40.53
N PHE B 1191 15.16 15.93 39.49
CA PHE B 1191 14.87 16.67 38.27
C PHE B 1191 14.63 15.72 37.10
N HIS B 1192 13.58 15.99 36.33
CA HIS B 1192 13.29 15.22 35.12
C HIS B 1192 14.33 15.52 34.05
N GLN B 1193 14.79 14.46 33.36
CA GLN B 1193 15.81 14.63 32.33
C GLN B 1193 15.37 15.60 31.24
N PHE B 1194 14.16 15.42 30.71
CA PHE B 1194 13.70 16.15 29.54
C PHE B 1194 12.59 17.14 29.86
N GLU B 1195 11.50 16.68 30.48
CA GLU B 1195 10.48 17.61 30.91
C GLU B 1195 11.05 18.58 31.94
N ASN B 1196 10.41 19.73 32.06
CA ASN B 1196 10.95 20.82 32.88
C ASN B 1196 10.42 20.79 34.31
N CYS B 1197 10.13 19.61 34.85
CA CYS B 1197 9.51 19.51 36.17
C CYS B 1197 10.48 18.93 37.19
N VAL B 1198 10.16 19.18 38.45
CA VAL B 1198 10.96 18.76 39.59
C VAL B 1198 10.03 18.20 40.65
N ALA B 1199 10.37 17.02 41.17
CA ALA B 1199 9.62 16.38 42.24
C ALA B 1199 10.31 16.66 43.56
N VAL B 1200 9.52 17.02 44.58
CA VAL B 1200 10.04 17.49 45.86
C VAL B 1200 9.33 16.74 46.97
N ALA B 1201 10.07 15.91 47.69
CA ALA B 1201 9.58 15.18 48.84
C ALA B 1201 9.76 16.02 50.10
N ASP B 1202 8.65 16.23 50.82
CA ASP B 1202 8.62 17.00 52.05
C ASP B 1202 9.24 16.22 53.20
N ASP B 1203 9.33 16.90 54.33
CA ASP B 1203 9.37 16.18 55.60
C ASP B 1203 8.07 15.42 55.75
N GLY B 1204 8.15 14.20 56.26
CA GLY B 1204 6.94 13.42 56.35
C GLY B 1204 6.47 12.96 54.97
N ASN B 1205 5.16 12.75 54.87
CA ASN B 1205 4.55 12.08 53.72
C ASN B 1205 3.85 13.12 52.85
N THR B 1206 4.61 13.77 51.98
CA THR B 1206 4.02 14.68 51.00
C THR B 1206 4.98 14.84 49.84
N ILE B 1207 4.43 14.96 48.63
CA ILE B 1207 5.22 15.13 47.42
C ILE B 1207 4.56 16.21 46.58
N THR B 1208 5.38 17.06 45.98
CA THR B 1208 4.91 18.11 45.09
C THR B 1208 5.75 18.15 43.83
N VAL B 1209 5.09 18.27 42.68
CA VAL B 1209 5.77 18.33 41.39
C VAL B 1209 5.50 19.69 40.78
N TRP B 1210 6.56 20.48 40.63
CA TRP B 1210 6.54 21.83 40.06
C TRP B 1210 7.14 21.82 38.66
N ASP B 1211 6.79 22.87 37.89
CA ASP B 1211 7.47 23.18 36.63
C ASP B 1211 8.43 24.34 36.90
N TRP B 1212 9.74 24.05 36.95
CA TRP B 1212 10.70 25.06 37.38
C TRP B 1212 10.88 26.22 36.40
N LYS B 1213 10.36 26.11 35.18
CA LYS B 1213 10.28 27.27 34.29
C LYS B 1213 8.95 28.01 34.38
N THR B 1214 8.01 27.50 35.17
CA THR B 1214 6.72 28.14 35.35
C THR B 1214 6.27 28.17 36.81
N ASN B 1215 7.03 27.53 37.71
CA ASN B 1215 6.63 27.35 39.10
C ASN B 1215 5.14 27.03 39.16
N ALA B 1216 4.80 25.96 38.44
CA ALA B 1216 3.41 25.64 38.13
C ALA B 1216 2.69 24.95 39.28
N ARG B 1217 3.36 24.04 39.98
CA ARG B 1217 2.71 23.08 40.87
C ARG B 1217 1.80 22.15 40.09
N LEU B 1218 2.43 21.34 39.21
CA LEU B 1218 1.66 20.39 38.43
C LEU B 1218 0.89 19.42 39.32
N SER B 1219 1.47 19.02 40.46
CA SER B 1219 0.72 18.10 41.30
C SER B 1219 1.15 18.20 42.75
N ARG B 1220 0.22 17.84 43.64
CA ARG B 1220 0.49 17.67 45.06
C ARG B 1220 -0.24 16.41 45.52
N PHE B 1221 0.52 15.41 45.97
CA PHE B 1221 -0.10 14.19 46.49
C PHE B 1221 0.75 13.69 47.64
N SER B 1222 0.12 12.98 48.58
CA SER B 1222 0.79 12.51 49.79
C SER B 1222 1.26 11.07 49.57
N ASN B 1223 2.52 10.80 49.91
CA ASN B 1223 3.10 9.51 49.61
C ASN B 1223 2.49 8.37 50.42
N GLY B 1224 1.68 8.68 51.44
CA GLY B 1224 1.05 7.66 52.22
C GLY B 1224 1.95 6.96 53.22
N ASN B 1225 3.09 7.55 53.57
CA ASN B 1225 3.92 6.98 54.61
C ASN B 1225 3.17 7.00 55.93
N PRO B 1226 3.42 6.04 56.80
CA PRO B 1226 2.90 6.14 58.17
C PRO B 1226 3.57 7.30 58.89
N GLU B 1227 2.90 7.78 59.93
CA GLU B 1227 3.44 8.88 60.71
C GLU B 1227 4.79 8.48 61.29
N GLY B 1228 5.73 9.43 61.30
CA GLY B 1228 7.09 9.17 61.73
C GLY B 1228 7.93 8.37 60.76
N THR B 1229 7.80 8.64 59.46
CA THR B 1229 8.66 8.01 58.46
C THR B 1229 8.79 8.96 57.27
N LYS B 1230 10.03 9.24 56.86
CA LYS B 1230 10.29 10.21 55.80
C LYS B 1230 10.61 9.49 54.49
N ILE B 1231 10.64 10.27 53.42
CA ILE B 1231 10.89 9.76 52.07
C ILE B 1231 12.39 9.76 51.83
N SER B 1232 12.91 8.62 51.39
CA SER B 1232 14.36 8.41 51.30
C SER B 1232 14.96 8.82 49.97
N ASP B 1233 14.23 8.67 48.87
CA ASP B 1233 14.71 9.14 47.57
C ASP B 1233 13.53 9.25 46.62
N LEU B 1234 13.77 9.88 45.49
CA LEU B 1234 12.83 9.91 44.38
C LEU B 1234 13.57 9.57 43.08
N CYS B 1235 12.93 8.77 42.25
CA CYS B 1235 13.40 8.54 40.90
C CYS B 1235 12.25 8.79 39.94
N PHE B 1236 12.56 9.44 38.83
CA PHE B 1236 11.70 9.38 37.65
C PHE B 1236 12.11 8.14 36.87
N ILE B 1237 11.15 7.34 36.44
CA ILE B 1237 11.50 6.15 35.69
C ILE B 1237 10.87 6.18 34.31
N ASN B 1238 11.53 5.48 33.39
CA ASN B 1238 11.28 5.37 31.98
C ASN B 1238 11.51 6.65 31.20
N GLU B 1239 11.20 7.81 31.78
CA GLU B 1239 11.60 9.12 31.29
C GLU B 1239 11.60 9.36 29.79
N ASP B 1240 11.40 8.33 28.96
CA ASP B 1240 11.47 8.49 27.51
C ASP B 1240 10.13 8.58 26.83
N ASP B 1241 9.16 7.75 27.22
CA ASP B 1241 7.82 7.82 26.64
C ASP B 1241 6.74 8.08 27.68
N GLN B 1242 6.78 7.38 28.81
CA GLN B 1242 5.74 7.53 29.83
C GLN B 1242 6.45 7.54 31.18
N ALA B 1243 6.84 8.74 31.59
CA ALA B 1243 7.57 8.91 32.83
C ALA B 1243 6.68 8.65 34.04
N LEU B 1244 7.24 7.97 35.04
CA LEU B 1244 6.57 7.74 36.30
C LEU B 1244 7.54 8.08 37.42
N LEU B 1245 7.00 8.21 38.63
CA LEU B 1245 7.79 8.66 39.77
C LEU B 1245 7.90 7.53 40.79
N MET B 1246 9.14 7.12 41.11
CA MET B 1246 9.37 6.22 42.24
C MET B 1246 9.55 7.00 43.54
N THR B 1247 9.19 6.35 44.63
CA THR B 1247 9.46 6.85 45.97
C THR B 1247 9.85 5.68 46.85
N GLY B 1248 10.91 5.88 47.63
CA GLY B 1248 11.29 4.96 48.67
C GLY B 1248 10.98 5.56 50.03
N SER B 1249 10.31 4.77 50.85
CA SER B 1249 9.92 5.17 52.18
C SER B 1249 10.80 4.46 53.21
N SER B 1250 11.10 5.15 54.32
CA SER B 1250 12.00 4.58 55.31
C SER B 1250 11.50 3.24 55.84
N ASP B 1251 10.17 3.07 55.94
CA ASP B 1251 9.58 1.84 56.46
C ASP B 1251 9.86 0.64 55.56
N GLY B 1252 10.52 0.85 54.43
CA GLY B 1252 10.87 -0.23 53.52
C GLY B 1252 10.07 -0.28 52.24
N VAL B 1253 9.13 0.62 52.05
CA VAL B 1253 8.15 0.55 50.97
C VAL B 1253 8.68 1.30 49.75
N ILE B 1254 8.47 0.71 48.57
CA ILE B 1254 8.62 1.41 47.30
C ILE B 1254 7.23 1.61 46.69
N ARG B 1255 6.98 2.81 46.17
CA ARG B 1255 5.74 3.13 45.48
C ARG B 1255 6.09 3.81 44.16
N ILE B 1256 5.21 3.72 43.17
CA ILE B 1256 5.42 4.42 41.91
C ILE B 1256 4.10 4.98 41.38
N TYR B 1257 4.16 6.21 40.88
CA TYR B 1257 2.99 6.98 40.48
C TYR B 1257 3.03 7.29 39.00
N ASN B 1258 1.85 7.25 38.37
CA ASN B 1258 1.73 7.21 36.91
C ASN B 1258 1.40 8.55 36.28
N ASN B 1259 0.65 9.41 36.96
CA ASN B 1259 0.32 10.71 36.41
C ASN B 1259 0.79 11.78 37.37
N TYR B 1260 2.10 11.75 37.64
CA TYR B 1260 2.70 12.68 38.58
C TYR B 1260 2.45 14.12 38.18
N ASP B 1261 2.32 14.40 36.88
CA ASP B 1261 2.22 15.76 36.37
C ASP B 1261 0.78 16.28 36.32
N SER B 1262 -0.19 15.52 36.84
CA SER B 1262 -1.57 15.95 36.93
C SER B 1262 -2.08 15.66 38.34
N ASP B 1263 -2.84 16.59 38.90
CA ASP B 1263 -3.33 16.41 40.27
C ASP B 1263 -4.56 15.51 40.32
N GLU B 1264 -5.50 15.66 39.40
CA GLU B 1264 -6.70 14.83 39.43
C GLU B 1264 -6.50 13.49 38.73
N ARG B 1265 -5.50 13.40 37.86
CA ARG B 1265 -5.26 12.19 37.09
C ARG B 1265 -4.16 11.31 37.68
N VAL B 1266 -3.56 11.73 38.80
CA VAL B 1266 -2.46 10.98 39.39
C VAL B 1266 -2.99 9.64 39.93
N GLU B 1267 -2.38 8.54 39.46
CA GLU B 1267 -2.66 7.21 39.97
C GLU B 1267 -1.43 6.67 40.68
N LEU B 1268 -1.64 5.55 41.37
CA LEU B 1268 -0.57 4.74 41.95
C LEU B 1268 -0.51 3.46 41.14
N ALA B 1269 0.59 3.26 40.39
CA ALA B 1269 0.68 2.08 39.55
C ALA B 1269 0.97 0.83 40.35
N SER B 1270 2.05 0.84 41.15
CA SER B 1270 2.35 -0.30 41.99
C SER B 1270 3.04 0.17 43.27
N ALA B 1271 3.07 -0.73 44.25
CA ALA B 1271 3.62 -0.44 45.57
C ALA B 1271 3.86 -1.75 46.30
N TRP B 1272 5.05 -1.91 46.88
CA TRP B 1272 5.37 -3.14 47.58
C TRP B 1272 6.38 -2.87 48.69
N ARG B 1273 6.33 -3.70 49.72
CA ARG B 1273 7.32 -3.65 50.79
C ARG B 1273 8.60 -4.31 50.29
N ALA B 1274 9.63 -3.50 50.03
CA ALA B 1274 10.87 -3.98 49.45
C ALA B 1274 11.85 -4.53 50.48
N LEU B 1275 11.75 -4.12 51.73
CA LEU B 1275 12.62 -4.63 52.78
C LEU B 1275 11.77 -5.30 53.86
N THR B 1276 12.04 -6.58 54.11
CA THR B 1276 11.28 -7.37 55.07
C THR B 1276 12.19 -7.78 56.23
N HIS B 1277 11.92 -7.25 57.41
CA HIS B 1277 12.60 -7.66 58.64
C HIS B 1277 11.51 -7.93 59.68
N MET B 1278 11.89 -8.15 60.94
CA MET B 1278 10.89 -8.34 61.99
C MET B 1278 11.18 -7.43 63.18
N ASN B 1284 10.45 -1.14 60.70
CA ASN B 1284 11.09 0.02 60.08
C ASN B 1284 12.51 0.25 60.56
N SER B 1285 13.45 0.40 59.61
CA SER B 1285 14.78 0.89 59.96
C SER B 1285 15.39 1.83 58.92
N GLY B 1286 14.61 2.33 57.95
CA GLY B 1286 15.17 3.19 56.91
C GLY B 1286 15.79 2.40 55.78
N MET B 1287 15.52 2.80 54.53
CA MET B 1287 16.07 2.13 53.37
C MET B 1287 16.62 3.14 52.37
N VAL B 1288 17.48 2.62 51.49
CA VAL B 1288 17.98 3.36 50.34
C VAL B 1288 17.81 2.45 49.11
N PHE B 1289 17.57 3.07 47.96
CA PHE B 1289 17.31 2.31 46.76
C PHE B 1289 17.83 3.03 45.52
N GLU B 1290 18.41 2.26 44.59
CA GLU B 1290 18.79 2.77 43.28
C GLU B 1290 18.02 2.03 42.19
N TRP B 1291 17.66 2.79 41.15
CA TRP B 1291 16.90 2.30 40.01
C TRP B 1291 17.80 2.16 38.79
N LEU B 1292 17.83 0.96 38.20
CA LEU B 1292 18.50 0.73 36.94
C LEU B 1292 17.44 0.55 35.85
N GLN B 1293 17.41 1.49 34.90
CA GLN B 1293 16.46 1.42 33.80
C GLN B 1293 16.89 0.41 32.75
N VAL B 1294 18.18 0.38 32.43
CA VAL B 1294 18.71 -0.64 31.52
C VAL B 1294 18.29 -2.02 32.02
N ASN B 1295 18.51 -2.27 33.29
CA ASN B 1295 18.37 -3.60 33.87
C ASN B 1295 16.96 -3.88 34.35
N GLY B 1296 16.15 -2.84 34.56
CA GLY B 1296 14.83 -3.04 35.13
C GLY B 1296 14.90 -3.48 36.57
N ARG B 1297 15.74 -2.81 37.36
CA ARG B 1297 16.12 -3.34 38.67
C ARG B 1297 15.99 -2.27 39.73
N VAL B 1298 15.68 -2.73 40.94
CA VAL B 1298 15.62 -1.88 42.13
C VAL B 1298 16.50 -2.53 43.18
N LEU B 1299 17.64 -1.91 43.46
CA LEU B 1299 18.51 -2.35 44.54
C LEU B 1299 18.07 -1.62 45.80
N VAL B 1300 17.73 -2.37 46.85
CA VAL B 1300 17.29 -1.81 48.11
C VAL B 1300 18.15 -2.38 49.21
N ALA B 1301 18.77 -1.51 50.00
CA ALA B 1301 19.49 -1.94 51.20
C ALA B 1301 19.08 -1.07 52.38
N GLY B 1302 19.16 -1.65 53.57
CA GLY B 1302 18.83 -0.93 54.77
C GLY B 1302 19.66 -1.37 55.96
N ASP B 1303 18.98 -1.67 57.05
CA ASP B 1303 19.57 -2.17 58.28
C ASP B 1303 19.58 -3.71 58.33
N GLU B 1304 19.21 -4.37 57.25
CA GLU B 1304 18.99 -5.81 57.24
C GLU B 1304 20.22 -6.64 56.90
N ARG B 1305 21.38 -6.02 56.70
CA ARG B 1305 22.61 -6.70 56.30
C ARG B 1305 22.46 -7.43 54.96
N VAL B 1306 21.41 -7.13 54.21
CA VAL B 1306 21.16 -7.72 52.91
C VAL B 1306 20.85 -6.60 51.92
N ILE B 1307 21.39 -6.72 50.71
CA ILE B 1307 21.01 -5.89 49.58
C ILE B 1307 20.09 -6.71 48.69
N ARG B 1308 18.81 -6.37 48.69
CA ARG B 1308 17.85 -7.07 47.87
C ARG B 1308 17.82 -6.45 46.47
N ILE B 1309 17.56 -7.28 45.47
CA ILE B 1309 17.45 -6.85 44.09
C ILE B 1309 16.10 -7.30 43.57
N TRP B 1310 15.24 -6.33 43.26
CA TRP B 1310 13.91 -6.55 42.72
C TRP B 1310 13.91 -6.32 41.21
N SER B 1311 13.20 -7.18 40.47
CA SER B 1311 13.06 -7.04 39.02
C SER B 1311 11.73 -6.38 38.73
N ALA B 1312 11.76 -5.11 38.33
CA ALA B 1312 10.54 -4.46 37.88
C ALA B 1312 9.90 -5.20 36.71
N GLY B 1313 10.68 -6.02 36.00
CA GLY B 1313 10.10 -6.85 34.96
C GLY B 1313 9.12 -7.86 35.52
N GLN B 1314 9.54 -8.61 36.54
CA GLN B 1314 8.73 -9.67 37.13
C GLN B 1314 8.04 -9.24 38.42
N GLU B 1315 8.51 -8.16 39.06
CA GLU B 1315 8.07 -7.77 40.39
C GLU B 1315 8.19 -8.94 41.37
N ILE B 1316 9.33 -9.64 41.35
CA ILE B 1316 9.47 -10.75 42.30
C ILE B 1316 10.82 -10.95 42.99
N CYS B 1317 11.65 -9.91 43.12
CA CYS B 1317 12.89 -9.98 43.90
C CYS B 1317 13.83 -11.08 43.41
N THR B 1318 14.43 -10.81 42.25
CA THR B 1318 15.33 -11.77 41.62
C THR B 1318 16.46 -12.21 42.54
N HIS B 1319 17.19 -11.27 43.16
CA HIS B 1319 18.41 -11.64 43.87
C HIS B 1319 18.47 -11.10 45.31
N GLU B 1320 19.38 -11.69 46.09
CA GLU B 1320 19.62 -11.27 47.47
C GLU B 1320 21.10 -11.41 47.81
N ILE B 1321 21.83 -10.29 47.79
CA ILE B 1321 23.26 -10.26 48.06
C ILE B 1321 23.49 -9.98 49.54
N PRO B 1322 24.45 -10.63 50.20
CA PRO B 1322 24.78 -10.24 51.57
C PRO B 1322 25.87 -9.18 51.64
N ALA B 1323 25.55 -8.02 52.21
CA ALA B 1323 26.58 -7.06 52.61
C ALA B 1323 27.23 -7.54 53.90
N ARG B 1324 28.55 -7.52 53.96
CA ARG B 1324 29.25 -8.15 55.07
C ARG B 1324 29.13 -7.35 56.35
N SER B 1325 29.19 -6.01 56.25
CA SER B 1325 29.30 -5.19 57.45
C SER B 1325 28.13 -5.42 58.38
N GLY B 1326 28.42 -5.50 59.68
CA GLY B 1326 27.38 -5.39 60.68
C GLY B 1326 26.77 -4.01 60.77
N SER B 1327 27.50 -2.99 60.30
CA SER B 1327 26.95 -1.66 60.18
C SER B 1327 26.01 -1.59 58.97
N CYS B 1328 25.25 -0.50 58.90
CA CYS B 1328 24.17 -0.38 57.93
C CYS B 1328 24.70 0.14 56.59
N VAL B 1329 23.84 0.03 55.58
CA VAL B 1329 24.09 0.62 54.27
C VAL B 1329 23.41 1.99 54.24
N THR B 1330 24.18 3.01 53.85
CA THR B 1330 23.72 4.40 53.91
C THR B 1330 23.35 4.98 52.56
N SER B 1331 23.91 4.46 51.48
CA SER B 1331 23.55 4.88 50.14
C SER B 1331 24.06 3.85 49.14
N LEU B 1332 23.54 3.91 47.92
CA LEU B 1332 24.01 3.05 46.84
C LEU B 1332 24.13 3.84 45.55
N THR B 1333 25.03 3.39 44.70
CA THR B 1333 25.01 3.75 43.28
C THR B 1333 25.51 2.56 42.47
N SER B 1334 25.35 2.65 41.15
CA SER B 1334 25.84 1.61 40.25
C SER B 1334 26.00 2.24 38.88
N ASP B 1335 26.65 1.50 37.98
CA ASP B 1335 26.79 1.97 36.62
C ASP B 1335 25.46 1.80 35.90
N GLN B 1336 24.91 2.90 35.39
CA GLN B 1336 23.58 2.89 34.78
C GLN B 1336 23.59 2.33 33.36
N MET B 1337 24.69 1.79 32.88
CA MET B 1337 24.75 1.35 31.48
C MET B 1337 25.02 -0.13 31.33
N THR B 1338 25.94 -0.71 32.09
CA THR B 1338 26.00 -2.17 32.16
C THR B 1338 24.93 -2.73 33.07
N GLY B 1339 24.56 -1.98 34.12
CA GLY B 1339 23.55 -2.43 35.06
C GLY B 1339 23.98 -3.54 35.99
N ASN B 1340 25.27 -3.82 36.08
CA ASN B 1340 25.74 -5.07 36.69
C ASN B 1340 26.42 -4.86 38.03
N ILE B 1341 27.38 -3.94 38.15
CA ILE B 1341 28.16 -3.78 39.36
C ILE B 1341 27.71 -2.51 40.08
N PHE B 1342 27.53 -2.62 41.39
CA PHE B 1342 27.02 -1.51 42.19
C PHE B 1342 27.90 -1.28 43.41
N VAL B 1343 27.73 -0.12 44.02
CA VAL B 1343 28.56 0.32 45.15
C VAL B 1343 27.66 0.78 46.28
N ALA B 1344 27.98 0.36 47.49
CA ALA B 1344 27.22 0.76 48.68
C ALA B 1344 28.17 1.39 49.69
N GLY B 1345 27.80 2.55 50.19
CA GLY B 1345 28.47 3.12 51.33
C GLY B 1345 27.84 2.65 52.63
N PHE B 1346 28.62 2.65 53.71
CA PHE B 1346 28.17 2.09 54.97
C PHE B 1346 28.35 3.10 56.10
N GLY B 1347 27.67 2.84 57.22
CA GLY B 1347 27.70 3.73 58.36
C GLY B 1347 29.00 3.72 59.13
N ASP B 1348 29.76 2.63 59.03
CA ASP B 1348 31.07 2.53 59.69
C ASP B 1348 32.19 3.09 58.82
N GLY B 1349 31.86 3.79 57.73
CA GLY B 1349 32.84 4.38 56.85
C GLY B 1349 33.22 3.53 55.66
N ALA B 1350 32.89 2.23 55.68
CA ALA B 1350 33.28 1.32 54.61
C ALA B 1350 32.56 1.64 53.32
N ILE B 1351 33.17 1.23 52.21
CA ILE B 1351 32.59 1.32 50.88
C ILE B 1351 32.81 -0.01 50.19
N ARG B 1352 31.76 -0.58 49.60
CA ARG B 1352 31.85 -1.93 49.05
C ARG B 1352 31.31 -1.97 47.63
N VAL B 1353 32.11 -2.54 46.74
CA VAL B 1353 31.74 -2.74 45.34
C VAL B 1353 31.38 -4.20 45.15
N PHE B 1354 30.20 -4.44 44.61
CA PHE B 1354 29.63 -5.76 44.37
C PHE B 1354 29.37 -5.94 42.88
N ASP B 1355 29.41 -7.19 42.42
CA ASP B 1355 28.99 -7.56 41.07
C ASP B 1355 27.75 -8.44 41.17
N SER B 1356 26.66 -7.99 40.52
CA SER B 1356 25.41 -8.72 40.57
C SER B 1356 25.54 -10.11 39.94
N ARG B 1357 26.41 -10.26 38.95
CA ARG B 1357 26.48 -11.48 38.16
C ARG B 1357 26.92 -12.69 38.98
N LEU B 1358 27.65 -12.46 40.07
CA LEU B 1358 28.35 -13.52 40.78
C LEU B 1358 27.43 -14.25 41.76
N ARG B 1359 28.00 -15.24 42.45
CA ARG B 1359 27.33 -15.84 43.58
C ARG B 1359 27.06 -14.75 44.63
N PRO B 1360 25.98 -14.87 45.41
CA PRO B 1360 25.86 -13.99 46.58
C PRO B 1360 27.02 -14.12 47.54
N HIS B 1361 27.53 -15.33 47.74
CA HIS B 1361 28.64 -15.53 48.66
C HIS B 1361 29.96 -15.01 48.12
N GLU B 1362 30.02 -14.63 46.85
CA GLU B 1362 31.21 -14.03 46.25
C GLU B 1362 30.95 -12.70 45.58
N ALA B 1363 29.79 -12.09 45.80
CA ALA B 1363 29.51 -10.81 45.14
C ALA B 1363 30.38 -9.69 45.66
N MET B 1364 30.72 -9.72 46.95
CA MET B 1364 31.72 -8.81 47.48
C MET B 1364 32.97 -8.84 46.61
N VAL B 1365 33.29 -7.70 46.03
CA VAL B 1365 34.42 -7.57 45.11
C VAL B 1365 35.50 -6.67 45.69
N ARG B 1366 35.11 -5.51 46.21
CA ARG B 1366 36.09 -4.58 46.76
C ARG B 1366 35.61 -3.95 48.06
N LYS B 1367 36.40 -4.11 49.12
CA LYS B 1367 36.21 -3.39 50.37
C LYS B 1367 37.21 -2.24 50.49
N TRP B 1368 36.69 -1.03 50.71
CA TRP B 1368 37.44 0.11 51.16
C TRP B 1368 36.95 0.44 52.57
N LYS B 1369 37.81 1.02 53.39
CA LYS B 1369 37.45 1.28 54.79
C LYS B 1369 38.01 2.63 55.20
N ASP B 1370 37.11 3.60 55.43
CA ASP B 1370 37.48 4.91 55.94
C ASP B 1370 38.21 4.78 57.27
N ASP B 1371 39.44 5.27 57.31
CA ASP B 1371 40.10 5.46 58.60
C ASP B 1371 39.30 6.47 59.41
N ALA B 1372 39.27 6.26 60.72
CA ALA B 1372 38.48 7.02 61.68
C ALA B 1372 37.03 6.57 61.69
N ARG B 1373 36.61 5.68 60.79
CA ARG B 1373 35.30 5.04 60.82
C ARG B 1373 34.15 6.04 60.87
N GLN B 1374 34.11 6.94 59.89
CA GLN B 1374 33.07 7.97 59.86
C GLN B 1374 32.12 7.76 58.69
N TRP B 1375 30.83 7.94 59.01
CA TRP B 1375 29.69 7.74 58.14
C TRP B 1375 29.90 8.23 56.72
N VAL B 1376 29.39 7.46 55.76
CA VAL B 1376 29.38 7.82 54.34
C VAL B 1376 28.03 8.45 54.02
N ARG B 1377 28.00 9.77 53.86
CA ARG B 1377 26.75 10.46 53.52
C ARG B 1377 26.18 9.92 52.21
N SER B 1378 27.01 9.87 51.18
CA SER B 1378 26.57 9.47 49.85
C SER B 1378 27.72 8.80 49.12
N VAL B 1379 27.37 8.06 48.08
CA VAL B 1379 28.35 7.51 47.15
C VAL B 1379 27.70 7.49 45.77
N HIS B 1380 28.28 8.23 44.83
CA HIS B 1380 27.72 8.40 43.50
C HIS B 1380 28.72 7.96 42.45
N MET B 1381 28.25 7.21 41.47
CA MET B 1381 29.04 6.85 40.29
C MET B 1381 28.36 7.51 39.09
N GLN B 1382 28.85 8.70 38.72
CA GLN B 1382 28.25 9.45 37.62
C GLN B 1382 28.66 8.84 36.29
N ARG B 1383 28.04 7.71 35.95
CA ARG B 1383 28.25 7.31 34.56
C ARG B 1383 27.28 8.09 33.67
N GLY B 1384 27.64 8.15 32.40
CA GLY B 1384 27.11 9.10 31.46
C GLY B 1384 28.10 10.23 31.23
N GLY B 1385 28.67 10.78 32.30
CA GLY B 1385 29.76 11.73 32.16
C GLY B 1385 31.12 11.07 32.00
N GLN B 1386 31.58 10.40 33.05
CA GLN B 1386 32.83 9.66 33.06
C GLN B 1386 32.74 8.62 34.17
N ARG B 1387 33.62 7.62 34.11
CA ARG B 1387 33.64 6.59 35.15
C ARG B 1387 34.26 7.19 36.41
N GLU B 1388 33.45 7.94 37.15
CA GLU B 1388 33.92 8.67 38.32
C GLU B 1388 33.05 8.26 39.50
N LEU B 1389 33.69 7.67 40.51
CA LEU B 1389 33.02 7.24 41.72
C LEU B 1389 33.46 8.15 42.84
N LEU B 1390 32.50 8.86 43.44
CA LEU B 1390 32.75 9.89 44.43
C LEU B 1390 32.00 9.53 45.70
N SER B 1391 32.67 9.65 46.83
CA SER B 1391 32.07 9.34 48.12
C SER B 1391 32.38 10.46 49.09
N ALA B 1392 31.32 11.14 49.53
CA ALA B 1392 31.42 12.14 50.59
C ALA B 1392 31.22 11.47 51.94
N SER B 1393 31.92 12.00 52.94
CA SER B 1393 31.85 11.48 54.30
C SER B 1393 31.11 12.47 55.20
N ARG B 1394 30.60 11.95 56.32
CA ARG B 1394 29.94 12.80 57.29
C ARG B 1394 30.84 13.97 57.67
N ASN B 1395 32.11 13.68 57.94
CA ASN B 1395 33.05 14.74 58.33
C ASN B 1395 33.35 15.68 57.18
N GLY B 1396 33.49 15.14 55.97
CA GLY B 1396 33.74 16.00 54.82
C GLY B 1396 34.70 15.46 53.77
N LYS B 1397 35.43 14.39 54.09
CA LYS B 1397 36.36 13.81 53.12
C LYS B 1397 35.60 13.38 51.87
N ILE B 1398 36.10 13.79 50.70
CA ILE B 1398 35.44 13.52 49.44
C ILE B 1398 36.44 12.75 48.57
N SER B 1399 36.33 11.42 48.60
CA SER B 1399 37.28 10.57 47.89
C SER B 1399 36.75 10.19 46.51
N LEU B 1400 37.66 10.14 45.54
CA LEU B 1400 37.35 9.69 44.19
C LEU B 1400 38.12 8.40 43.92
N TRP B 1401 37.40 7.32 43.65
CA TRP B 1401 38.00 5.99 43.56
C TRP B 1401 38.04 5.49 42.12
N ASP B 1402 39.00 4.62 41.85
CA ASP B 1402 38.92 3.70 40.72
C ASP B 1402 38.59 2.32 41.25
N ILE B 1403 37.64 1.65 40.60
CA ILE B 1403 37.12 0.38 41.11
C ILE B 1403 38.20 -0.68 41.13
N ARG B 1404 39.21 -0.55 40.26
CA ARG B 1404 40.27 -1.56 40.18
C ARG B 1404 41.30 -1.40 41.30
N MET B 1405 41.89 -0.21 41.40
CA MET B 1405 43.10 -0.04 42.19
C MET B 1405 42.79 0.19 43.68
N ASP B 1406 43.83 0.02 44.50
CA ASP B 1406 43.67 -0.05 45.96
C ASP B 1406 43.40 1.29 46.61
N GLN B 1407 43.94 2.37 46.07
CA GLN B 1407 43.86 3.67 46.72
C GLN B 1407 42.90 4.60 45.99
N PRO B 1408 42.35 5.60 46.69
CA PRO B 1408 41.50 6.59 46.00
C PRO B 1408 42.34 7.51 45.13
N LEU B 1409 41.95 7.63 43.86
CA LEU B 1409 42.62 8.53 42.93
C LEU B 1409 42.94 9.87 43.59
N LYS B 1410 41.93 10.51 44.15
CA LYS B 1410 42.09 11.81 44.79
C LYS B 1410 41.29 11.78 46.08
N THR B 1411 41.59 12.73 46.97
CA THR B 1411 40.88 12.83 48.23
C THR B 1411 41.16 14.19 48.85
N PHE B 1412 40.10 14.91 49.21
CA PHE B 1412 40.25 16.25 49.75
C PHE B 1412 39.02 16.63 50.56
N GLN B 1413 39.24 17.54 51.51
CA GLN B 1413 38.16 18.09 52.33
C GLN B 1413 37.32 19.07 51.53
N SER B 1414 36.03 19.13 51.88
CA SER B 1414 35.08 20.06 51.26
C SER B 1414 34.58 21.13 52.22
N THR B 1415 34.33 20.77 53.48
CA THR B 1415 34.04 21.75 54.51
C THR B 1415 34.55 21.23 55.85
N LYS B 1416 34.99 22.16 56.70
CA LYS B 1416 35.40 21.78 58.04
C LYS B 1416 34.22 21.29 58.86
N GLU B 1417 33.06 21.92 58.70
CA GLU B 1417 31.86 21.58 59.46
C GLU B 1417 31.21 20.32 58.88
N ILE B 1418 30.10 19.90 59.51
CA ILE B 1418 29.47 18.64 59.16
C ILE B 1418 28.85 18.73 57.77
N LEU B 1419 29.04 17.66 56.98
CA LEU B 1419 28.51 17.59 55.62
C LEU B 1419 27.13 16.94 55.67
N ARG B 1420 26.10 17.72 55.34
CA ARG B 1420 24.74 17.20 55.27
C ARG B 1420 24.44 16.56 53.93
N THR B 1421 24.83 17.22 52.84
CA THR B 1421 24.47 16.80 51.49
C THR B 1421 25.71 16.71 50.61
N ALA B 1422 25.58 15.92 49.53
CA ALA B 1422 26.65 15.81 48.55
C ALA B 1422 26.03 15.37 47.23
N SER B 1423 25.87 16.31 46.30
CA SER B 1423 25.41 16.00 44.97
C SER B 1423 26.57 15.78 44.01
N THR B 1424 26.29 15.11 42.90
CA THR B 1424 27.22 14.98 41.80
C THR B 1424 26.46 15.12 40.50
N HIS B 1425 27.01 15.88 39.57
CA HIS B 1425 26.38 16.03 38.27
C HIS B 1425 26.72 14.85 37.37
N GLU B 1426 25.76 14.46 36.54
CA GLU B 1426 25.86 13.19 35.84
C GLU B 1426 26.77 13.25 34.63
N HIS B 1427 26.77 14.38 33.91
CA HIS B 1427 27.58 14.54 32.72
C HIS B 1427 28.67 15.59 32.92
N LEU B 1428 28.29 16.81 33.30
CA LEU B 1428 29.29 17.83 33.60
C LEU B 1428 30.20 17.33 34.73
N PRO B 1429 31.52 17.62 34.67
CA PRO B 1429 32.41 17.23 35.79
C PRO B 1429 32.45 18.27 36.91
N VAL B 1430 31.37 18.31 37.69
CA VAL B 1430 31.21 19.24 38.79
C VAL B 1430 30.41 18.55 39.88
N PHE B 1431 30.70 18.85 41.14
CA PHE B 1431 29.90 18.32 42.24
C PHE B 1431 29.68 19.42 43.26
N ALA B 1432 28.81 19.16 44.22
CA ALA B 1432 28.45 20.14 45.24
C ALA B 1432 28.32 19.45 46.58
N VAL B 1433 28.42 20.23 47.65
CA VAL B 1433 28.21 19.73 49.00
C VAL B 1433 27.44 20.76 49.80
N GLY B 1434 26.50 20.28 50.62
CA GLY B 1434 25.82 21.12 51.58
C GLY B 1434 26.45 20.99 52.96
N THR B 1435 26.76 22.12 53.56
CA THR B 1435 27.42 22.15 54.85
C THR B 1435 26.41 22.38 55.97
N SER B 1436 26.86 22.18 57.21
CA SER B 1436 25.97 22.26 58.35
C SER B 1436 25.50 23.67 58.63
N ALA B 1437 26.24 24.69 58.20
CA ALA B 1437 25.86 26.09 58.39
C ALA B 1437 25.48 26.69 57.04
N HIS B 1438 24.24 26.46 56.64
CA HIS B 1438 23.54 27.27 55.64
C HIS B 1438 24.44 27.68 54.48
N MET B 1439 25.14 26.71 53.89
CA MET B 1439 26.01 27.01 52.75
C MET B 1439 26.23 25.77 51.90
N VAL B 1440 26.28 25.97 50.57
CA VAL B 1440 26.58 24.92 49.61
C VAL B 1440 27.79 25.35 48.78
N LYS B 1441 28.79 24.47 48.70
CA LYS B 1441 30.03 24.73 47.99
C LYS B 1441 30.10 23.82 46.76
N VAL B 1442 30.37 24.40 45.58
CA VAL B 1442 30.33 23.68 44.31
C VAL B 1442 31.76 23.47 43.81
N PHE B 1443 32.28 22.26 43.94
CA PHE B 1443 33.66 21.97 43.62
C PHE B 1443 33.80 21.40 42.22
N ASP B 1444 35.02 21.49 41.70
CA ASP B 1444 35.47 20.76 40.53
C ASP B 1444 36.13 19.46 41.01
N PHE B 1445 36.23 18.51 40.09
CA PHE B 1445 36.78 17.20 40.44
C PHE B 1445 38.28 17.32 40.66
N ASP B 1446 38.71 17.07 41.89
CA ASP B 1446 40.10 17.25 42.31
C ASP B 1446 40.49 18.72 42.32
N GLY B 1447 39.51 19.63 42.24
CA GLY B 1447 39.79 21.05 42.23
C GLY B 1447 39.12 21.85 43.32
N ASN B 1448 39.15 23.16 43.13
CA ASN B 1448 38.81 24.15 44.15
C ASN B 1448 37.33 24.52 44.03
N GLU B 1449 36.93 25.64 44.65
CA GLU B 1449 35.53 25.85 45.04
C GLU B 1449 34.61 26.25 43.90
N LEU B 1450 35.07 27.02 42.92
CA LEU B 1450 34.26 27.44 41.78
C LEU B 1450 33.01 28.24 42.13
N THR B 1451 32.59 28.21 43.41
CA THR B 1451 31.63 29.15 43.99
C THR B 1451 31.32 28.70 45.41
N ARG B 1452 30.85 29.62 46.23
CA ARG B 1452 30.25 29.29 47.52
C ARG B 1452 28.97 30.08 47.65
N LEU B 1453 27.98 29.50 48.31
CA LEU B 1453 26.62 29.99 48.16
C LEU B 1453 25.85 29.85 49.46
N GLU B 1454 24.89 30.75 49.66
CA GLU B 1454 24.03 30.75 50.84
C GLU B 1454 22.60 30.97 50.39
N PRO B 1455 21.76 29.93 50.37
CA PRO B 1455 20.39 30.11 49.88
C PRO B 1455 19.47 30.69 50.95
N TYR B 1456 18.69 31.70 50.56
CA TYR B 1456 17.68 32.34 51.38
C TYR B 1456 17.46 31.77 52.78
N SER B 1466 19.36 26.25 60.22
CA SER B 1466 20.67 26.61 59.69
C SER B 1466 21.14 25.65 58.59
N PRO B 1467 21.24 24.35 58.91
CA PRO B 1467 21.88 23.42 57.96
C PRO B 1467 20.99 23.19 56.74
N ILE B 1468 21.62 23.07 55.58
CA ILE B 1468 20.85 22.90 54.35
C ILE B 1468 20.41 21.45 54.24
N ALA B 1469 19.14 21.25 53.88
CA ALA B 1469 18.54 19.92 53.89
C ALA B 1469 18.76 19.15 52.59
N THR B 1470 18.81 19.80 51.43
CA THR B 1470 19.03 19.02 50.22
C THR B 1470 19.68 19.84 49.12
N THR B 1471 20.34 19.10 48.21
CA THR B 1471 21.14 19.59 47.11
C THR B 1471 20.90 18.66 45.94
N ALA B 1472 20.57 19.20 44.77
CA ALA B 1472 20.11 18.37 43.66
C ALA B 1472 20.53 18.95 42.33
N PHE B 1473 21.36 18.23 41.59
CA PHE B 1473 21.69 18.63 40.23
C PHE B 1473 20.64 18.16 39.24
N HIS B 1474 20.42 18.97 38.20
CA HIS B 1474 19.73 18.50 37.01
C HIS B 1474 20.66 17.58 36.23
N PRO B 1475 20.13 16.55 35.57
CA PRO B 1475 21.03 15.58 34.91
C PRO B 1475 21.73 16.10 33.67
N HIS B 1476 21.09 16.95 32.87
CA HIS B 1476 21.72 17.49 31.67
C HIS B 1476 21.98 18.99 31.79
N ARG B 1477 20.96 19.79 32.08
CA ARG B 1477 21.10 21.23 32.20
C ARG B 1477 22.18 21.58 33.22
N MET B 1478 22.71 22.80 33.14
CA MET B 1478 23.66 23.30 34.14
C MET B 1478 22.89 23.98 35.28
N ILE B 1479 22.22 23.15 36.08
CA ILE B 1479 21.39 23.66 37.15
C ILE B 1479 21.70 22.92 38.44
N LEU B 1480 21.50 23.62 39.56
CA LEU B 1480 21.69 23.07 40.89
C LEU B 1480 20.59 23.61 41.79
N GLY B 1481 19.96 22.76 42.57
CA GLY B 1481 18.86 23.14 43.44
C GLY B 1481 19.27 22.96 44.89
N CYS B 1482 18.79 23.89 45.72
CA CYS B 1482 19.17 23.96 47.13
C CYS B 1482 17.92 24.14 47.98
N ALA B 1483 17.92 23.52 49.15
CA ALA B 1483 16.88 23.80 50.13
C ALA B 1483 17.49 23.70 51.53
N SER B 1484 17.29 24.76 52.31
CA SER B 1484 17.73 24.80 53.70
C SER B 1484 16.63 24.27 54.61
N ARG B 1485 16.98 24.02 55.87
CA ARG B 1485 16.05 23.37 56.79
C ARG B 1485 14.92 24.31 57.19
N GLY B 1486 15.24 25.42 57.85
CA GLY B 1486 14.20 26.29 58.39
C GLY B 1486 13.22 26.77 57.34
N ASP B 1487 13.74 27.21 56.20
CA ASP B 1487 12.88 27.69 55.12
C ASP B 1487 12.37 26.52 54.28
N ASN B 1488 11.29 26.78 53.55
CA ASN B 1488 10.80 25.82 52.56
C ASN B 1488 10.86 26.47 51.19
N TYR B 1489 11.97 27.11 50.89
CA TYR B 1489 12.23 27.70 49.59
C TYR B 1489 13.21 26.82 48.84
N ILE B 1490 12.85 26.44 47.61
CA ILE B 1490 13.73 25.68 46.74
C ILE B 1490 14.38 26.66 45.78
N SER B 1491 15.69 26.86 45.94
CA SER B 1491 16.45 27.77 45.11
C SER B 1491 17.07 27.02 43.95
N LEU B 1492 17.11 27.65 42.78
CA LEU B 1492 17.67 27.05 41.58
C LEU B 1492 18.75 27.97 41.04
N TYR B 1493 19.91 27.41 40.74
CA TYR B 1493 21.09 28.18 40.34
C TYR B 1493 21.68 27.61 39.05
N SER B 1494 22.35 28.49 38.31
CA SER B 1494 23.06 28.10 37.11
C SER B 1494 24.29 28.99 36.97
N CYS B 1495 25.13 28.67 35.98
CA CYS B 1495 26.39 29.37 35.81
C CYS B 1495 26.20 30.80 35.33
N SER B 1496 26.97 31.71 35.94
CA SER B 1496 27.15 33.07 35.48
C SER B 1496 28.59 33.24 34.97
N ASN B 1497 28.97 34.48 34.64
CA ASN B 1497 30.27 34.75 34.01
C ASN B 1497 31.28 35.27 35.05
N GLU B 1498 31.90 34.34 35.79
CA GLU B 1498 32.96 34.67 36.73
C GLU B 1498 33.90 33.47 36.90
N ARG B 1499 35.16 33.73 37.26
CA ARG B 1499 36.09 32.67 37.60
C ARG B 1499 37.19 33.23 38.50
N VAL B 1500 38.13 32.36 38.88
CA VAL B 1500 39.41 32.76 39.47
C VAL B 1500 40.50 31.86 38.90
N PRO B 1501 41.76 32.34 38.91
CA PRO B 1501 42.84 31.54 38.32
C PRO B 1501 42.93 30.12 38.88
#